data_7DKC
#
_entry.id   7DKC
#
_cell.length_a   67.850
_cell.length_b   74.320
_cell.length_c   153.320
_cell.angle_alpha   90.000
_cell.angle_beta   94.150
_cell.angle_gamma   90.000
#
_symmetry.space_group_name_H-M   'P 1 21 1'
#
loop_
_entity.id
_entity.type
_entity.pdbx_description
1 polymer Dipeptidyl-peptidase
2 non-polymer TYROSINE
3 non-polymer GLYCEROL
4 water water
#
_entity_poly.entity_id   1
_entity_poly.type   'polypeptide(L)'
_entity_poly.pdbx_seq_one_letter_code
;MRSNLLAFSIVASLGLAQVAHAAEGMWVPQQLPEIAGPLQKAGLKLSPEQLANLTGDPMGAVVALGGCTASFVSPQGLVV
TNHHCAYGAIQLNSTAQKNLIKDGFNAPTLKDELSAGPNARVFVLDQITDVTAQAKAAIAGAGNDPLARSRALDAFDKAQ
VAACEADAGFRCRLYSFSGGNTYRLFRNMEIKDVRLVYAPPGSVGKFGGDVDNWMWPRHTGDFSFYRAYVGKDGKPAAFA
ADNVPYQPKHFLKFADQPLGADDFVMVAGYPGRTNRYALAGEFNETASFTYPTIAKHYNAVLKMIADAGKADADVKVKYA
ATAASMNNVAKNYLGQLEGFKRIDAAGQKQAEEAAVLAWLKKQGAAGKPALAAHAQLLKHLDTSKSTRERDLFVGQFNNT
SAVGAAITLYRLSIERSKPDAEREAGYQERDLTTIEGGLKQMDRRYVAKMDQQLQTYWLDQYVALPAAQRDNEVLNKWLA
GSDAAAVKSLVNKLGGTELGSLDTRLKWFKADRAAFEASNDPAIQYAVAVMPALLKQEEQKKIREGESLTARPLYLQAVA
DYKKSQGEFVYPDANLSLRITFGNVMGYGKDGVKYTPFTTLEGVAAKETGEDPFDSPKALLDAVKAKRYGGLEDKRLGSV
PVNFLSNLDITGGNSGSPVLDANGKLVGLAFDGNWESVSSNWVFDPVMTRMIAVDSRYMQWIMQEVAPAPQLLKELNLAK
;
_entity_poly.pdbx_strand_id   A,B
#
loop_
_chem_comp.id
_chem_comp.type
_chem_comp.name
_chem_comp.formula
GOL non-polymer GLYCEROL 'C3 H8 O3'
#
# COMPACT_ATOMS: atom_id res chain seq x y z
N ALA A 23 5.28 -15.46 -23.04
CA ALA A 23 5.42 -14.90 -24.43
C ALA A 23 4.27 -13.91 -24.63
N GLU A 24 4.55 -12.73 -25.19
CA GLU A 24 3.46 -11.84 -25.63
C GLU A 24 2.53 -12.61 -26.58
N GLY A 25 1.26 -12.29 -26.54
CA GLY A 25 0.35 -12.64 -27.65
C GLY A 25 -0.85 -13.47 -27.24
N MET A 26 -2.00 -13.12 -27.83
CA MET A 26 -3.27 -13.82 -27.62
C MET A 26 -3.56 -14.46 -28.95
N TRP A 27 -2.86 -15.58 -29.18
CA TRP A 27 -2.77 -16.15 -30.54
C TRP A 27 -4.11 -16.83 -30.87
N VAL A 28 -4.66 -16.59 -32.06
CA VAL A 28 -5.85 -17.38 -32.48
C VAL A 28 -5.37 -18.77 -32.86
N PRO A 29 -6.24 -19.81 -32.82
CA PRO A 29 -5.82 -21.17 -33.13
C PRO A 29 -5.21 -21.28 -34.53
N GLN A 30 -5.65 -20.42 -35.43
CA GLN A 30 -5.19 -20.40 -36.84
C GLN A 30 -3.72 -19.94 -36.90
N GLN A 31 -3.18 -19.33 -35.85
CA GLN A 31 -1.75 -18.94 -35.78
C GLN A 31 -0.91 -20.04 -35.12
N LEU A 32 -1.47 -21.20 -34.88
CA LEU A 32 -0.68 -22.31 -34.27
C LEU A 32 0.59 -22.55 -35.08
N PRO A 33 0.56 -22.56 -36.44
CA PRO A 33 1.80 -22.76 -37.22
C PRO A 33 2.93 -21.76 -36.90
N GLU A 34 2.59 -20.51 -36.59
CA GLU A 34 3.60 -19.48 -36.27
C GLU A 34 4.12 -19.62 -34.81
N ILE A 35 3.38 -20.26 -33.89
CA ILE A 35 3.86 -20.42 -32.48
C ILE A 35 4.27 -21.86 -32.19
N ALA A 36 4.18 -22.76 -33.17
CA ALA A 36 4.53 -24.19 -32.95
C ALA A 36 5.98 -24.29 -32.48
N GLY A 37 6.88 -23.56 -33.13
CA GLY A 37 8.32 -23.57 -32.80
C GLY A 37 8.56 -22.98 -31.41
N PRO A 38 8.11 -21.74 -31.17
CA PRO A 38 8.21 -21.14 -29.84
C PRO A 38 7.63 -22.03 -28.72
N LEU A 39 6.49 -22.65 -28.96
CA LEU A 39 5.82 -23.54 -27.98
C LEU A 39 6.80 -24.65 -27.61
N GLN A 40 7.33 -25.34 -28.61
CA GLN A 40 8.27 -26.48 -28.39
C GLN A 40 9.49 -25.95 -27.63
N LYS A 41 10.04 -24.83 -28.07
CA LYS A 41 11.25 -24.21 -27.46
C LYS A 41 11.03 -23.91 -25.97
N ALA A 42 9.82 -23.42 -25.64
CA ALA A 42 9.44 -23.05 -24.27
C ALA A 42 9.23 -24.30 -23.42
N GLY A 43 9.00 -25.47 -24.03
CA GLY A 43 8.95 -26.75 -23.30
C GLY A 43 7.67 -27.54 -23.52
N LEU A 44 6.81 -27.17 -24.48
CA LEU A 44 5.62 -27.99 -24.84
C LEU A 44 6.05 -29.38 -25.27
N LYS A 45 5.52 -30.42 -24.63
CA LYS A 45 5.86 -31.83 -25.04
C LYS A 45 4.77 -32.46 -25.92
N LEU A 46 3.56 -31.91 -25.97
CA LEU A 46 2.52 -32.29 -26.96
C LEU A 46 2.97 -31.78 -28.31
N SER A 47 2.59 -32.47 -29.38
CA SER A 47 2.79 -31.95 -30.76
C SER A 47 1.87 -30.74 -30.90
N PRO A 48 2.38 -29.56 -31.32
CA PRO A 48 1.50 -28.44 -31.67
C PRO A 48 0.31 -28.86 -32.55
N GLU A 49 0.48 -29.92 -33.33
CA GLU A 49 -0.61 -30.61 -34.09
C GLU A 49 -1.75 -31.03 -33.16
N GLN A 50 -1.41 -31.54 -31.97
CA GLN A 50 -2.43 -32.02 -31.02
C GLN A 50 -3.27 -30.81 -30.53
N LEU A 51 -2.67 -29.63 -30.38
CA LEU A 51 -3.38 -28.39 -29.97
C LEU A 51 -4.26 -27.90 -31.09
N ALA A 52 -3.96 -28.22 -32.34
CA ALA A 52 -4.73 -27.68 -33.49
C ALA A 52 -6.11 -28.36 -33.56
N ASN A 53 -6.27 -29.56 -32.99
CA ASN A 53 -7.60 -30.19 -32.90
C ASN A 53 -8.41 -29.51 -31.77
N LEU A 54 -9.30 -28.60 -32.12
CA LEU A 54 -9.93 -27.73 -31.10
C LEU A 54 -11.10 -28.45 -30.39
N THR A 55 -11.55 -29.59 -30.90
CA THR A 55 -12.59 -30.43 -30.30
C THR A 55 -11.95 -31.72 -29.78
N GLY A 56 -10.62 -31.73 -29.75
CA GLY A 56 -9.82 -32.90 -29.37
C GLY A 56 -9.28 -32.83 -27.94
N ASP A 57 -8.38 -33.73 -27.61
CA ASP A 57 -7.73 -33.74 -26.29
C ASP A 57 -6.43 -32.97 -26.40
N PRO A 58 -6.13 -31.92 -25.59
CA PRO A 58 -7.00 -31.40 -24.51
C PRO A 58 -7.89 -30.19 -24.82
N MET A 59 -7.79 -29.61 -26.02
CA MET A 59 -8.43 -28.30 -26.31
C MET A 59 -9.97 -28.38 -26.23
N GLY A 60 -10.53 -29.55 -26.53
CA GLY A 60 -11.98 -29.81 -26.50
C GLY A 60 -12.57 -29.74 -25.09
N ALA A 61 -11.71 -29.79 -24.08
CA ALA A 61 -12.10 -29.74 -22.65
C ALA A 61 -12.31 -28.29 -22.23
N VAL A 62 -11.71 -27.34 -22.98
CA VAL A 62 -11.81 -25.89 -22.64
C VAL A 62 -13.19 -25.38 -23.08
N VAL A 63 -13.87 -24.64 -22.22
CA VAL A 63 -15.21 -24.12 -22.55
C VAL A 63 -15.30 -22.64 -22.24
N ALA A 64 -16.24 -21.97 -22.88
CA ALA A 64 -16.57 -20.56 -22.60
C ALA A 64 -17.75 -20.53 -21.62
N LEU A 65 -17.75 -19.59 -20.69
CA LEU A 65 -18.88 -19.40 -19.77
C LEU A 65 -19.69 -18.15 -20.19
N GLY A 66 -19.13 -17.32 -21.07
CA GLY A 66 -19.63 -15.96 -21.38
C GLY A 66 -19.05 -14.98 -20.40
N GLY A 67 -17.86 -14.44 -20.66
CA GLY A 67 -17.22 -13.48 -19.73
C GLY A 67 -16.14 -14.16 -18.91
N CYS A 68 -16.16 -15.50 -18.81
CA CYS A 68 -15.16 -16.30 -18.08
C CYS A 68 -14.87 -17.55 -18.92
N THR A 69 -13.81 -18.23 -18.56
CA THR A 69 -13.40 -19.50 -19.16
C THR A 69 -13.61 -20.60 -18.11
N ALA A 70 -13.68 -21.84 -18.55
CA ALA A 70 -13.74 -23.00 -17.64
C ALA A 70 -13.20 -24.20 -18.38
N SER A 71 -13.28 -25.37 -17.77
CA SER A 71 -12.89 -26.62 -18.45
C SER A 71 -13.60 -27.78 -17.80
N PHE A 72 -13.83 -28.81 -18.59
CA PHE A 72 -14.31 -30.12 -18.11
C PHE A 72 -13.17 -30.84 -17.43
N VAL A 73 -13.45 -31.35 -16.23
CA VAL A 73 -12.47 -32.12 -15.45
C VAL A 73 -13.02 -33.49 -15.02
N SER A 74 -14.16 -33.91 -15.55
CA SER A 74 -14.63 -35.31 -15.37
C SER A 74 -15.52 -35.69 -16.53
N PRO A 75 -15.64 -37.00 -16.77
CA PRO A 75 -16.55 -37.52 -17.79
C PRO A 75 -18.03 -37.36 -17.48
N GLN A 76 -18.35 -36.95 -16.25
CA GLN A 76 -19.74 -36.71 -15.79
C GLN A 76 -20.02 -35.22 -15.80
N GLY A 77 -19.27 -34.45 -16.57
CA GLY A 77 -19.58 -33.03 -16.88
C GLY A 77 -19.22 -32.07 -15.78
N LEU A 78 -18.32 -32.45 -14.87
CA LEU A 78 -17.77 -31.54 -13.85
C LEU A 78 -16.92 -30.46 -14.54
N VAL A 79 -17.15 -29.20 -14.17
CA VAL A 79 -16.50 -28.03 -14.78
C VAL A 79 -15.78 -27.26 -13.70
N VAL A 80 -14.54 -26.86 -13.96
CA VAL A 80 -13.79 -26.06 -12.96
C VAL A 80 -13.54 -24.68 -13.51
N THR A 81 -13.72 -23.67 -12.66
CA THR A 81 -13.49 -22.25 -13.00
C THR A 81 -13.04 -21.52 -11.72
N ASN A 82 -12.94 -20.19 -11.78
CA ASN A 82 -12.59 -19.37 -10.61
C ASN A 82 -13.83 -19.27 -9.71
N HIS A 83 -13.60 -19.06 -8.43
CA HIS A 83 -14.62 -18.60 -7.46
C HIS A 83 -15.27 -17.29 -7.97
N HIS A 84 -14.48 -16.30 -8.39
CA HIS A 84 -15.05 -15.02 -8.86
C HIS A 84 -15.88 -15.20 -10.14
N CYS A 85 -15.65 -16.24 -10.94
CA CYS A 85 -16.47 -16.61 -12.12
C CYS A 85 -17.77 -17.28 -11.71
N ALA A 86 -17.78 -18.05 -10.62
CA ALA A 86 -18.96 -18.77 -10.09
C ALA A 86 -19.71 -17.83 -9.14
N TYR A 87 -19.07 -16.72 -8.78
CA TYR A 87 -19.61 -15.74 -7.81
C TYR A 87 -21.07 -15.41 -8.07
N GLY A 88 -21.42 -15.05 -9.30
CA GLY A 88 -22.79 -14.68 -9.66
C GLY A 88 -23.74 -15.83 -9.30
N ALA A 89 -23.40 -17.06 -9.63
CA ALA A 89 -24.20 -18.27 -9.30
C ALA A 89 -24.28 -18.48 -7.80
N ILE A 90 -23.17 -18.28 -7.09
CA ILE A 90 -23.12 -18.47 -5.62
C ILE A 90 -24.06 -17.42 -5.01
N GLN A 91 -23.97 -16.20 -5.51
CA GLN A 91 -24.77 -15.05 -5.03
C GLN A 91 -26.25 -15.31 -5.27
N LEU A 92 -26.63 -15.83 -6.44
CA LEU A 92 -28.06 -16.11 -6.75
C LEU A 92 -28.62 -17.12 -5.75
N ASN A 93 -27.77 -18.00 -5.22
CA ASN A 93 -28.21 -19.07 -4.29
C ASN A 93 -27.93 -18.67 -2.84
N SER A 94 -27.59 -17.41 -2.60
CA SER A 94 -27.25 -16.94 -1.24
C SER A 94 -28.45 -16.15 -0.70
N THR A 95 -28.64 -16.23 0.60
CA THR A 95 -29.53 -15.33 1.38
C THR A 95 -28.76 -14.74 2.57
N ALA A 96 -29.33 -13.72 3.17
CA ALA A 96 -28.71 -13.12 4.36
C ALA A 96 -28.50 -14.19 5.44
N GLN A 97 -29.39 -15.19 5.56
CA GLN A 97 -29.33 -16.21 6.63
C GLN A 97 -28.39 -17.34 6.21
N LYS A 98 -28.40 -17.71 4.93
CA LYS A 98 -27.59 -18.83 4.35
C LYS A 98 -26.73 -18.25 3.24
N ASN A 99 -25.63 -17.64 3.64
CA ASN A 99 -24.77 -16.83 2.78
C ASN A 99 -23.69 -17.75 2.23
N LEU A 100 -23.89 -18.31 1.04
CA LEU A 100 -22.91 -19.22 0.40
C LEU A 100 -21.67 -18.44 -0.02
N ILE A 101 -21.78 -17.15 -0.26
CA ILE A 101 -20.57 -16.35 -0.58
C ILE A 101 -19.61 -16.47 0.60
N LYS A 102 -20.11 -16.26 1.82
CA LYS A 102 -19.28 -16.39 3.03
C LYS A 102 -18.94 -17.86 3.31
N ASP A 103 -19.92 -18.77 3.28
CA ASP A 103 -19.80 -20.11 3.88
C ASP A 103 -19.18 -21.09 2.91
N GLY A 104 -19.26 -20.82 1.62
CA GLY A 104 -18.99 -21.86 0.63
C GLY A 104 -20.17 -22.78 0.47
N PHE A 105 -19.97 -23.84 -0.28
CA PHE A 105 -21.04 -24.81 -0.65
C PHE A 105 -20.39 -26.08 -1.14
N ASN A 106 -21.00 -27.22 -0.84
CA ASN A 106 -20.58 -28.53 -1.37
C ASN A 106 -21.86 -29.35 -1.60
N ALA A 107 -21.91 -30.02 -2.72
CA ALA A 107 -23.04 -30.90 -3.12
C ALA A 107 -22.52 -32.32 -3.05
N PRO A 108 -22.77 -33.08 -1.96
CA PRO A 108 -22.29 -34.46 -1.87
C PRO A 108 -22.82 -35.41 -2.96
N THR A 109 -24.02 -35.15 -3.49
CA THR A 109 -24.62 -35.97 -4.54
C THR A 109 -25.17 -35.07 -5.64
N LEU A 110 -25.53 -35.67 -6.77
CA LEU A 110 -25.99 -34.87 -7.95
C LEU A 110 -27.19 -34.03 -7.49
N LYS A 111 -28.10 -34.62 -6.72
CA LYS A 111 -29.40 -33.97 -6.40
C LYS A 111 -29.17 -32.81 -5.41
N ASP A 112 -27.98 -32.69 -4.83
CA ASP A 112 -27.65 -31.55 -3.95
C ASP A 112 -27.20 -30.33 -4.76
N GLU A 113 -26.89 -30.50 -6.04
CA GLU A 113 -26.30 -29.40 -6.84
C GLU A 113 -27.38 -28.31 -7.06
N LEU A 114 -26.96 -27.05 -7.05
CA LEU A 114 -27.94 -25.94 -7.13
C LEU A 114 -27.87 -25.35 -8.53
N SER A 115 -29.02 -25.03 -9.10
CA SER A 115 -29.02 -24.31 -10.40
C SER A 115 -28.15 -23.06 -10.23
N ALA A 116 -27.28 -22.81 -11.19
CA ALA A 116 -26.45 -21.58 -11.26
C ALA A 116 -27.29 -20.39 -11.80
N GLY A 117 -28.56 -20.63 -12.16
CA GLY A 117 -29.46 -19.55 -12.62
C GLY A 117 -29.78 -19.73 -14.09
N PRO A 118 -30.90 -19.13 -14.56
CA PRO A 118 -31.40 -19.39 -15.90
C PRO A 118 -30.41 -18.90 -16.97
N ASN A 119 -29.57 -17.90 -16.67
CA ASN A 119 -28.67 -17.34 -17.74
C ASN A 119 -27.29 -17.97 -17.68
N ALA A 120 -27.06 -18.93 -16.79
CA ALA A 120 -25.76 -19.61 -16.74
C ALA A 120 -25.63 -20.45 -18.01
N ARG A 121 -24.44 -20.46 -18.56
CA ARG A 121 -24.15 -21.24 -19.80
C ARG A 121 -22.82 -21.97 -19.73
N VAL A 122 -22.73 -23.09 -20.46
CA VAL A 122 -21.44 -23.71 -20.79
C VAL A 122 -21.40 -23.88 -22.31
N PHE A 123 -20.45 -23.23 -22.91
CA PHE A 123 -20.25 -23.24 -24.38
C PHE A 123 -19.17 -24.23 -24.75
N VAL A 124 -19.54 -25.26 -25.48
CA VAL A 124 -18.62 -26.33 -25.95
C VAL A 124 -18.38 -26.11 -27.43
N LEU A 125 -17.13 -25.82 -27.79
CA LEU A 125 -16.76 -25.47 -29.19
C LEU A 125 -17.02 -26.66 -30.11
N ASP A 126 -17.72 -26.40 -31.22
CA ASP A 126 -18.06 -27.45 -32.20
C ASP A 126 -17.32 -27.14 -33.50
N GLN A 127 -17.31 -25.89 -33.96
CA GLN A 127 -16.72 -25.55 -35.28
C GLN A 127 -16.35 -24.08 -35.32
N ILE A 128 -15.33 -23.80 -36.13
CA ILE A 128 -14.95 -22.43 -36.53
C ILE A 128 -14.89 -22.44 -38.05
N THR A 129 -15.50 -21.44 -38.65
CA THR A 129 -15.50 -21.28 -40.10
C THR A 129 -14.99 -19.87 -40.38
N ASP A 130 -14.09 -19.77 -41.32
CA ASP A 130 -13.66 -18.45 -41.85
C ASP A 130 -14.72 -17.96 -42.83
N VAL A 131 -15.35 -16.80 -42.60
CA VAL A 131 -16.35 -16.26 -43.56
C VAL A 131 -15.94 -14.85 -43.97
N THR A 132 -14.64 -14.57 -43.93
CA THR A 132 -14.09 -13.22 -44.22
C THR A 132 -14.55 -12.76 -45.61
N ALA A 133 -14.33 -13.55 -46.65
CA ALA A 133 -14.68 -13.10 -48.03
C ALA A 133 -16.19 -12.79 -48.11
N GLN A 134 -17.04 -13.64 -47.55
CA GLN A 134 -18.51 -13.40 -47.66
C GLN A 134 -18.91 -12.17 -46.86
N ALA A 135 -18.26 -11.89 -45.72
CA ALA A 135 -18.60 -10.73 -44.86
C ALA A 135 -18.15 -9.46 -45.59
N LYS A 136 -16.94 -9.50 -46.18
CA LYS A 136 -16.46 -8.32 -46.93
C LYS A 136 -17.34 -8.04 -48.14
N ALA A 137 -17.83 -9.07 -48.85
CA ALA A 137 -18.75 -8.90 -50.01
C ALA A 137 -20.07 -8.30 -49.53
N ALA A 138 -20.56 -8.70 -48.35
CA ALA A 138 -21.82 -8.18 -47.79
C ALA A 138 -21.66 -6.69 -47.57
N ILE A 139 -20.54 -6.30 -46.96
CA ILE A 139 -20.20 -4.90 -46.67
C ILE A 139 -20.03 -4.12 -47.99
N ALA A 140 -19.23 -4.63 -48.92
CA ALA A 140 -18.99 -3.95 -50.23
C ALA A 140 -20.33 -3.72 -50.94
N GLY A 141 -21.26 -4.66 -50.84
CA GLY A 141 -22.58 -4.62 -51.49
C GLY A 141 -23.34 -3.35 -51.14
N ALA A 142 -23.06 -2.71 -50.01
CA ALA A 142 -23.81 -1.52 -49.55
C ALA A 142 -23.27 -0.23 -50.17
N GLY A 143 -22.21 -0.30 -50.98
CA GLY A 143 -21.66 0.89 -51.65
C GLY A 143 -21.26 1.93 -50.62
N ASN A 144 -21.55 3.21 -50.86
CA ASN A 144 -20.99 4.31 -50.04
C ASN A 144 -22.00 4.78 -48.98
N ASP A 145 -23.02 3.97 -48.67
CA ASP A 145 -24.09 4.35 -47.70
C ASP A 145 -23.80 3.69 -46.34
N PRO A 146 -23.42 4.45 -45.29
CA PRO A 146 -22.96 3.84 -44.04
C PRO A 146 -24.07 3.12 -43.26
N LEU A 147 -25.30 3.61 -43.29
CA LEU A 147 -26.41 2.89 -42.59
C LEU A 147 -26.63 1.56 -43.32
N ALA A 148 -26.56 1.54 -44.66
CA ALA A 148 -26.77 0.31 -45.45
C ALA A 148 -25.63 -0.67 -45.17
N ARG A 149 -24.43 -0.13 -44.94
CA ARG A 149 -23.23 -0.92 -44.61
C ARG A 149 -23.43 -1.62 -43.26
N SER A 150 -23.89 -0.89 -42.25
CA SER A 150 -24.17 -1.43 -40.90
C SER A 150 -25.26 -2.51 -41.02
N ARG A 151 -26.34 -2.20 -41.71
CA ARG A 151 -27.46 -3.15 -41.89
C ARG A 151 -27.01 -4.38 -42.65
N ALA A 152 -26.12 -4.23 -43.63
CA ALA A 152 -25.65 -5.37 -44.46
C ALA A 152 -24.86 -6.34 -43.59
N LEU A 153 -23.95 -5.83 -42.76
CA LEU A 153 -23.16 -6.71 -41.88
C LEU A 153 -24.09 -7.38 -40.86
N ASP A 154 -25.04 -6.62 -40.31
CA ASP A 154 -26.05 -7.11 -39.35
C ASP A 154 -26.84 -8.25 -39.99
N ALA A 155 -27.33 -8.07 -41.23
CA ALA A 155 -28.10 -9.11 -41.96
C ALA A 155 -27.21 -10.33 -42.21
N PHE A 156 -25.94 -10.11 -42.56
CA PHE A 156 -24.98 -11.20 -42.84
C PHE A 156 -24.76 -11.99 -41.53
N ASP A 157 -24.53 -11.28 -40.45
CA ASP A 157 -24.31 -11.89 -39.10
C ASP A 157 -25.51 -12.78 -38.78
N LYS A 158 -26.68 -12.19 -38.78
CA LYS A 158 -27.96 -12.89 -38.56
C LYS A 158 -28.11 -14.12 -39.46
N ALA A 159 -27.82 -14.02 -40.76
CA ALA A 159 -28.06 -15.16 -41.69
C ALA A 159 -27.07 -16.29 -41.38
N GLN A 160 -25.79 -15.97 -41.13
CA GLN A 160 -24.74 -16.95 -40.79
C GLN A 160 -25.17 -17.72 -39.54
N VAL A 161 -25.61 -16.95 -38.55
CA VAL A 161 -25.96 -17.48 -37.20
C VAL A 161 -27.22 -18.36 -37.40
N ALA A 162 -28.24 -17.89 -38.13
CA ALA A 162 -29.51 -18.65 -38.27
C ALA A 162 -29.19 -20.00 -38.89
N ALA A 163 -28.34 -20.08 -39.93
CA ALA A 163 -28.08 -21.36 -40.62
C ALA A 163 -27.33 -22.28 -39.65
N CYS A 164 -26.40 -21.69 -38.93
CA CYS A 164 -25.49 -22.44 -38.03
C CYS A 164 -26.28 -22.94 -36.81
N GLU A 165 -27.37 -22.28 -36.45
CA GLU A 165 -28.20 -22.63 -35.27
C GLU A 165 -29.41 -23.51 -35.65
N ALA A 166 -29.56 -23.90 -36.91
CA ALA A 166 -30.74 -24.68 -37.35
C ALA A 166 -30.81 -26.00 -36.57
N ASP A 167 -29.70 -26.65 -36.26
CA ASP A 167 -29.75 -27.87 -35.42
C ASP A 167 -29.92 -27.44 -33.96
N ALA A 168 -30.88 -28.05 -33.27
CA ALA A 168 -31.19 -27.76 -31.86
C ALA A 168 -29.91 -27.94 -31.01
N GLY A 169 -29.72 -27.00 -30.08
CA GLY A 169 -28.72 -27.07 -29.00
C GLY A 169 -27.46 -26.32 -29.34
N PHE A 170 -27.35 -25.78 -30.54
CA PHE A 170 -26.17 -24.99 -30.94
C PHE A 170 -26.49 -23.51 -30.89
N ARG A 171 -25.47 -22.76 -30.51
CA ARG A 171 -25.52 -21.28 -30.59
C ARG A 171 -24.26 -20.78 -31.26
N CYS A 172 -24.44 -19.89 -32.23
CA CYS A 172 -23.35 -19.43 -33.11
C CYS A 172 -23.04 -17.99 -32.83
N ARG A 173 -21.83 -17.60 -33.12
CA ARG A 173 -21.43 -16.20 -32.90
C ARG A 173 -20.47 -15.82 -34.03
N LEU A 174 -20.71 -14.66 -34.63
CA LEU A 174 -19.78 -14.14 -35.64
C LEU A 174 -18.79 -13.21 -34.93
N TYR A 175 -17.51 -13.43 -35.20
CA TYR A 175 -16.42 -12.60 -34.68
C TYR A 175 -15.73 -11.84 -35.78
N SER A 176 -15.48 -10.57 -35.49
CA SER A 176 -14.67 -9.66 -36.32
C SER A 176 -13.28 -9.60 -35.70
N PHE A 177 -12.26 -9.94 -36.46
CA PHE A 177 -10.85 -9.82 -36.00
C PHE A 177 -10.15 -8.66 -36.67
N SER A 178 -9.14 -8.12 -35.97
CA SER A 178 -8.11 -7.26 -36.60
C SER A 178 -8.78 -6.09 -37.32
N GLY A 179 -9.72 -5.45 -36.65
CA GLY A 179 -10.44 -4.26 -37.14
C GLY A 179 -11.38 -4.56 -38.31
N GLY A 180 -11.78 -5.81 -38.49
CA GLY A 180 -12.66 -6.21 -39.59
C GLY A 180 -11.87 -6.74 -40.77
N ASN A 181 -10.60 -7.14 -40.60
CA ASN A 181 -9.81 -7.75 -41.69
C ASN A 181 -10.12 -9.24 -41.82
N THR A 182 -10.65 -9.86 -40.77
CA THR A 182 -11.03 -11.29 -40.74
C THR A 182 -12.33 -11.44 -39.99
N TYR A 183 -13.17 -12.34 -40.46
CA TYR A 183 -14.43 -12.73 -39.79
C TYR A 183 -14.43 -14.24 -39.69
N ARG A 184 -14.72 -14.76 -38.50
CA ARG A 184 -14.91 -16.21 -38.30
C ARG A 184 -16.22 -16.44 -37.57
N LEU A 185 -16.91 -17.48 -38.00
CA LEU A 185 -18.14 -17.92 -37.33
C LEU A 185 -17.84 -19.08 -36.39
N PHE A 186 -18.18 -18.94 -35.13
CA PHE A 186 -18.00 -20.05 -34.15
C PHE A 186 -19.35 -20.72 -33.92
N ARG A 187 -19.34 -22.04 -33.88
CA ARG A 187 -20.52 -22.84 -33.51
C ARG A 187 -20.22 -23.54 -32.19
N ASN A 188 -21.11 -23.38 -31.19
CA ASN A 188 -20.96 -24.02 -29.85
C ASN A 188 -22.20 -24.86 -29.52
N MET A 189 -22.00 -25.99 -28.88
CA MET A 189 -23.11 -26.60 -28.11
C MET A 189 -23.35 -25.69 -26.90
N GLU A 190 -24.56 -25.20 -26.76
CA GLU A 190 -24.95 -24.21 -25.71
C GLU A 190 -25.66 -24.95 -24.58
N ILE A 191 -24.91 -25.34 -23.56
CA ILE A 191 -25.50 -26.03 -22.41
C ILE A 191 -26.13 -24.95 -21.55
N LYS A 192 -27.38 -25.14 -21.18
CA LYS A 192 -28.18 -24.13 -20.44
C LYS A 192 -28.62 -24.58 -19.05
N ASP A 193 -28.23 -25.77 -18.58
CA ASP A 193 -28.52 -26.22 -17.21
C ASP A 193 -27.17 -26.40 -16.56
N VAL A 194 -26.73 -25.36 -15.87
CA VAL A 194 -25.43 -25.35 -15.18
C VAL A 194 -25.71 -25.36 -13.68
N ARG A 195 -25.06 -26.25 -12.93
CA ARG A 195 -25.30 -26.33 -11.48
C ARG A 195 -23.99 -26.17 -10.69
N LEU A 196 -24.11 -25.55 -9.52
CA LEU A 196 -23.03 -25.33 -8.56
C LEU A 196 -22.79 -26.63 -7.79
N VAL A 197 -21.53 -27.07 -7.78
CA VAL A 197 -21.15 -28.33 -7.12
C VAL A 197 -20.38 -27.97 -5.88
N TYR A 198 -19.49 -26.98 -5.97
CA TYR A 198 -18.52 -26.75 -4.90
C TYR A 198 -17.98 -25.34 -4.99
N ALA A 199 -18.09 -24.62 -3.88
CA ALA A 199 -17.36 -23.35 -3.71
C ALA A 199 -16.66 -23.43 -2.36
N PRO A 200 -15.39 -23.01 -2.27
CA PRO A 200 -14.79 -22.82 -0.96
C PRO A 200 -15.42 -21.61 -0.30
N PRO A 201 -15.26 -21.46 1.02
CA PRO A 201 -15.66 -20.25 1.72
C PRO A 201 -15.07 -19.05 0.98
N GLY A 202 -15.77 -17.93 1.02
CA GLY A 202 -15.28 -16.67 0.44
C GLY A 202 -13.92 -16.26 0.97
N SER A 203 -13.59 -16.56 2.21
CA SER A 203 -12.27 -16.17 2.78
C SER A 203 -11.14 -17.01 2.13
N VAL A 204 -11.48 -18.07 1.40
CA VAL A 204 -10.50 -18.81 0.57
C VAL A 204 -10.64 -18.32 -0.88
N GLY A 205 -11.86 -18.41 -1.42
CA GLY A 205 -12.15 -18.05 -2.81
C GLY A 205 -11.69 -16.65 -3.15
N LYS A 206 -11.77 -15.75 -2.18
CA LYS A 206 -11.49 -14.31 -2.43
C LYS A 206 -10.57 -13.80 -1.30
N PHE A 207 -9.71 -14.66 -0.77
CA PHE A 207 -8.78 -14.24 0.33
C PHE A 207 -8.08 -12.96 -0.08
N GLY A 208 -8.11 -11.97 0.80
CA GLY A 208 -7.50 -10.65 0.58
C GLY A 208 -8.42 -9.69 -0.12
N GLY A 209 -9.58 -10.14 -0.65
CA GLY A 209 -10.61 -9.22 -1.13
C GLY A 209 -10.11 -8.17 -2.09
N ASP A 210 -10.61 -6.97 -1.95
CA ASP A 210 -10.24 -5.79 -2.77
C ASP A 210 -8.83 -5.29 -2.41
N VAL A 211 -8.26 -5.69 -1.28
CA VAL A 211 -6.88 -5.25 -0.90
C VAL A 211 -5.88 -5.96 -1.83
N ASP A 212 -6.00 -7.27 -1.99
CA ASP A 212 -5.02 -8.09 -2.77
C ASP A 212 -5.44 -8.17 -4.24
N ASN A 213 -6.63 -7.71 -4.60
CA ASN A 213 -7.11 -7.74 -6.00
C ASN A 213 -6.08 -7.01 -6.87
N TRP A 214 -5.70 -7.61 -8.00
CA TRP A 214 -4.72 -7.04 -8.94
C TRP A 214 -3.33 -7.00 -8.30
N MET A 215 -3.05 -7.84 -7.29
CA MET A 215 -1.75 -7.78 -6.58
C MET A 215 -1.07 -9.15 -6.50
N TRP A 216 0.26 -9.09 -6.46
CA TRP A 216 1.21 -10.14 -6.06
C TRP A 216 2.09 -9.52 -4.98
N PRO A 217 2.49 -10.23 -3.92
CA PRO A 217 2.11 -11.62 -3.68
C PRO A 217 0.63 -11.85 -3.46
N ARG A 218 0.19 -13.01 -3.92
CA ARG A 218 -1.22 -13.40 -3.86
C ARG A 218 -1.35 -14.76 -3.18
N HIS A 219 -2.45 -14.89 -2.44
CA HIS A 219 -2.75 -16.07 -1.59
C HIS A 219 -4.20 -16.48 -1.69
N THR A 220 -4.77 -16.42 -2.89
CA THR A 220 -6.23 -16.59 -3.11
C THR A 220 -6.55 -17.93 -3.75
N GLY A 221 -7.35 -18.70 -3.07
CA GLY A 221 -7.89 -19.97 -3.55
C GLY A 221 -9.04 -19.77 -4.51
N ASP A 222 -8.74 -19.22 -5.70
CA ASP A 222 -9.81 -18.75 -6.62
C ASP A 222 -10.27 -19.88 -7.54
N PHE A 223 -11.08 -20.78 -7.01
CA PHE A 223 -11.65 -21.91 -7.76
C PHE A 223 -13.03 -22.24 -7.23
N SER A 224 -13.77 -22.96 -8.06
CA SER A 224 -15.13 -23.45 -7.79
C SER A 224 -15.49 -24.45 -8.87
N PHE A 225 -16.53 -25.23 -8.63
CA PHE A 225 -16.93 -26.27 -9.61
C PHE A 225 -18.41 -26.17 -9.92
N TYR A 226 -18.68 -26.31 -11.21
CA TYR A 226 -20.04 -26.51 -11.76
C TYR A 226 -20.19 -27.95 -12.23
N ARG A 227 -21.41 -28.32 -12.57
CA ARG A 227 -21.64 -29.49 -13.43
C ARG A 227 -22.60 -29.10 -14.55
N ALA A 228 -22.30 -29.52 -15.75
CA ALA A 228 -23.16 -29.29 -16.92
C ALA A 228 -24.21 -30.38 -16.98
N TYR A 229 -25.43 -30.03 -17.32
CA TYR A 229 -26.57 -30.95 -17.50
C TYR A 229 -27.21 -30.72 -18.86
N VAL A 230 -27.89 -31.77 -19.34
CA VAL A 230 -28.69 -31.73 -20.57
C VAL A 230 -30.01 -32.45 -20.31
N GLY A 231 -30.95 -32.32 -21.26
CA GLY A 231 -32.21 -33.06 -21.17
C GLY A 231 -31.94 -34.56 -21.24
N LYS A 232 -32.93 -35.33 -20.85
CA LYS A 232 -32.87 -36.80 -20.94
C LYS A 232 -32.78 -37.23 -22.40
N ASP A 233 -33.20 -36.37 -23.33
CA ASP A 233 -33.06 -36.61 -24.79
C ASP A 233 -31.67 -36.27 -25.29
N GLY A 234 -30.80 -35.75 -24.45
CA GLY A 234 -29.41 -35.45 -24.82
C GLY A 234 -29.17 -34.05 -25.31
N LYS A 235 -30.21 -33.24 -25.45
CA LYS A 235 -30.08 -31.87 -25.98
C LYS A 235 -30.11 -30.89 -24.82
N PRO A 236 -29.49 -29.70 -25.00
CA PRO A 236 -29.57 -28.62 -24.01
C PRO A 236 -31.01 -28.33 -23.63
N ALA A 237 -31.21 -28.04 -22.35
CA ALA A 237 -32.50 -27.73 -21.73
C ALA A 237 -32.22 -26.83 -20.54
N ALA A 238 -33.16 -25.92 -20.30
CA ALA A 238 -33.26 -25.20 -19.04
C ALA A 238 -33.36 -26.21 -17.90
N PHE A 239 -33.14 -25.74 -16.66
CA PHE A 239 -33.16 -26.60 -15.45
C PHE A 239 -34.45 -27.47 -15.47
N ALA A 240 -34.30 -28.75 -15.20
CA ALA A 240 -35.45 -29.66 -14.94
C ALA A 240 -34.93 -30.84 -14.12
N ALA A 241 -35.78 -31.37 -13.27
CA ALA A 241 -35.41 -32.41 -12.27
C ALA A 241 -34.88 -33.64 -13.00
N ASP A 242 -35.42 -33.96 -14.17
CA ASP A 242 -35.06 -35.21 -14.91
C ASP A 242 -33.92 -34.94 -15.89
N ASN A 243 -33.32 -33.73 -15.90
CA ASN A 243 -32.10 -33.51 -16.68
C ASN A 243 -30.99 -34.36 -16.06
N VAL A 244 -29.99 -34.71 -16.85
CA VAL A 244 -28.90 -35.62 -16.44
C VAL A 244 -27.60 -34.93 -16.76
N PRO A 245 -26.48 -35.35 -16.14
CA PRO A 245 -25.18 -34.73 -16.44
C PRO A 245 -24.78 -34.89 -17.91
N TYR A 246 -24.23 -33.84 -18.49
CA TYR A 246 -23.54 -33.86 -19.78
C TYR A 246 -22.32 -34.78 -19.71
N GLN A 247 -22.12 -35.56 -20.75
CA GLN A 247 -20.96 -36.49 -20.87
C GLN A 247 -20.02 -35.90 -21.89
N PRO A 248 -18.99 -35.10 -21.46
CA PRO A 248 -18.08 -34.47 -22.41
C PRO A 248 -17.16 -35.52 -23.06
N LYS A 249 -16.86 -35.36 -24.35
CA LYS A 249 -15.92 -36.21 -25.13
C LYS A 249 -14.52 -36.13 -24.48
N HIS A 250 -14.12 -34.97 -23.98
CA HIS A 250 -12.77 -34.70 -23.44
C HIS A 250 -12.83 -33.92 -22.13
N PHE A 251 -11.96 -34.25 -21.18
CA PHE A 251 -11.83 -33.52 -19.91
C PHE A 251 -10.35 -33.50 -19.58
N LEU A 252 -9.95 -32.49 -18.81
CA LEU A 252 -8.56 -32.34 -18.37
C LEU A 252 -8.31 -33.24 -17.18
N LYS A 253 -7.05 -33.63 -17.03
CA LYS A 253 -6.56 -34.37 -15.83
C LYS A 253 -5.68 -33.46 -14.99
N PHE A 254 -5.82 -33.52 -13.69
CA PHE A 254 -4.93 -32.79 -12.76
C PHE A 254 -3.51 -33.31 -12.99
N ALA A 255 -2.53 -32.42 -13.03
CA ALA A 255 -1.10 -32.74 -13.16
C ALA A 255 -0.61 -33.66 -12.03
N ASP A 256 0.20 -34.64 -12.41
CA ASP A 256 0.90 -35.60 -11.50
C ASP A 256 2.36 -35.14 -11.36
N GLN A 257 2.82 -34.28 -12.24
CA GLN A 257 4.19 -33.71 -12.17
C GLN A 257 4.12 -32.39 -11.42
N PRO A 258 4.99 -32.21 -10.42
CA PRO A 258 4.98 -31.00 -9.62
C PRO A 258 5.45 -29.80 -10.45
N LEU A 259 4.64 -28.75 -10.52
CA LEU A 259 4.97 -27.55 -11.30
C LEU A 259 6.06 -26.77 -10.55
N GLY A 260 7.12 -26.40 -11.25
CA GLY A 260 8.25 -25.65 -10.68
C GLY A 260 8.59 -24.42 -11.47
N ALA A 261 9.43 -23.57 -10.88
CA ALA A 261 10.03 -22.40 -11.54
C ALA A 261 10.65 -22.83 -12.86
N ASP A 262 10.39 -22.03 -13.90
CA ASP A 262 10.89 -22.22 -15.28
C ASP A 262 10.05 -23.21 -16.10
N ASP A 263 9.12 -23.95 -15.50
CA ASP A 263 8.29 -24.94 -16.23
C ASP A 263 7.44 -24.23 -17.27
N PHE A 264 7.29 -24.88 -18.40
CA PHE A 264 6.38 -24.46 -19.47
C PHE A 264 4.94 -24.49 -18.94
N VAL A 265 4.23 -23.40 -19.20
CA VAL A 265 2.75 -23.41 -19.00
C VAL A 265 2.09 -22.77 -20.22
N MET A 266 0.85 -23.17 -20.47
CA MET A 266 0.02 -22.54 -21.50
C MET A 266 -1.42 -22.40 -21.01
N VAL A 267 -2.12 -21.43 -21.60
CA VAL A 267 -3.55 -21.15 -21.31
C VAL A 267 -4.29 -21.10 -22.66
N ALA A 268 -5.41 -21.80 -22.72
CA ALA A 268 -6.45 -21.59 -23.73
C ALA A 268 -7.66 -20.97 -23.02
N GLY A 269 -8.25 -19.97 -23.63
CA GLY A 269 -9.42 -19.34 -23.05
C GLY A 269 -9.94 -18.26 -23.93
N TYR A 270 -10.83 -17.49 -23.35
CA TYR A 270 -11.72 -16.54 -24.07
C TYR A 270 -11.51 -15.12 -23.56
N PRO A 271 -10.34 -14.53 -23.82
CA PRO A 271 -10.13 -13.15 -23.40
C PRO A 271 -11.11 -12.23 -24.11
N GLY A 272 -11.59 -11.20 -23.40
CA GLY A 272 -12.71 -10.38 -23.91
C GLY A 272 -12.29 -9.28 -24.86
N ARG A 273 -11.57 -8.29 -24.36
CA ARG A 273 -11.20 -7.17 -25.23
C ARG A 273 -9.83 -6.64 -24.83
N THR A 274 -8.96 -6.43 -25.78
CA THR A 274 -7.78 -5.56 -25.59
C THR A 274 -7.88 -4.42 -26.60
N ASN A 275 -7.00 -3.44 -26.45
CA ASN A 275 -7.04 -2.18 -27.21
C ASN A 275 -5.64 -1.83 -27.71
N ARG A 276 -4.81 -2.82 -27.99
CA ARG A 276 -3.41 -2.56 -28.38
C ARG A 276 -3.36 -1.90 -29.77
N TYR A 277 -4.35 -2.13 -30.62
CA TYR A 277 -4.45 -1.49 -31.97
C TYR A 277 -5.31 -0.22 -31.95
N ALA A 278 -5.70 0.27 -30.76
CA ALA A 278 -6.43 1.57 -30.63
C ALA A 278 -5.61 2.74 -31.20
N LEU A 279 -6.26 3.76 -31.73
CA LEU A 279 -5.55 5.00 -32.12
C LEU A 279 -5.11 5.71 -30.85
N ALA A 280 -4.03 6.49 -30.94
CA ALA A 280 -3.52 7.35 -29.86
C ALA A 280 -4.66 8.18 -29.25
N GLY A 281 -5.57 8.76 -30.05
CA GLY A 281 -6.65 9.62 -29.53
C GLY A 281 -7.69 8.83 -28.73
N GLU A 282 -7.86 7.54 -29.06
CA GLU A 282 -8.74 6.60 -28.31
C GLU A 282 -8.10 6.35 -26.94
N PHE A 283 -6.80 6.03 -26.91
CA PHE A 283 -6.04 5.84 -25.65
C PHE A 283 -6.15 7.12 -24.80
N ASN A 284 -5.86 8.28 -25.39
CA ASN A 284 -5.83 9.56 -24.64
C ASN A 284 -7.20 9.89 -24.05
N GLU A 285 -8.28 9.66 -24.76
CA GLU A 285 -9.63 9.90 -24.19
C GLU A 285 -9.88 8.93 -23.01
N THR A 286 -9.50 7.68 -23.13
CA THR A 286 -9.70 6.64 -22.09
C THR A 286 -8.89 7.00 -20.84
N ALA A 287 -7.61 7.39 -21.02
CA ALA A 287 -6.69 7.75 -19.92
C ALA A 287 -7.18 9.03 -19.23
N SER A 288 -7.54 10.05 -20.02
CA SER A 288 -7.78 11.41 -19.46
C SER A 288 -9.21 11.53 -18.92
N PHE A 289 -10.16 10.78 -19.47
CA PHE A 289 -11.59 10.90 -19.08
C PHE A 289 -12.16 9.57 -18.54
N THR A 290 -12.25 8.55 -19.38
CA THR A 290 -13.11 7.34 -19.08
C THR A 290 -12.64 6.71 -17.76
N TYR A 291 -11.36 6.36 -17.67
CA TYR A 291 -10.84 5.60 -16.50
C TYR A 291 -10.90 6.39 -15.21
N PRO A 292 -10.36 7.62 -15.08
CA PRO A 292 -10.51 8.35 -13.82
C PRO A 292 -11.99 8.63 -13.45
N THR A 293 -12.84 8.88 -14.45
CA THR A 293 -14.25 9.29 -14.20
C THR A 293 -15.03 8.08 -13.67
N ILE A 294 -14.91 6.95 -14.36
CA ILE A 294 -15.63 5.73 -13.89
C ILE A 294 -15.10 5.33 -12.51
N ALA A 295 -13.78 5.35 -12.28
CA ALA A 295 -13.22 4.98 -10.97
C ALA A 295 -13.78 5.89 -9.88
N LYS A 296 -13.84 7.19 -10.13
CA LYS A 296 -14.39 8.13 -9.12
C LYS A 296 -15.84 7.77 -8.75
N HIS A 297 -16.71 7.67 -9.76
CA HIS A 297 -18.16 7.44 -9.53
C HIS A 297 -18.37 6.04 -8.93
N TYR A 298 -17.71 5.01 -9.49
CA TYR A 298 -17.83 3.64 -8.96
C TYR A 298 -17.43 3.61 -7.48
N ASN A 299 -16.36 4.30 -7.07
CA ASN A 299 -15.88 4.24 -5.68
C ASN A 299 -16.98 4.86 -4.80
N ALA A 300 -17.64 5.91 -5.27
CA ALA A 300 -18.68 6.62 -4.50
C ALA A 300 -19.91 5.72 -4.39
N VAL A 301 -20.30 5.05 -5.48
CA VAL A 301 -21.50 4.17 -5.47
C VAL A 301 -21.20 3.01 -4.52
N LEU A 302 -19.98 2.49 -4.60
CA LEU A 302 -19.59 1.35 -3.73
C LEU A 302 -19.72 1.69 -2.25
N LYS A 303 -19.30 2.87 -1.83
CA LYS A 303 -19.46 3.33 -0.43
C LYS A 303 -20.95 3.29 -0.08
N MET A 304 -21.80 3.75 -0.98
CA MET A 304 -23.27 3.82 -0.74
C MET A 304 -23.84 2.40 -0.57
N ILE A 305 -23.44 1.50 -1.45
CA ILE A 305 -23.84 0.06 -1.36
C ILE A 305 -23.30 -0.57 -0.07
N ALA A 306 -22.07 -0.30 0.35
CA ALA A 306 -21.45 -0.84 1.57
C ALA A 306 -22.24 -0.37 2.79
N ASP A 307 -22.61 0.92 2.83
CA ASP A 307 -23.38 1.50 3.97
C ASP A 307 -24.75 0.80 4.04
N ALA A 308 -25.40 0.64 2.90
CA ALA A 308 -26.75 0.03 2.82
C ALA A 308 -26.67 -1.43 3.27
N GLY A 309 -25.59 -2.14 2.90
CA GLY A 309 -25.39 -3.55 3.27
C GLY A 309 -25.17 -3.74 4.76
N LYS A 310 -24.57 -2.77 5.44
CA LYS A 310 -24.39 -2.78 6.91
C LYS A 310 -25.76 -2.64 7.62
N ALA A 311 -26.67 -1.87 7.08
CA ALA A 311 -28.01 -1.63 7.67
C ALA A 311 -28.92 -2.83 7.37
N ASP A 312 -28.68 -3.57 6.28
CA ASP A 312 -29.59 -4.68 5.87
C ASP A 312 -28.78 -5.71 5.08
N ALA A 313 -28.49 -6.84 5.69
CA ALA A 313 -27.67 -7.93 5.07
C ALA A 313 -28.30 -8.40 3.75
N ASP A 314 -29.61 -8.30 3.62
CA ASP A 314 -30.32 -8.65 2.38
C ASP A 314 -29.79 -7.72 1.28
N VAL A 315 -29.60 -6.42 1.55
CA VAL A 315 -28.98 -5.50 0.55
C VAL A 315 -27.54 -6.00 0.27
N LYS A 316 -26.77 -6.36 1.29
CA LYS A 316 -25.38 -6.84 1.07
C LYS A 316 -25.39 -8.04 0.10
N VAL A 317 -26.25 -9.03 0.36
CA VAL A 317 -26.26 -10.26 -0.46
C VAL A 317 -26.76 -9.93 -1.89
N LYS A 318 -27.89 -9.20 -2.02
CA LYS A 318 -28.57 -8.93 -3.31
C LYS A 318 -27.61 -8.15 -4.21
N TYR A 319 -26.78 -7.27 -3.65
CA TYR A 319 -25.87 -6.40 -4.43
C TYR A 319 -24.43 -6.95 -4.43
N ALA A 320 -24.16 -8.15 -3.93
CA ALA A 320 -22.75 -8.60 -3.75
C ALA A 320 -22.08 -8.75 -5.13
N ALA A 321 -22.80 -9.20 -6.13
CA ALA A 321 -22.18 -9.45 -7.47
C ALA A 321 -21.87 -8.10 -8.12
N THR A 322 -22.79 -7.14 -8.01
CA THR A 322 -22.56 -5.76 -8.49
C THR A 322 -21.37 -5.16 -7.75
N ALA A 323 -21.31 -5.23 -6.43
CA ALA A 323 -20.21 -4.61 -5.65
C ALA A 323 -18.86 -5.22 -6.06
N ALA A 324 -18.80 -6.52 -6.20
CA ALA A 324 -17.56 -7.23 -6.58
C ALA A 324 -17.10 -6.75 -7.96
N SER A 325 -18.01 -6.62 -8.91
CA SER A 325 -17.68 -6.22 -10.30
C SER A 325 -17.24 -4.77 -10.34
N MET A 326 -17.96 -3.88 -9.65
CA MET A 326 -17.59 -2.46 -9.62
C MET A 326 -16.26 -2.25 -8.89
N ASN A 327 -16.00 -2.93 -7.78
CA ASN A 327 -14.66 -2.85 -7.11
C ASN A 327 -13.55 -3.23 -8.10
N ASN A 328 -13.78 -4.31 -8.81
CA ASN A 328 -12.76 -4.94 -9.70
C ASN A 328 -12.45 -3.95 -10.83
N VAL A 329 -13.47 -3.29 -11.33
CA VAL A 329 -13.32 -2.33 -12.47
C VAL A 329 -12.63 -1.06 -11.94
N ALA A 330 -13.08 -0.53 -10.81
CA ALA A 330 -12.55 0.75 -10.29
C ALA A 330 -11.07 0.55 -9.93
N LYS A 331 -10.68 -0.59 -9.38
CA LYS A 331 -9.26 -0.81 -8.99
C LYS A 331 -8.45 -1.06 -10.27
N ASN A 332 -9.02 -1.79 -11.21
CA ASN A 332 -8.35 -2.03 -12.53
C ASN A 332 -8.01 -0.69 -13.18
N TYR A 333 -8.97 0.22 -13.26
CA TYR A 333 -8.81 1.53 -13.93
C TYR A 333 -7.68 2.32 -13.22
N LEU A 334 -7.66 2.32 -11.89
CA LEU A 334 -6.59 2.99 -11.13
C LEU A 334 -5.25 2.34 -11.51
N GLY A 335 -5.19 1.02 -11.62
CA GLY A 335 -3.96 0.30 -12.00
C GLY A 335 -3.53 0.70 -13.40
N GLN A 336 -4.48 0.78 -14.31
CA GLN A 336 -4.16 1.10 -15.73
C GLN A 336 -3.54 2.51 -15.81
N LEU A 337 -4.12 3.47 -15.09
CA LEU A 337 -3.64 4.86 -15.07
C LEU A 337 -2.21 4.90 -14.51
N GLU A 338 -1.92 4.13 -13.49
CA GLU A 338 -0.58 4.11 -12.88
C GLU A 338 0.37 3.43 -13.85
N GLY A 339 -0.07 2.33 -14.46
CA GLY A 339 0.68 1.62 -15.51
C GLY A 339 1.04 2.52 -16.68
N PHE A 340 0.11 3.35 -17.14
CA PHE A 340 0.35 4.23 -18.29
C PHE A 340 1.53 5.17 -17.94
N LYS A 341 1.56 5.74 -16.73
CA LYS A 341 2.71 6.56 -16.25
C LYS A 341 3.99 5.72 -16.20
N ARG A 342 3.90 4.48 -15.73
CA ARG A 342 5.08 3.59 -15.54
C ARG A 342 5.78 3.41 -16.89
N ILE A 343 5.03 3.18 -17.96
CA ILE A 343 5.63 2.85 -19.27
C ILE A 343 5.54 4.03 -20.24
N ASP A 344 5.00 5.18 -19.83
CA ASP A 344 4.71 6.33 -20.72
C ASP A 344 3.92 5.80 -21.92
N ALA A 345 2.76 5.22 -21.65
CA ALA A 345 1.87 4.69 -22.70
C ALA A 345 1.53 5.81 -23.69
N ALA A 346 1.27 7.03 -23.22
CA ALA A 346 0.88 8.13 -24.12
C ALA A 346 2.01 8.39 -25.11
N GLY A 347 3.25 8.46 -24.63
CA GLY A 347 4.43 8.65 -25.50
C GLY A 347 4.56 7.52 -26.49
N GLN A 348 4.33 6.28 -26.05
CA GLN A 348 4.54 5.08 -26.87
C GLN A 348 3.49 5.09 -27.97
N LYS A 349 2.26 5.43 -27.63
CA LYS A 349 1.15 5.44 -28.62
C LYS A 349 1.44 6.53 -29.68
N GLN A 350 1.77 7.71 -29.19
CA GLN A 350 2.08 8.88 -30.06
C GLN A 350 3.20 8.50 -31.04
N ALA A 351 4.30 7.93 -30.54
CA ALA A 351 5.49 7.56 -31.34
C ALA A 351 5.14 6.48 -32.37
N GLU A 352 4.36 5.47 -31.99
CA GLU A 352 4.06 4.35 -32.92
C GLU A 352 3.14 4.86 -34.03
N GLU A 353 2.15 5.66 -33.67
CA GLU A 353 1.18 6.22 -34.63
C GLU A 353 1.95 7.10 -35.63
N ALA A 354 2.89 7.93 -35.15
CA ALA A 354 3.72 8.80 -36.01
C ALA A 354 4.56 7.91 -36.94
N ALA A 355 5.18 6.87 -36.40
CA ALA A 355 5.98 5.87 -37.16
C ALA A 355 5.16 5.17 -38.26
N VAL A 356 3.93 4.73 -38.00
CA VAL A 356 3.05 4.09 -39.02
C VAL A 356 2.76 5.10 -40.17
N LEU A 357 2.35 6.33 -39.85
CA LEU A 357 2.04 7.36 -40.88
C LEU A 357 3.26 7.67 -41.76
N ALA A 358 4.43 7.83 -41.15
CA ALA A 358 5.71 8.10 -41.86
C ALA A 358 6.06 6.90 -42.77
N TRP A 359 5.86 5.68 -42.28
CA TRP A 359 6.14 4.43 -43.02
C TRP A 359 5.18 4.31 -44.20
N LEU A 360 3.91 4.69 -44.00
CA LEU A 360 2.91 4.73 -45.10
C LEU A 360 3.32 5.77 -46.14
N LYS A 361 3.63 6.99 -45.71
CA LYS A 361 4.05 8.11 -46.60
C LYS A 361 5.23 7.63 -47.46
N LYS A 362 6.12 6.82 -46.92
CA LYS A 362 7.26 6.21 -47.67
C LYS A 362 6.79 5.26 -48.80
N GLN A 363 5.59 4.66 -48.73
CA GLN A 363 5.12 3.74 -49.80
C GLN A 363 4.54 4.51 -51.00
N GLY A 364 4.28 5.81 -50.84
CA GLY A 364 3.65 6.65 -51.87
C GLY A 364 2.24 6.20 -52.20
N ALA A 365 1.97 5.91 -53.48
CA ALA A 365 0.64 5.53 -54.01
C ALA A 365 0.00 4.51 -53.06
N ALA A 366 0.71 3.40 -52.86
CA ALA A 366 0.19 2.18 -52.21
C ALA A 366 -0.18 2.46 -50.75
N GLY A 367 0.31 3.56 -50.18
CA GLY A 367 0.09 3.90 -48.78
C GLY A 367 -1.02 4.92 -48.58
N LYS A 368 -1.53 5.50 -49.66
CA LYS A 368 -2.50 6.63 -49.56
C LYS A 368 -3.82 6.16 -48.96
N PRO A 369 -4.35 4.98 -49.34
CA PRO A 369 -5.63 4.51 -48.80
C PRO A 369 -5.61 4.33 -47.27
N ALA A 370 -4.57 3.72 -46.71
CA ALA A 370 -4.40 3.59 -45.24
C ALA A 370 -4.27 5.00 -44.65
N LEU A 371 -3.54 5.93 -45.27
CA LEU A 371 -3.42 7.30 -44.70
C LEU A 371 -4.78 7.97 -44.70
N ALA A 372 -5.57 7.83 -45.78
CA ALA A 372 -6.95 8.34 -45.86
C ALA A 372 -7.82 7.69 -44.75
N ALA A 373 -7.70 6.38 -44.55
CA ALA A 373 -8.50 5.64 -43.55
C ALA A 373 -8.16 6.20 -42.16
N HIS A 374 -6.88 6.50 -41.92
CA HIS A 374 -6.42 7.08 -40.64
C HIS A 374 -7.07 8.46 -40.46
N ALA A 375 -6.98 9.34 -41.48
CA ALA A 375 -7.62 10.67 -41.49
C ALA A 375 -9.10 10.54 -41.07
N GLN A 376 -9.83 9.62 -41.70
CA GLN A 376 -11.27 9.38 -41.42
C GLN A 376 -11.44 8.95 -39.96
N LEU A 377 -10.69 7.95 -39.48
CA LEU A 377 -10.81 7.49 -38.07
C LEU A 377 -10.51 8.65 -37.11
N LEU A 378 -9.48 9.46 -37.42
CA LEU A 378 -9.05 10.55 -36.53
C LEU A 378 -10.23 11.50 -36.31
N LYS A 379 -11.02 11.81 -37.35
CA LYS A 379 -12.16 12.77 -37.24
C LYS A 379 -13.27 12.24 -36.33
N HIS A 380 -13.43 10.92 -36.13
CA HIS A 380 -14.45 10.28 -35.25
C HIS A 380 -14.11 10.43 -33.75
N LEU A 381 -12.91 10.94 -33.40
CA LEU A 381 -12.30 10.73 -32.06
C LEU A 381 -12.70 11.84 -31.08
N ASP A 382 -13.78 12.58 -31.34
CA ASP A 382 -14.20 13.71 -30.48
C ASP A 382 -15.63 14.12 -30.80
N THR A 383 -16.00 15.34 -30.41
CA THR A 383 -17.40 15.79 -30.25
C THR A 383 -18.02 14.90 -29.17
N SER A 384 -17.22 14.52 -28.17
CA SER A 384 -17.68 13.85 -26.93
C SER A 384 -17.44 14.76 -25.72
N LYS A 385 -16.59 15.77 -25.83
CA LYS A 385 -16.24 16.64 -24.67
C LYS A 385 -17.52 17.20 -24.04
N SER A 386 -18.48 17.65 -24.85
CA SER A 386 -19.71 18.33 -24.38
C SER A 386 -20.73 17.31 -23.80
N THR A 387 -20.76 16.10 -24.34
CA THR A 387 -21.82 15.09 -24.06
C THR A 387 -21.34 13.95 -23.15
N ARG A 388 -20.05 13.79 -22.85
CA ARG A 388 -19.61 12.47 -22.30
C ARG A 388 -20.08 12.34 -20.84
N GLU A 389 -20.08 13.41 -20.07
CA GLU A 389 -20.58 13.28 -18.67
C GLU A 389 -22.09 13.03 -18.68
N ARG A 390 -22.84 13.80 -19.46
CA ARG A 390 -24.31 13.58 -19.58
C ARG A 390 -24.58 12.12 -19.95
N ASP A 391 -23.91 11.63 -20.99
CA ASP A 391 -24.17 10.27 -21.52
C ASP A 391 -23.83 9.26 -20.43
N LEU A 392 -22.75 9.49 -19.69
CA LEU A 392 -22.40 8.56 -18.60
C LEU A 392 -23.51 8.55 -17.54
N PHE A 393 -23.92 9.71 -17.07
CA PHE A 393 -24.91 9.80 -15.97
C PHE A 393 -26.27 9.31 -16.45
N VAL A 394 -26.75 9.73 -17.63
CA VAL A 394 -28.09 9.33 -18.11
C VAL A 394 -28.11 7.80 -18.39
N GLY A 395 -27.05 7.29 -19.03
CA GLY A 395 -26.78 5.85 -19.28
C GLY A 395 -26.84 5.02 -18.00
N GLN A 396 -26.10 5.41 -16.97
CA GLN A 396 -26.15 4.75 -15.64
C GLN A 396 -27.53 4.82 -15.02
N PHE A 397 -28.18 6.00 -15.02
CA PHE A 397 -29.55 6.12 -14.48
C PHE A 397 -30.46 5.12 -15.20
N ASN A 398 -30.36 5.11 -16.52
CA ASN A 398 -31.24 4.29 -17.38
C ASN A 398 -30.94 2.79 -17.18
N ASN A 399 -29.77 2.47 -16.63
CA ASN A 399 -29.38 1.07 -16.39
C ASN A 399 -29.55 0.71 -14.90
N THR A 400 -30.13 1.58 -14.07
CA THR A 400 -30.62 1.16 -12.72
C THR A 400 -31.73 0.12 -12.94
N SER A 401 -32.05 -0.68 -11.94
CA SER A 401 -32.80 -1.95 -12.12
C SER A 401 -34.21 -1.74 -12.69
N ALA A 402 -35.06 -0.99 -12.01
CA ALA A 402 -36.49 -0.83 -12.41
C ALA A 402 -36.57 -0.17 -13.80
N VAL A 403 -35.84 0.93 -13.96
CA VAL A 403 -35.85 1.77 -15.18
C VAL A 403 -35.26 0.91 -16.31
N GLY A 404 -34.17 0.19 -16.08
CA GLY A 404 -33.55 -0.63 -17.15
C GLY A 404 -34.45 -1.78 -17.55
N ALA A 405 -35.12 -2.41 -16.58
CA ALA A 405 -36.13 -3.46 -16.88
C ALA A 405 -37.24 -2.84 -17.75
N ALA A 406 -37.74 -1.66 -17.37
CA ALA A 406 -38.81 -1.01 -18.14
C ALA A 406 -38.34 -0.77 -19.57
N ILE A 407 -37.12 -0.24 -19.73
CA ILE A 407 -36.61 0.06 -21.11
C ILE A 407 -36.48 -1.24 -21.89
N THR A 408 -35.89 -2.29 -21.30
CA THR A 408 -35.70 -3.59 -21.98
C THR A 408 -37.06 -4.16 -22.40
N LEU A 409 -38.02 -4.13 -21.50
CA LEU A 409 -39.35 -4.76 -21.68
C LEU A 409 -40.12 -3.98 -22.78
N TYR A 410 -40.05 -2.66 -22.75
CA TYR A 410 -40.74 -1.84 -23.78
C TYR A 410 -40.08 -2.04 -25.14
N ARG A 411 -38.74 -2.05 -25.17
CA ARG A 411 -37.98 -2.30 -26.41
C ARG A 411 -38.42 -3.65 -26.98
N LEU A 412 -38.47 -4.68 -26.15
CA LEU A 412 -38.83 -6.01 -26.65
C LEU A 412 -40.21 -5.96 -27.35
N SER A 413 -41.16 -5.23 -26.78
CA SER A 413 -42.57 -5.21 -27.27
C SER A 413 -42.56 -4.60 -28.68
N ILE A 414 -41.68 -3.64 -28.93
CA ILE A 414 -41.49 -2.95 -30.24
C ILE A 414 -40.90 -3.96 -31.21
N GLU A 415 -39.82 -4.63 -30.83
CA GLU A 415 -39.14 -5.55 -31.75
C GLU A 415 -40.06 -6.72 -32.11
N ARG A 416 -40.90 -7.19 -31.19
CA ARG A 416 -41.75 -8.40 -31.41
C ARG A 416 -42.70 -8.13 -32.60
N SER A 417 -43.10 -6.88 -32.85
CA SER A 417 -44.02 -6.52 -33.98
C SER A 417 -43.32 -6.71 -35.33
N LYS A 418 -42.00 -6.84 -35.36
CA LYS A 418 -41.27 -6.98 -36.65
C LYS A 418 -41.07 -8.45 -36.97
N PRO A 419 -40.77 -8.76 -38.24
CA PRO A 419 -40.25 -10.08 -38.57
C PRO A 419 -38.94 -10.31 -37.81
N ASP A 420 -38.74 -11.54 -37.38
CA ASP A 420 -37.58 -11.91 -36.52
C ASP A 420 -36.26 -11.42 -37.14
N ALA A 421 -36.02 -11.63 -38.45
CA ALA A 421 -34.74 -11.24 -39.09
C ALA A 421 -34.56 -9.71 -39.04
N GLU A 422 -35.61 -8.91 -38.80
CA GLU A 422 -35.52 -7.43 -38.80
C GLU A 422 -35.43 -6.91 -37.35
N ARG A 423 -35.48 -7.80 -36.38
CA ARG A 423 -35.45 -7.35 -34.96
C ARG A 423 -33.99 -7.06 -34.59
N GLU A 424 -33.82 -6.12 -33.68
CA GLU A 424 -32.50 -5.72 -33.12
C GLU A 424 -31.82 -6.95 -32.49
N ALA A 425 -30.55 -7.18 -32.81
CA ALA A 425 -29.73 -8.23 -32.16
C ALA A 425 -29.89 -8.05 -30.65
N GLY A 426 -30.15 -9.15 -29.90
CA GLY A 426 -30.47 -9.05 -28.47
C GLY A 426 -31.96 -9.14 -28.22
N TYR A 427 -32.79 -8.92 -29.24
CA TYR A 427 -34.25 -8.96 -29.09
C TYR A 427 -34.88 -9.92 -30.09
N GLN A 428 -34.10 -10.82 -30.67
CA GLN A 428 -34.61 -11.82 -31.62
C GLN A 428 -35.19 -13.01 -30.85
N GLU A 429 -35.88 -13.90 -31.56
CA GLU A 429 -36.44 -15.12 -30.95
C GLU A 429 -35.33 -15.84 -30.18
N ARG A 430 -34.11 -15.94 -30.75
CA ARG A 430 -33.00 -16.68 -30.11
C ARG A 430 -32.54 -16.01 -28.82
N ASP A 431 -33.03 -14.80 -28.50
CA ASP A 431 -32.66 -14.02 -27.28
C ASP A 431 -33.72 -14.06 -26.19
N LEU A 432 -34.94 -14.52 -26.48
CA LEU A 432 -36.09 -14.37 -25.56
C LEU A 432 -35.79 -15.03 -24.20
N THR A 433 -35.20 -16.24 -24.20
CA THR A 433 -35.00 -16.97 -22.91
C THR A 433 -33.91 -16.28 -22.10
N THR A 434 -33.01 -15.57 -22.75
CA THR A 434 -31.97 -14.76 -22.07
C THR A 434 -32.59 -13.50 -21.44
N ILE A 435 -33.45 -12.81 -22.19
CA ILE A 435 -34.18 -11.64 -21.63
C ILE A 435 -34.95 -12.12 -20.40
N GLU A 436 -35.71 -13.20 -20.55
CA GLU A 436 -36.59 -13.70 -19.47
C GLU A 436 -35.71 -14.06 -18.25
N GLY A 437 -34.59 -14.73 -18.48
CA GLY A 437 -33.63 -15.13 -17.42
C GLY A 437 -33.14 -13.95 -16.64
N GLY A 438 -32.85 -12.86 -17.35
CA GLY A 438 -32.46 -11.58 -16.75
C GLY A 438 -33.52 -11.05 -15.84
N LEU A 439 -34.78 -11.07 -16.29
CA LEU A 439 -35.93 -10.59 -15.46
C LEU A 439 -36.00 -11.46 -14.21
N LYS A 440 -35.76 -12.77 -14.35
CA LYS A 440 -35.80 -13.73 -13.23
C LYS A 440 -34.63 -13.47 -12.28
N GLN A 441 -33.42 -13.37 -12.80
CA GLN A 441 -32.22 -13.10 -11.95
C GLN A 441 -32.38 -11.78 -11.18
N MET A 442 -33.06 -10.77 -11.74
CA MET A 442 -33.22 -9.49 -11.03
C MET A 442 -33.86 -9.70 -9.64
N ASP A 443 -34.72 -10.69 -9.48
CA ASP A 443 -35.35 -11.01 -8.17
C ASP A 443 -34.26 -11.20 -7.09
N ARG A 444 -33.10 -11.77 -7.42
CA ARG A 444 -32.01 -12.04 -6.44
C ARG A 444 -31.02 -10.88 -6.39
N ARG A 445 -31.29 -9.77 -7.06
CA ARG A 445 -30.29 -8.72 -7.27
C ARG A 445 -30.94 -7.33 -7.20
N TYR A 446 -32.10 -7.22 -6.54
CA TYR A 446 -32.89 -5.97 -6.52
C TYR A 446 -33.46 -5.75 -5.14
N VAL A 447 -33.26 -4.55 -4.64
CA VAL A 447 -33.88 -4.04 -3.40
C VAL A 447 -34.29 -2.62 -3.74
N ALA A 448 -35.59 -2.32 -3.68
CA ALA A 448 -36.12 -0.96 -4.01
C ALA A 448 -35.32 0.13 -3.31
N LYS A 449 -35.04 0.03 -2.02
CA LYS A 449 -34.39 1.14 -1.27
C LYS A 449 -32.95 1.37 -1.77
N MET A 450 -32.27 0.34 -2.20
CA MET A 450 -30.92 0.48 -2.80
C MET A 450 -31.04 1.06 -4.22
N ASP A 451 -32.00 0.58 -5.03
CA ASP A 451 -32.18 1.10 -6.39
C ASP A 451 -32.50 2.61 -6.28
N GLN A 452 -33.29 3.00 -5.27
CA GLN A 452 -33.65 4.45 -5.11
C GLN A 452 -32.37 5.24 -4.87
N GLN A 453 -31.43 4.72 -4.08
CA GLN A 453 -30.15 5.41 -3.78
C GLN A 453 -29.30 5.48 -5.05
N LEU A 454 -29.32 4.44 -5.88
CA LEU A 454 -28.61 4.43 -7.17
C LEU A 454 -29.24 5.44 -8.14
N GLN A 455 -30.55 5.41 -8.34
CA GLN A 455 -31.23 6.50 -9.11
C GLN A 455 -30.79 7.87 -8.60
N THR A 456 -30.89 8.13 -7.30
CA THR A 456 -30.57 9.45 -6.71
C THR A 456 -29.11 9.85 -7.00
N TYR A 457 -28.17 8.93 -6.83
CA TYR A 457 -26.73 9.18 -7.12
C TYR A 457 -26.54 9.68 -8.56
N TRP A 458 -27.02 8.94 -9.54
CA TRP A 458 -26.81 9.27 -10.97
C TRP A 458 -27.63 10.51 -11.38
N LEU A 459 -28.84 10.68 -10.86
CA LEU A 459 -29.59 11.93 -11.15
C LEU A 459 -28.86 13.12 -10.51
N ASP A 460 -28.36 12.99 -9.27
CA ASP A 460 -27.57 14.04 -8.60
C ASP A 460 -26.43 14.49 -9.53
N GLN A 461 -25.68 13.56 -10.11
CA GLN A 461 -24.54 13.91 -10.99
C GLN A 461 -25.04 14.65 -12.24
N TYR A 462 -26.15 14.20 -12.82
CA TYR A 462 -26.83 14.84 -13.97
C TYR A 462 -27.21 16.28 -13.62
N VAL A 463 -27.90 16.50 -12.50
CA VAL A 463 -28.50 17.85 -12.25
C VAL A 463 -27.35 18.82 -11.94
N ALA A 464 -26.20 18.32 -11.49
CA ALA A 464 -24.99 19.14 -11.22
C ALA A 464 -24.27 19.57 -12.52
N LEU A 465 -24.60 19.01 -13.68
CA LEU A 465 -23.99 19.44 -14.96
C LEU A 465 -24.45 20.85 -15.30
N PRO A 466 -23.63 21.64 -16.01
CA PRO A 466 -24.10 22.92 -16.50
C PRO A 466 -25.32 22.72 -17.39
N ALA A 467 -26.21 23.72 -17.36
CA ALA A 467 -27.47 23.76 -18.12
C ALA A 467 -27.26 23.34 -19.57
N ALA A 468 -26.23 23.85 -20.24
CA ALA A 468 -25.98 23.51 -21.65
C ALA A 468 -25.88 21.99 -21.79
N GLN A 469 -25.34 21.32 -20.77
CA GLN A 469 -25.05 19.87 -20.84
C GLN A 469 -26.24 18.99 -20.38
N ARG A 470 -27.09 19.49 -19.49
CA ARG A 470 -28.30 18.75 -19.04
C ARG A 470 -29.42 19.02 -20.03
N ASP A 471 -29.29 18.51 -21.25
CA ASP A 471 -30.26 18.80 -22.34
C ASP A 471 -30.98 17.49 -22.71
N ASN A 472 -31.09 16.54 -21.78
CA ASN A 472 -31.98 15.37 -21.99
C ASN A 472 -33.40 15.88 -21.72
N GLU A 473 -34.16 16.16 -22.78
CA GLU A 473 -35.50 16.80 -22.71
C GLU A 473 -36.40 15.99 -21.77
N VAL A 474 -36.52 14.69 -21.99
CA VAL A 474 -37.48 13.83 -21.24
C VAL A 474 -37.08 13.86 -19.77
N LEU A 475 -35.79 13.65 -19.48
CA LEU A 475 -35.33 13.63 -18.06
C LEU A 475 -35.56 15.01 -17.44
N ASN A 476 -35.29 16.11 -18.15
CA ASN A 476 -35.57 17.47 -17.62
C ASN A 476 -37.08 17.59 -17.32
N LYS A 477 -37.94 17.04 -18.18
CA LYS A 477 -39.41 17.11 -17.96
C LYS A 477 -39.75 16.38 -16.64
N TRP A 478 -39.21 15.20 -16.45
CA TRP A 478 -39.49 14.32 -15.27
C TRP A 478 -38.88 14.88 -13.98
N LEU A 479 -37.72 15.52 -14.04
CA LEU A 479 -37.11 16.18 -12.86
C LEU A 479 -37.86 17.49 -12.53
N ALA A 480 -38.25 18.25 -13.55
CA ALA A 480 -38.84 19.60 -13.40
C ALA A 480 -38.04 20.40 -12.37
N GLY A 481 -36.74 20.56 -12.59
CA GLY A 481 -35.87 21.23 -11.64
C GLY A 481 -34.49 20.62 -11.74
N SER A 482 -33.52 21.19 -11.06
CA SER A 482 -32.10 20.77 -11.18
C SER A 482 -31.43 20.79 -9.82
N ASP A 483 -32.19 20.60 -8.74
CA ASP A 483 -31.66 20.58 -7.34
C ASP A 483 -32.06 19.25 -6.66
N ALA A 484 -31.61 19.04 -5.42
CA ALA A 484 -31.83 17.81 -4.63
C ALA A 484 -33.32 17.53 -4.51
N ALA A 485 -34.14 18.57 -4.37
CA ALA A 485 -35.61 18.41 -4.23
C ALA A 485 -36.20 17.83 -5.52
N ALA A 486 -35.71 18.27 -6.68
CA ALA A 486 -36.20 17.80 -7.99
C ALA A 486 -35.83 16.30 -8.09
N VAL A 487 -34.65 15.95 -7.61
CA VAL A 487 -34.19 14.53 -7.74
C VAL A 487 -35.08 13.67 -6.83
N LYS A 488 -35.26 14.09 -5.59
CA LYS A 488 -36.10 13.39 -4.58
C LYS A 488 -37.52 13.20 -5.14
N SER A 489 -38.11 14.22 -5.79
CA SER A 489 -39.49 14.14 -6.34
C SER A 489 -39.56 13.07 -7.43
N LEU A 490 -38.56 12.99 -8.32
CA LEU A 490 -38.55 12.00 -9.42
C LEU A 490 -38.34 10.58 -8.86
N VAL A 491 -37.45 10.41 -7.88
CA VAL A 491 -37.19 9.05 -7.27
C VAL A 491 -38.46 8.62 -6.53
N ASN A 492 -39.07 9.56 -5.80
CA ASN A 492 -40.38 9.34 -5.13
C ASN A 492 -41.39 8.90 -6.17
N LYS A 493 -41.53 9.58 -7.31
CA LYS A 493 -42.50 9.18 -8.35
C LYS A 493 -42.16 7.76 -8.84
N LEU A 494 -40.92 7.50 -9.19
CA LEU A 494 -40.54 6.16 -9.77
C LEU A 494 -40.69 5.08 -8.68
N GLY A 495 -40.76 5.50 -7.42
CA GLY A 495 -41.02 4.63 -6.26
C GLY A 495 -42.29 3.84 -6.44
N GLY A 496 -43.23 4.36 -7.20
CA GLY A 496 -44.55 3.74 -7.40
C GLY A 496 -44.54 2.63 -8.42
N THR A 497 -43.42 2.35 -9.08
CA THR A 497 -43.30 1.25 -10.07
C THR A 497 -43.71 -0.10 -9.42
N GLU A 498 -44.30 -0.97 -10.22
CA GLU A 498 -44.58 -2.40 -9.90
C GLU A 498 -43.49 -3.31 -10.45
N LEU A 499 -42.47 -2.77 -11.13
CA LEU A 499 -41.47 -3.64 -11.82
C LEU A 499 -40.53 -4.34 -10.81
N GLY A 500 -40.55 -3.99 -9.52
CA GLY A 500 -39.89 -4.79 -8.48
C GLY A 500 -40.48 -6.18 -8.36
N SER A 501 -41.73 -6.38 -8.81
CA SER A 501 -42.44 -7.69 -8.78
C SER A 501 -41.99 -8.55 -9.96
N LEU A 502 -41.49 -9.76 -9.66
CA LEU A 502 -41.06 -10.73 -10.70
C LEU A 502 -42.28 -11.07 -11.54
N ASP A 503 -43.43 -11.32 -10.90
CA ASP A 503 -44.65 -11.68 -11.67
C ASP A 503 -45.00 -10.50 -12.63
N THR A 504 -44.91 -9.26 -12.18
CA THR A 504 -45.22 -8.10 -13.05
C THR A 504 -44.22 -8.09 -14.21
N ARG A 505 -42.93 -8.31 -13.92
CA ARG A 505 -41.91 -8.30 -14.99
C ARG A 505 -42.24 -9.40 -16.01
N LEU A 506 -42.64 -10.58 -15.58
CA LEU A 506 -42.90 -11.72 -16.51
C LEU A 506 -44.18 -11.48 -17.33
N LYS A 507 -45.13 -10.73 -16.79
CA LYS A 507 -46.38 -10.35 -17.52
C LYS A 507 -45.98 -9.32 -18.59
N TRP A 508 -45.16 -8.34 -18.23
CA TRP A 508 -44.68 -7.32 -19.19
C TRP A 508 -43.85 -7.98 -20.30
N PHE A 509 -43.13 -9.06 -19.98
CA PHE A 509 -42.30 -9.78 -20.98
C PHE A 509 -43.15 -10.23 -22.18
N LYS A 510 -44.42 -10.57 -21.95
CA LYS A 510 -45.36 -11.12 -22.96
C LYS A 510 -46.23 -10.01 -23.58
N ALA A 511 -46.17 -8.76 -23.08
CA ALA A 511 -47.17 -7.69 -23.38
C ALA A 511 -46.89 -7.02 -24.73
N ASP A 512 -47.93 -6.46 -25.37
CA ASP A 512 -47.69 -5.78 -26.65
C ASP A 512 -47.42 -4.32 -26.36
N ARG A 513 -46.93 -3.66 -27.39
CA ARG A 513 -46.49 -2.26 -27.37
C ARG A 513 -47.60 -1.38 -26.81
N ALA A 514 -48.86 -1.58 -27.20
CA ALA A 514 -50.00 -0.72 -26.78
C ALA A 514 -50.18 -0.82 -25.27
N ALA A 515 -50.05 -2.00 -24.69
CA ALA A 515 -50.19 -2.21 -23.22
C ALA A 515 -49.16 -1.33 -22.47
N PHE A 516 -47.91 -1.33 -22.92
CA PHE A 516 -46.87 -0.47 -22.33
C PHE A 516 -47.30 1.00 -22.39
N GLU A 517 -47.71 1.43 -23.58
CA GLU A 517 -48.11 2.84 -23.86
C GLU A 517 -49.32 3.25 -23.00
N ALA A 518 -50.14 2.31 -22.54
CA ALA A 518 -51.34 2.59 -21.71
C ALA A 518 -51.01 2.52 -20.21
N SER A 519 -49.84 2.04 -19.80
CA SER A 519 -49.50 1.86 -18.37
C SER A 519 -49.41 3.20 -17.63
N ASN A 520 -49.85 3.21 -16.38
CA ASN A 520 -49.56 4.33 -15.45
C ASN A 520 -48.43 3.93 -14.49
N ASP A 521 -47.76 2.80 -14.74
CA ASP A 521 -46.51 2.45 -14.01
C ASP A 521 -45.51 3.53 -14.38
N PRO A 522 -45.00 4.31 -13.41
CA PRO A 522 -44.09 5.41 -13.72
C PRO A 522 -42.79 5.02 -14.42
N ALA A 523 -42.21 3.88 -14.07
CA ALA A 523 -40.98 3.39 -14.76
C ALA A 523 -41.34 3.03 -16.20
N ILE A 524 -42.49 2.39 -16.44
CA ILE A 524 -42.93 2.11 -17.83
C ILE A 524 -43.10 3.44 -18.56
N GLN A 525 -43.79 4.42 -17.94
CA GLN A 525 -44.08 5.68 -18.66
C GLN A 525 -42.75 6.32 -19.05
N TYR A 526 -41.76 6.27 -18.14
CA TYR A 526 -40.42 6.85 -18.39
C TYR A 526 -39.82 6.14 -19.61
N ALA A 527 -39.88 4.82 -19.67
CA ALA A 527 -39.28 4.06 -20.78
C ALA A 527 -39.98 4.44 -22.10
N VAL A 528 -41.31 4.57 -22.05
CA VAL A 528 -42.08 4.92 -23.28
C VAL A 528 -41.62 6.32 -23.74
N ALA A 529 -41.43 7.25 -22.85
CA ALA A 529 -41.07 8.66 -23.17
C ALA A 529 -39.67 8.74 -23.77
N VAL A 530 -38.72 7.96 -23.24
CA VAL A 530 -37.28 8.10 -23.62
C VAL A 530 -36.99 7.28 -24.87
N MET A 531 -37.86 6.36 -25.26
CA MET A 531 -37.53 5.35 -26.29
C MET A 531 -37.25 6.00 -27.64
N PRO A 532 -38.06 6.97 -28.12
CA PRO A 532 -37.78 7.59 -29.42
C PRO A 532 -36.34 8.14 -29.45
N ALA A 533 -35.91 8.83 -28.41
CA ALA A 533 -34.56 9.45 -28.38
C ALA A 533 -33.52 8.31 -28.33
N LEU A 534 -33.83 7.21 -27.63
CA LEU A 534 -32.87 6.07 -27.53
C LEU A 534 -32.69 5.44 -28.90
N LEU A 535 -33.79 5.25 -29.64
CA LEU A 535 -33.71 4.64 -30.98
C LEU A 535 -32.90 5.55 -31.90
N LYS A 536 -33.05 6.87 -31.78
CA LYS A 536 -32.32 7.78 -32.70
C LYS A 536 -30.83 7.74 -32.34
N GLN A 537 -30.51 7.65 -31.06
CA GLN A 537 -29.08 7.64 -30.61
C GLN A 537 -28.46 6.32 -31.09
N GLU A 538 -29.26 5.24 -31.10
CA GLU A 538 -28.83 3.90 -31.54
C GLU A 538 -28.60 3.94 -33.05
N GLU A 539 -29.48 4.62 -33.79
CA GLU A 539 -29.33 4.73 -35.26
C GLU A 539 -28.03 5.50 -35.53
N GLN A 540 -27.76 6.56 -34.78
CA GLN A 540 -26.54 7.38 -35.04
C GLN A 540 -25.30 6.52 -34.78
N LYS A 541 -25.34 5.70 -33.72
CA LYS A 541 -24.29 4.71 -33.40
C LYS A 541 -24.05 3.77 -34.60
N LYS A 542 -25.09 3.22 -35.21
CA LYS A 542 -24.99 2.28 -36.31
C LYS A 542 -24.38 3.01 -37.51
N ILE A 543 -24.77 4.28 -37.73
CA ILE A 543 -24.19 5.06 -38.86
C ILE A 543 -22.69 5.23 -38.62
N ARG A 544 -22.31 5.58 -37.38
CA ARG A 544 -20.89 5.78 -37.00
C ARG A 544 -20.15 4.44 -37.18
N GLU A 545 -20.71 3.31 -36.75
CA GLU A 545 -20.15 1.96 -37.00
C GLU A 545 -20.01 1.70 -38.50
N GLY A 546 -21.05 1.96 -39.31
CA GLY A 546 -20.97 1.73 -40.75
C GLY A 546 -19.83 2.51 -41.40
N GLU A 547 -19.60 3.75 -40.97
CA GLU A 547 -18.49 4.61 -41.48
C GLU A 547 -17.15 3.92 -41.19
N SER A 548 -17.00 3.27 -40.04
CA SER A 548 -15.71 2.66 -39.64
C SER A 548 -15.48 1.31 -40.32
N LEU A 549 -16.50 0.70 -40.93
CA LEU A 549 -16.38 -0.67 -41.45
C LEU A 549 -15.41 -0.70 -42.64
N THR A 550 -15.19 0.46 -43.24
CA THR A 550 -14.31 0.66 -44.42
C THR A 550 -12.91 1.06 -43.89
N ALA A 551 -12.82 2.11 -43.09
CA ALA A 551 -11.54 2.77 -42.75
C ALA A 551 -10.80 1.94 -41.71
N ARG A 552 -11.50 1.44 -40.68
CA ARG A 552 -10.83 0.70 -39.60
C ARG A 552 -9.98 -0.45 -40.13
N PRO A 553 -10.49 -1.40 -40.94
CA PRO A 553 -9.65 -2.50 -41.44
C PRO A 553 -8.41 -2.08 -42.25
N LEU A 554 -8.58 -1.07 -43.08
CA LEU A 554 -7.44 -0.52 -43.86
C LEU A 554 -6.35 -0.03 -42.92
N TYR A 555 -6.69 0.79 -41.94
CA TYR A 555 -5.67 1.43 -41.09
C TYR A 555 -5.04 0.37 -40.16
N LEU A 556 -5.84 -0.55 -39.64
CA LEU A 556 -5.34 -1.60 -38.72
C LEU A 556 -4.48 -2.61 -39.46
N GLN A 557 -4.80 -2.91 -40.71
CA GLN A 557 -3.94 -3.74 -41.57
C GLN A 557 -2.58 -3.05 -41.74
N ALA A 558 -2.54 -1.74 -42.01
CA ALA A 558 -1.27 -0.96 -42.10
C ALA A 558 -0.49 -1.02 -40.77
N VAL A 559 -1.13 -0.78 -39.62
CA VAL A 559 -0.41 -0.96 -38.32
C VAL A 559 0.18 -2.37 -38.22
N ALA A 560 -0.57 -3.42 -38.52
CA ALA A 560 -0.09 -4.82 -38.43
C ALA A 560 1.08 -5.01 -39.40
N ASP A 561 1.00 -4.44 -40.60
CA ASP A 561 2.08 -4.65 -41.62
C ASP A 561 3.35 -3.94 -41.14
N TYR A 562 3.19 -2.76 -40.52
CA TYR A 562 4.27 -1.93 -39.97
C TYR A 562 4.94 -2.71 -38.81
N LYS A 563 4.13 -3.18 -37.86
CA LYS A 563 4.62 -4.00 -36.72
C LYS A 563 5.41 -5.19 -37.28
N LYS A 564 4.90 -5.86 -38.31
CA LYS A 564 5.62 -7.02 -38.87
C LYS A 564 6.98 -6.55 -39.42
N SER A 565 7.06 -5.37 -40.05
CA SER A 565 8.32 -4.84 -40.63
C SER A 565 9.31 -4.54 -39.53
N GLN A 566 8.83 -4.30 -38.31
CA GLN A 566 9.66 -3.98 -37.12
C GLN A 566 9.98 -5.24 -36.29
N GLY A 567 9.68 -6.45 -36.79
CA GLY A 567 9.88 -7.73 -36.09
C GLY A 567 9.06 -7.83 -34.80
N GLU A 568 7.93 -7.11 -34.69
CA GLU A 568 7.01 -7.16 -33.53
C GLU A 568 5.97 -8.28 -33.74
N PHE A 569 5.49 -8.86 -32.64
CA PHE A 569 4.50 -9.94 -32.68
C PHE A 569 3.16 -9.40 -33.17
N VAL A 570 2.56 -10.10 -34.12
CA VAL A 570 1.30 -9.59 -34.74
C VAL A 570 0.22 -10.60 -34.42
N TYR A 571 -0.75 -10.18 -33.61
CA TYR A 571 -1.92 -11.02 -33.20
C TYR A 571 -3.08 -10.07 -32.98
N PRO A 572 -4.34 -10.52 -33.17
CA PRO A 572 -5.50 -9.63 -33.08
C PRO A 572 -5.80 -9.22 -31.64
N ASP A 573 -6.35 -8.01 -31.44
CA ASP A 573 -6.91 -7.68 -30.12
C ASP A 573 -7.88 -8.81 -29.74
N ALA A 574 -7.98 -9.12 -28.45
CA ALA A 574 -9.03 -9.99 -27.89
C ALA A 574 -10.41 -9.49 -28.34
N ASN A 575 -11.31 -10.42 -28.58
CA ASN A 575 -12.68 -10.11 -29.08
C ASN A 575 -13.64 -11.20 -28.59
N LEU A 576 -13.34 -11.83 -27.44
CA LEU A 576 -14.22 -12.83 -26.77
C LEU A 576 -14.09 -14.22 -27.38
N SER A 577 -13.25 -14.40 -28.38
CA SER A 577 -13.00 -15.69 -29.02
C SER A 577 -11.80 -16.41 -28.39
N LEU A 578 -11.64 -17.67 -28.74
CA LEU A 578 -10.65 -18.63 -28.19
C LEU A 578 -9.24 -18.23 -28.59
N ARG A 579 -8.37 -18.08 -27.59
CA ARG A 579 -6.96 -17.70 -27.80
C ARG A 579 -6.06 -18.65 -27.01
N ILE A 580 -4.81 -18.80 -27.48
CA ILE A 580 -3.75 -19.57 -26.82
C ILE A 580 -2.63 -18.60 -26.42
N THR A 581 -2.16 -18.71 -25.19
CA THR A 581 -0.97 -17.94 -24.74
C THR A 581 -0.05 -18.95 -24.04
N PHE A 582 1.25 -18.68 -24.00
CA PHE A 582 2.22 -19.65 -23.44
C PHE A 582 3.42 -18.87 -22.95
N GLY A 583 4.21 -19.57 -22.15
CA GLY A 583 5.45 -19.07 -21.55
C GLY A 583 5.83 -19.97 -20.42
N ASN A 584 6.37 -19.41 -19.35
CA ASN A 584 7.02 -20.24 -18.31
C ASN A 584 6.71 -19.64 -16.94
N VAL A 585 6.77 -20.48 -15.94
CA VAL A 585 6.65 -20.06 -14.53
C VAL A 585 7.86 -19.21 -14.17
N MET A 586 7.61 -17.97 -13.83
CA MET A 586 8.70 -17.02 -13.50
C MET A 586 8.09 -15.83 -12.76
N GLY A 587 8.86 -15.27 -11.84
CA GLY A 587 8.51 -14.03 -11.15
C GLY A 587 8.84 -12.83 -12.01
N TYR A 588 8.94 -11.67 -11.36
CA TYR A 588 9.33 -10.39 -12.01
C TYR A 588 9.98 -9.51 -10.93
N GLY A 589 10.41 -8.32 -11.33
CA GLY A 589 11.23 -7.48 -10.45
C GLY A 589 10.98 -6.01 -10.64
N LYS A 590 11.25 -5.25 -9.58
CA LYS A 590 11.38 -3.78 -9.53
C LYS A 590 12.70 -3.50 -8.82
N ASP A 591 13.15 -2.25 -8.83
CA ASP A 591 14.40 -1.90 -8.13
C ASP A 591 14.26 -2.33 -6.66
N GLY A 592 15.18 -3.15 -6.19
CA GLY A 592 15.25 -3.56 -4.76
C GLY A 592 14.43 -4.79 -4.42
N VAL A 593 13.67 -5.36 -5.36
CA VAL A 593 12.68 -6.45 -5.07
C VAL A 593 12.68 -7.46 -6.23
N LYS A 594 12.67 -8.74 -5.91
CA LYS A 594 12.40 -9.81 -6.87
C LYS A 594 11.17 -10.55 -6.36
N TYR A 595 10.09 -10.56 -7.13
CA TYR A 595 8.91 -11.40 -6.82
C TYR A 595 9.26 -12.83 -7.20
N THR A 596 9.12 -13.73 -6.23
CA THR A 596 9.38 -15.16 -6.46
C THR A 596 8.14 -15.73 -7.13
N PRO A 597 8.28 -16.77 -7.97
CA PRO A 597 7.15 -17.25 -8.75
C PRO A 597 6.05 -17.97 -7.98
N PHE A 598 6.29 -18.40 -6.73
CA PHE A 598 5.27 -19.10 -5.95
C PHE A 598 5.01 -18.40 -4.62
N THR A 599 3.77 -18.49 -4.18
CA THR A 599 3.42 -18.31 -2.76
C THR A 599 3.13 -19.68 -2.16
N THR A 600 3.05 -19.70 -0.83
CA THR A 600 2.95 -20.95 -0.05
C THR A 600 1.96 -20.77 1.08
N LEU A 601 1.59 -21.88 1.68
CA LEU A 601 0.59 -21.92 2.78
C LEU A 601 0.99 -20.92 3.86
N GLU A 602 2.28 -20.85 4.21
CA GLU A 602 2.72 -19.98 5.34
C GLU A 602 2.38 -18.52 5.06
N GLY A 603 2.42 -18.12 3.79
CA GLY A 603 2.08 -16.75 3.42
C GLY A 603 0.62 -16.47 3.66
N VAL A 604 -0.27 -17.46 3.49
CA VAL A 604 -1.72 -17.23 3.77
C VAL A 604 -1.88 -16.91 5.28
N ALA A 605 -1.31 -17.75 6.12
CA ALA A 605 -1.36 -17.58 7.60
C ALA A 605 -0.68 -16.29 8.04
N ALA A 606 0.41 -15.87 7.39
CA ALA A 606 1.11 -14.63 7.77
C ALA A 606 0.21 -13.43 7.49
N LYS A 607 -0.72 -13.52 6.53
CA LYS A 607 -1.63 -12.37 6.26
C LYS A 607 -2.86 -12.36 7.17
N GLU A 608 -3.03 -13.34 8.05
CA GLU A 608 -4.25 -13.48 8.89
C GLU A 608 -4.42 -12.22 9.75
N THR A 609 -5.63 -11.69 9.79
CA THR A 609 -5.97 -10.60 10.74
C THR A 609 -7.18 -10.98 11.58
N GLY A 610 -7.94 -11.98 11.18
CA GLY A 610 -9.22 -12.26 11.85
C GLY A 610 -10.33 -11.33 11.39
N GLU A 611 -10.09 -10.44 10.43
CA GLU A 611 -11.12 -9.50 9.92
C GLU A 611 -11.15 -9.62 8.40
N ASP A 612 -12.34 -9.63 7.82
CA ASP A 612 -12.49 -9.62 6.34
C ASP A 612 -11.59 -8.52 5.81
N PRO A 613 -10.81 -8.70 4.72
CA PRO A 613 -10.78 -9.93 3.91
C PRO A 613 -9.63 -10.92 4.18
N PHE A 614 -9.02 -10.83 5.37
CA PHE A 614 -7.89 -11.67 5.81
C PHE A 614 -8.28 -12.53 7.00
N ASP A 615 -9.37 -13.26 6.84
CA ASP A 615 -10.01 -14.04 7.92
C ASP A 615 -10.17 -15.47 7.40
N SER A 616 -9.07 -16.22 7.29
CA SER A 616 -9.09 -17.60 6.73
C SER A 616 -9.90 -18.50 7.64
N PRO A 617 -10.49 -19.58 7.10
CA PRO A 617 -11.15 -20.56 7.95
C PRO A 617 -10.17 -21.09 9.00
N LYS A 618 -10.70 -21.30 10.20
CA LYS A 618 -9.95 -21.90 11.31
C LYS A 618 -9.25 -23.18 10.83
N ALA A 619 -9.92 -24.03 10.05
CA ALA A 619 -9.34 -25.32 9.59
C ALA A 619 -8.08 -25.06 8.77
N LEU A 620 -8.02 -23.94 8.05
CA LEU A 620 -6.82 -23.61 7.26
C LEU A 620 -5.68 -23.18 8.21
N LEU A 621 -5.97 -22.28 9.13
CA LEU A 621 -4.96 -21.74 10.10
C LEU A 621 -4.38 -22.92 10.91
N ASP A 622 -5.23 -23.88 11.28
CA ASP A 622 -4.86 -25.06 12.11
C ASP A 622 -3.95 -25.98 11.30
N ALA A 623 -4.29 -26.20 10.03
CA ALA A 623 -3.53 -27.11 9.15
C ALA A 623 -2.17 -26.49 8.82
N VAL A 624 -2.11 -25.19 8.54
CA VAL A 624 -0.81 -24.52 8.24
C VAL A 624 0.10 -24.52 9.50
N LYS A 625 -0.45 -24.20 10.66
CA LYS A 625 0.35 -24.19 11.91
C LYS A 625 0.92 -25.60 12.15
N ALA A 626 0.15 -26.65 11.86
CA ALA A 626 0.59 -28.06 12.02
C ALA A 626 1.47 -28.51 10.84
N LYS A 627 1.66 -27.70 9.80
CA LYS A 627 2.31 -28.14 8.53
C LYS A 627 1.67 -29.44 8.04
N ARG A 628 0.35 -29.51 8.10
CA ARG A 628 -0.40 -30.62 7.47
C ARG A 628 -0.47 -30.36 5.97
N TYR A 629 0.51 -30.86 5.24
CA TYR A 629 0.71 -30.56 3.80
C TYR A 629 0.00 -31.58 2.92
N GLY A 630 -0.57 -32.63 3.51
CA GLY A 630 -1.53 -33.51 2.83
C GLY A 630 -0.91 -34.24 1.67
N GLY A 631 0.41 -34.41 1.71
CA GLY A 631 1.16 -35.08 0.64
C GLY A 631 1.32 -34.21 -0.59
N LEU A 632 1.12 -32.90 -0.50
CA LEU A 632 1.14 -31.98 -1.67
C LEU A 632 2.31 -31.02 -1.57
N GLU A 633 3.15 -31.17 -0.56
CA GLU A 633 4.34 -30.28 -0.43
C GLU A 633 5.15 -30.38 -1.73
N ASP A 634 5.63 -29.25 -2.21
CA ASP A 634 6.66 -29.21 -3.27
C ASP A 634 7.96 -29.03 -2.51
N LYS A 635 8.86 -30.03 -2.51
CA LYS A 635 10.08 -29.97 -1.66
C LYS A 635 10.95 -28.79 -2.09
N ARG A 636 10.79 -28.30 -3.31
CA ARG A 636 11.57 -27.14 -3.78
C ARG A 636 11.11 -25.87 -3.08
N LEU A 637 9.87 -25.81 -2.59
CA LEU A 637 9.35 -24.60 -1.90
C LEU A 637 9.38 -24.83 -0.40
N GLY A 638 9.39 -26.10 0.02
CA GLY A 638 9.25 -26.49 1.44
C GLY A 638 7.84 -26.30 1.97
N SER A 639 6.84 -26.18 1.09
CA SER A 639 5.42 -26.03 1.48
C SER A 639 4.54 -26.37 0.28
N VAL A 640 3.24 -26.30 0.47
CA VAL A 640 2.27 -26.49 -0.64
C VAL A 640 2.17 -25.13 -1.29
N PRO A 641 2.31 -25.06 -2.61
CA PRO A 641 2.16 -23.78 -3.29
C PRO A 641 0.70 -23.33 -3.26
N VAL A 642 0.52 -22.04 -3.38
CA VAL A 642 -0.83 -21.42 -3.30
C VAL A 642 -1.11 -20.79 -4.65
N ASN A 643 -0.35 -19.77 -4.99
CA ASN A 643 -0.50 -19.09 -6.29
C ASN A 643 0.87 -19.09 -6.99
N PHE A 644 0.88 -18.89 -8.32
CA PHE A 644 2.13 -18.78 -9.08
C PHE A 644 1.99 -17.77 -10.20
N LEU A 645 3.13 -17.20 -10.54
CA LEU A 645 3.35 -16.18 -11.59
C LEU A 645 3.85 -16.85 -12.86
N SER A 646 3.43 -16.35 -13.99
CA SER A 646 4.02 -16.77 -15.30
C SER A 646 3.88 -15.65 -16.30
N ASN A 647 4.71 -15.68 -17.34
CA ASN A 647 4.75 -14.57 -18.33
C ASN A 647 3.78 -14.87 -19.49
N LEU A 648 2.54 -15.21 -19.19
CA LEU A 648 1.50 -15.40 -20.20
C LEU A 648 0.78 -14.07 -20.43
N ASP A 649 -0.06 -14.04 -21.44
CA ASP A 649 -0.71 -12.80 -21.93
C ASP A 649 -2.21 -13.02 -21.87
N ILE A 650 -2.82 -12.61 -20.75
CA ILE A 650 -4.26 -12.87 -20.53
C ILE A 650 -4.89 -11.54 -20.17
N THR A 651 -6.21 -11.51 -20.25
CA THR A 651 -6.98 -10.32 -19.85
C THR A 651 -8.36 -10.76 -19.38
N GLY A 652 -9.21 -9.80 -19.01
CA GLY A 652 -10.58 -10.14 -18.61
C GLY A 652 -11.29 -11.06 -19.58
N GLY A 653 -11.92 -12.11 -19.07
CA GLY A 653 -12.42 -13.23 -19.89
C GLY A 653 -11.61 -14.48 -19.70
N ASN A 654 -10.32 -14.32 -19.42
CA ASN A 654 -9.40 -15.48 -19.22
C ASN A 654 -9.56 -16.06 -17.82
N SER A 655 -10.22 -15.38 -16.91
CA SER A 655 -10.41 -15.95 -15.57
C SER A 655 -11.11 -17.30 -15.74
N GLY A 656 -10.61 -18.29 -15.01
CA GLY A 656 -11.14 -19.64 -14.98
C GLY A 656 -10.46 -20.51 -16.04
N SER A 657 -9.61 -19.92 -16.92
CA SER A 657 -8.91 -20.71 -17.96
C SER A 657 -8.01 -21.75 -17.29
N PRO A 658 -7.94 -22.97 -17.83
CA PRO A 658 -7.06 -23.99 -17.29
C PRO A 658 -5.63 -23.63 -17.70
N VAL A 659 -4.72 -23.72 -16.74
CA VAL A 659 -3.28 -23.60 -17.02
C VAL A 659 -2.75 -25.03 -17.20
N LEU A 660 -2.22 -25.28 -18.36
CA LEU A 660 -1.74 -26.64 -18.75
C LEU A 660 -0.21 -26.66 -18.70
N ASP A 661 0.35 -27.78 -18.33
CA ASP A 661 1.80 -28.01 -18.35
C ASP A 661 2.18 -28.57 -19.72
N ALA A 662 3.45 -28.93 -19.83
CA ALA A 662 4.13 -29.44 -21.04
C ALA A 662 3.37 -30.64 -21.59
N ASN A 663 2.67 -31.38 -20.74
CA ASN A 663 1.95 -32.62 -21.11
C ASN A 663 0.44 -32.39 -21.21
N GLY A 664 -0.04 -31.14 -21.17
CA GLY A 664 -1.49 -30.87 -21.32
C GLY A 664 -2.26 -31.14 -20.03
N LYS A 665 -1.59 -31.28 -18.90
CA LYS A 665 -2.28 -31.57 -17.61
C LYS A 665 -2.54 -30.25 -16.90
N LEU A 666 -3.59 -30.23 -16.07
CA LEU A 666 -4.05 -29.01 -15.35
C LEU A 666 -3.14 -28.78 -14.15
N VAL A 667 -2.39 -27.68 -14.13
CA VAL A 667 -1.53 -27.31 -12.99
C VAL A 667 -2.14 -26.13 -12.23
N GLY A 668 -3.23 -25.56 -12.74
CA GLY A 668 -3.91 -24.48 -12.02
C GLY A 668 -4.94 -23.76 -12.88
N LEU A 669 -5.52 -22.70 -12.33
CA LEU A 669 -6.46 -21.83 -13.07
C LEU A 669 -5.88 -20.43 -13.12
N ALA A 670 -6.04 -19.80 -14.27
CA ALA A 670 -5.74 -18.38 -14.42
C ALA A 670 -6.77 -17.64 -13.58
N PHE A 671 -6.38 -16.58 -12.87
CA PHE A 671 -7.45 -15.77 -12.19
C PHE A 671 -7.17 -14.28 -12.19
N ASP A 672 -5.93 -13.85 -12.24
CA ASP A 672 -5.67 -12.38 -12.08
C ASP A 672 -4.34 -11.99 -12.73
N GLY A 673 -4.03 -10.73 -12.69
CA GLY A 673 -2.69 -10.23 -13.00
C GLY A 673 -2.15 -9.40 -11.90
N ASN A 674 -0.84 -9.23 -11.93
CA ASN A 674 -0.19 -8.32 -10.95
C ASN A 674 -0.51 -6.88 -11.31
N TRP A 675 -0.18 -5.96 -10.42
CA TRP A 675 -0.57 -4.54 -10.53
C TRP A 675 -0.04 -3.94 -11.85
N GLU A 676 1.20 -4.26 -12.22
CA GLU A 676 1.84 -3.66 -13.40
C GLU A 676 1.31 -4.25 -14.70
N SER A 677 0.64 -5.42 -14.68
CA SER A 677 0.09 -6.07 -15.90
C SER A 677 -1.09 -5.32 -16.51
N VAL A 678 -1.84 -4.51 -15.76
CA VAL A 678 -3.21 -4.16 -16.21
C VAL A 678 -3.13 -3.15 -17.36
N SER A 679 -2.07 -2.36 -17.46
CA SER A 679 -1.93 -1.39 -18.57
C SER A 679 -1.58 -2.12 -19.88
N SER A 680 -1.31 -3.44 -19.85
CA SER A 680 -1.01 -4.20 -21.07
C SER A 680 -2.27 -4.34 -21.93
N ASN A 681 -3.43 -3.99 -21.39
CA ASN A 681 -4.65 -3.85 -22.21
C ASN A 681 -4.40 -2.90 -23.38
N TRP A 682 -3.55 -1.88 -23.18
CA TRP A 682 -3.27 -0.80 -24.15
C TRP A 682 -1.86 -0.92 -24.73
N VAL A 683 -0.85 -1.16 -23.88
CA VAL A 683 0.57 -1.26 -24.31
C VAL A 683 1.21 -2.42 -23.56
N PHE A 684 1.51 -3.50 -24.25
CA PHE A 684 2.00 -4.75 -23.62
C PHE A 684 3.41 -4.49 -23.06
N ASP A 685 3.67 -4.88 -21.83
CA ASP A 685 5.01 -4.72 -21.20
C ASP A 685 5.53 -6.10 -20.83
N PRO A 686 6.47 -6.71 -21.56
CA PRO A 686 6.87 -8.08 -21.20
C PRO A 686 7.57 -8.19 -19.84
N VAL A 687 8.15 -7.09 -19.36
CA VAL A 687 9.03 -7.13 -18.16
C VAL A 687 8.16 -7.31 -16.91
N MET A 688 7.01 -6.65 -16.83
CA MET A 688 6.27 -6.68 -15.57
C MET A 688 4.85 -7.24 -15.79
N THR A 689 4.53 -7.79 -16.95
CA THR A 689 3.20 -8.42 -17.13
C THR A 689 3.31 -9.90 -16.72
N ARG A 690 2.57 -10.28 -15.68
CA ARG A 690 2.43 -11.70 -15.31
C ARG A 690 0.97 -12.08 -15.11
N MET A 691 0.70 -13.33 -15.42
CA MET A 691 -0.53 -14.00 -14.99
C MET A 691 -0.30 -14.47 -13.56
N ILE A 692 -1.33 -14.32 -12.74
CA ILE A 692 -1.45 -14.97 -11.40
C ILE A 692 -2.45 -16.13 -11.56
N ALA A 693 -2.01 -17.31 -11.17
CA ALA A 693 -2.83 -18.53 -11.23
C ALA A 693 -2.91 -19.12 -9.84
N VAL A 694 -3.94 -19.91 -9.62
CA VAL A 694 -4.07 -20.72 -8.39
C VAL A 694 -3.54 -22.12 -8.76
N ASP A 695 -2.64 -22.62 -7.94
CA ASP A 695 -2.00 -23.94 -8.16
C ASP A 695 -3.03 -25.05 -7.91
N SER A 696 -3.03 -26.04 -8.78
CA SER A 696 -3.95 -27.20 -8.70
C SER A 696 -3.71 -27.95 -7.37
N ARG A 697 -2.52 -27.81 -6.80
CA ARG A 697 -2.17 -28.47 -5.51
C ARG A 697 -2.88 -27.74 -4.36
N TYR A 698 -3.00 -26.43 -4.45
CA TYR A 698 -3.76 -25.66 -3.45
C TYR A 698 -5.24 -26.01 -3.52
N MET A 699 -5.78 -26.09 -4.71
CA MET A 699 -7.18 -26.52 -4.93
C MET A 699 -7.40 -27.86 -4.25
N GLN A 700 -6.54 -28.82 -4.49
CA GLN A 700 -6.68 -30.14 -3.84
C GLN A 700 -6.55 -29.98 -2.31
N TRP A 701 -5.57 -29.21 -1.85
CA TRP A 701 -5.26 -29.11 -0.41
C TRP A 701 -6.46 -28.48 0.32
N ILE A 702 -7.09 -27.47 -0.28
CA ILE A 702 -8.31 -26.86 0.29
C ILE A 702 -9.39 -27.95 0.40
N MET A 703 -9.52 -28.76 -0.65
CA MET A 703 -10.65 -29.72 -0.71
C MET A 703 -10.33 -30.92 0.20
N GLN A 704 -9.09 -31.01 0.67
CA GLN A 704 -8.66 -32.14 1.55
C GLN A 704 -8.72 -31.68 3.00
N GLU A 705 -8.17 -30.51 3.30
CA GLU A 705 -7.73 -30.16 4.68
C GLU A 705 -8.64 -29.06 5.21
N VAL A 706 -9.32 -28.30 4.36
CA VAL A 706 -10.01 -27.07 4.86
C VAL A 706 -11.52 -27.13 4.67
N ALA A 707 -11.99 -27.20 3.43
CA ALA A 707 -13.42 -27.20 3.04
C ALA A 707 -13.68 -28.46 2.24
N PRO A 708 -13.87 -29.59 2.94
CA PRO A 708 -13.77 -30.89 2.31
C PRO A 708 -14.80 -31.15 1.21
N ALA A 709 -14.34 -31.77 0.13
CA ALA A 709 -15.18 -32.25 -0.98
C ALA A 709 -14.70 -33.64 -1.31
N PRO A 710 -14.88 -34.65 -0.42
CA PRO A 710 -14.39 -36.00 -0.66
C PRO A 710 -14.95 -36.63 -1.94
N GLN A 711 -16.20 -36.30 -2.29
CA GLN A 711 -16.86 -36.83 -3.51
C GLN A 711 -16.19 -36.22 -4.75
N LEU A 712 -15.83 -34.95 -4.68
CA LEU A 712 -15.14 -34.28 -5.81
C LEU A 712 -13.74 -34.86 -5.97
N LEU A 713 -13.00 -35.04 -4.88
CA LEU A 713 -11.63 -35.58 -4.96
C LEU A 713 -11.69 -36.97 -5.60
N LYS A 714 -12.70 -37.76 -5.25
CA LYS A 714 -12.97 -39.09 -5.87
C LYS A 714 -13.19 -38.89 -7.37
N GLU A 715 -14.07 -37.98 -7.78
CA GLU A 715 -14.48 -37.78 -9.20
C GLU A 715 -13.28 -37.29 -10.00
N LEU A 716 -12.40 -36.50 -9.38
CA LEU A 716 -11.17 -35.99 -10.05
C LEU A 716 -10.01 -37.01 -10.04
N ASN A 717 -10.20 -38.19 -9.46
CA ASN A 717 -9.15 -39.24 -9.27
C ASN A 717 -7.96 -38.72 -8.44
N LEU A 718 -8.23 -37.96 -7.40
CA LEU A 718 -7.18 -37.38 -6.53
C LEU A 718 -7.20 -38.06 -5.16
N ALA A 719 -8.23 -38.83 -4.86
CA ALA A 719 -8.34 -39.58 -3.60
C ALA A 719 -8.84 -40.97 -3.96
N ALA B 23 23.95 -9.01 12.82
CA ALA B 23 23.91 -9.58 14.21
C ALA B 23 23.00 -8.81 15.16
N GLU B 24 22.30 -9.54 16.02
CA GLU B 24 21.59 -8.96 17.19
C GLU B 24 22.58 -8.27 18.14
N GLY B 25 22.16 -7.15 18.71
CA GLY B 25 22.80 -6.54 19.89
C GLY B 25 23.22 -5.10 19.62
N MET B 26 22.90 -4.25 20.59
CA MET B 26 23.44 -2.87 20.73
C MET B 26 24.51 -2.88 21.83
N TRP B 27 25.70 -3.30 21.43
CA TRP B 27 26.81 -3.70 22.32
C TRP B 27 27.47 -2.45 22.87
N VAL B 28 27.60 -2.36 24.20
CA VAL B 28 28.37 -1.24 24.81
C VAL B 28 29.85 -1.48 24.52
N PRO B 29 30.68 -0.42 24.42
CA PRO B 29 32.10 -0.57 24.06
C PRO B 29 32.82 -1.54 25.01
N GLN B 30 32.36 -1.67 26.25
CA GLN B 30 32.99 -2.55 27.28
C GLN B 30 32.75 -4.03 26.91
N GLN B 31 31.80 -4.31 26.00
CA GLN B 31 31.49 -5.70 25.59
C GLN B 31 32.27 -6.08 24.34
N LEU B 32 33.15 -5.21 23.82
CA LEU B 32 33.99 -5.54 22.63
C LEU B 32 34.69 -6.90 22.77
N PRO B 33 35.20 -7.32 23.95
CA PRO B 33 35.75 -8.68 24.08
C PRO B 33 34.78 -9.78 23.61
N GLU B 34 33.53 -9.72 24.07
CA GLU B 34 32.45 -10.67 23.74
C GLU B 34 32.22 -10.78 22.22
N ILE B 35 32.29 -9.68 21.47
CA ILE B 35 31.90 -9.64 20.02
C ILE B 35 33.16 -9.65 19.14
N ALA B 36 34.32 -9.62 19.78
CA ALA B 36 35.63 -9.64 19.09
C ALA B 36 35.60 -10.72 18.01
N GLY B 37 35.26 -11.96 18.37
CA GLY B 37 35.24 -13.13 17.47
C GLY B 37 34.14 -13.04 16.41
N PRO B 38 32.87 -12.87 16.80
CA PRO B 38 31.81 -12.61 15.82
C PRO B 38 32.17 -11.52 14.80
N LEU B 39 32.70 -10.38 15.26
CA LEU B 39 33.15 -9.25 14.38
C LEU B 39 34.10 -9.79 13.32
N GLN B 40 35.07 -10.61 13.74
CA GLN B 40 36.09 -11.21 12.84
C GLN B 40 35.37 -12.16 11.88
N LYS B 41 34.48 -13.02 12.39
CA LYS B 41 33.73 -13.99 11.53
C LYS B 41 32.99 -13.25 10.41
N ALA B 42 32.41 -12.09 10.73
CA ALA B 42 31.49 -11.35 9.83
C ALA B 42 32.31 -10.59 8.79
N GLY B 43 33.61 -10.35 9.05
CA GLY B 43 34.57 -9.82 8.06
C GLY B 43 35.31 -8.54 8.50
N LEU B 44 35.27 -8.15 9.77
CA LEU B 44 36.00 -6.95 10.24
C LEU B 44 37.51 -7.16 10.03
N LYS B 45 38.17 -6.23 9.32
CA LYS B 45 39.61 -6.32 8.97
C LYS B 45 40.44 -5.48 9.96
N LEU B 46 39.86 -4.44 10.56
CA LEU B 46 40.45 -3.75 11.73
C LEU B 46 40.52 -4.79 12.86
N SER B 47 41.39 -4.60 13.84
CA SER B 47 41.41 -5.44 15.05
C SER B 47 40.37 -4.90 16.03
N PRO B 48 39.68 -5.76 16.83
CA PRO B 48 38.68 -5.27 17.78
C PRO B 48 39.25 -4.26 18.79
N GLU B 49 40.56 -4.35 19.09
CA GLU B 49 41.26 -3.42 20.03
C GLU B 49 41.24 -1.99 19.46
N GLN B 50 41.34 -1.83 18.13
CA GLN B 50 41.27 -0.51 17.45
C GLN B 50 39.94 0.17 17.80
N LEU B 51 38.83 -0.59 17.93
CA LEU B 51 37.49 -0.04 18.28
C LEU B 51 37.41 0.20 19.79
N ALA B 52 38.15 -0.57 20.58
CA ALA B 52 38.27 -0.36 22.04
C ALA B 52 38.71 1.09 22.32
N ASN B 53 39.38 1.75 21.38
CA ASN B 53 39.88 3.14 21.58
C ASN B 53 38.83 4.14 21.10
N LEU B 54 38.08 4.69 22.06
CA LEU B 54 36.82 5.46 21.83
C LEU B 54 37.15 6.88 21.37
N THR B 55 38.28 7.46 21.84
CA THR B 55 38.77 8.81 21.42
C THR B 55 39.83 8.63 20.32
N GLY B 56 39.95 7.42 19.76
CA GLY B 56 40.93 7.09 18.71
C GLY B 56 40.27 6.91 17.35
N ASP B 57 40.98 6.33 16.38
CA ASP B 57 40.52 6.15 14.98
C ASP B 57 40.02 4.71 14.77
N PRO B 58 38.80 4.42 14.24
CA PRO B 58 37.82 5.40 13.75
C PRO B 58 36.75 5.95 14.71
N MET B 59 36.61 5.36 15.90
CA MET B 59 35.52 5.61 16.88
C MET B 59 35.51 7.08 17.33
N GLY B 60 36.67 7.76 17.38
CA GLY B 60 36.76 9.16 17.83
C GLY B 60 36.18 10.14 16.84
N ALA B 61 35.92 9.68 15.61
CA ALA B 61 35.27 10.44 14.53
C ALA B 61 33.74 10.47 14.74
N VAL B 62 33.22 9.60 15.60
CA VAL B 62 31.75 9.40 15.81
C VAL B 62 31.28 10.34 16.92
N VAL B 63 30.28 11.16 16.63
CA VAL B 63 29.73 12.18 17.56
C VAL B 63 28.23 11.98 17.75
N ALA B 64 27.75 12.51 18.87
CA ALA B 64 26.33 12.57 19.25
C ALA B 64 25.79 13.94 18.85
N LEU B 65 24.59 14.01 18.29
CA LEU B 65 23.93 15.32 18.06
C LEU B 65 22.85 15.55 19.14
N GLY B 66 22.55 14.55 19.96
CA GLY B 66 21.39 14.61 20.88
C GLY B 66 20.12 14.25 20.13
N GLY B 67 19.85 12.97 19.97
CA GLY B 67 18.68 12.47 19.21
C GLY B 67 19.09 11.90 17.86
N CYS B 68 20.29 12.24 17.39
CA CYS B 68 20.86 11.71 16.13
C CYS B 68 22.34 11.46 16.36
N THR B 69 22.95 10.68 15.47
CA THR B 69 24.39 10.42 15.42
C THR B 69 24.96 11.18 14.21
N ALA B 70 26.25 11.43 14.21
CA ALA B 70 26.95 12.05 13.08
C ALA B 70 28.40 11.62 13.16
N SER B 71 29.21 12.09 12.22
CA SER B 71 30.67 11.80 12.27
C SER B 71 31.45 12.93 11.59
N PHE B 72 32.65 13.18 12.10
CA PHE B 72 33.64 14.09 11.46
C PHE B 72 34.15 13.42 10.19
N VAL B 73 34.20 14.18 9.09
CA VAL B 73 34.64 13.68 7.75
C VAL B 73 35.68 14.63 7.10
N SER B 74 36.24 15.59 7.83
CA SER B 74 37.41 16.40 7.36
C SER B 74 38.16 16.94 8.57
N PRO B 75 39.46 17.31 8.39
CA PRO B 75 40.22 17.87 9.50
C PRO B 75 39.68 19.27 9.86
N GLN B 76 38.75 19.83 9.08
CA GLN B 76 38.16 21.16 9.38
C GLN B 76 36.71 21.00 9.91
N GLY B 77 36.47 19.98 10.74
CA GLY B 77 35.22 19.79 11.52
C GLY B 77 34.00 19.63 10.62
N LEU B 78 34.20 19.10 9.41
CA LEU B 78 33.05 18.81 8.52
C LEU B 78 32.35 17.59 9.14
N VAL B 79 31.04 17.69 9.28
CA VAL B 79 30.26 16.65 9.98
C VAL B 79 29.19 16.19 9.01
N VAL B 80 29.01 14.88 8.91
CA VAL B 80 27.96 14.31 8.03
C VAL B 80 26.95 13.55 8.91
N THR B 81 25.70 13.74 8.55
CA THR B 81 24.53 13.17 9.25
C THR B 81 23.43 13.02 8.22
N ASN B 82 22.26 12.56 8.63
CA ASN B 82 21.11 12.48 7.71
C ASN B 82 20.48 13.85 7.50
N HIS B 83 19.82 14.01 6.36
CA HIS B 83 18.96 15.17 6.06
C HIS B 83 17.86 15.27 7.13
N HIS B 84 17.23 14.16 7.54
CA HIS B 84 16.15 14.25 8.55
C HIS B 84 16.72 14.66 9.92
N CYS B 85 18.02 14.41 10.17
CA CYS B 85 18.68 14.85 11.42
C CYS B 85 18.92 16.36 11.35
N ALA B 86 19.21 16.87 10.15
CA ALA B 86 19.49 18.30 9.90
C ALA B 86 18.18 19.03 9.59
N TYR B 87 17.07 18.33 9.45
CA TYR B 87 15.78 18.93 9.00
C TYR B 87 15.37 20.11 9.90
N GLY B 88 15.55 19.98 11.21
CA GLY B 88 15.23 21.06 12.18
C GLY B 88 16.01 22.34 11.87
N ALA B 89 17.32 22.22 11.67
CA ALA B 89 18.26 23.30 11.26
C ALA B 89 17.83 23.92 9.94
N ILE B 90 17.54 23.08 8.95
CA ILE B 90 17.12 23.55 7.60
C ILE B 90 15.82 24.31 7.75
N GLN B 91 14.91 23.77 8.57
CA GLN B 91 13.55 24.33 8.79
C GLN B 91 13.72 25.70 9.46
N LEU B 92 14.62 25.80 10.43
CA LEU B 92 14.85 27.06 11.18
C LEU B 92 15.32 28.13 10.19
N ASN B 93 15.98 27.72 9.10
CA ASN B 93 16.61 28.66 8.12
C ASN B 93 15.72 28.85 6.92
N SER B 94 14.51 28.30 6.97
CA SER B 94 13.51 28.32 5.89
C SER B 94 12.43 29.37 6.18
N THR B 95 11.94 30.00 5.11
CA THR B 95 10.71 30.83 5.08
C THR B 95 9.82 30.36 3.92
N ALA B 96 8.59 30.83 3.83
CA ALA B 96 7.65 30.49 2.74
C ALA B 96 8.24 30.96 1.39
N GLN B 97 9.00 32.05 1.41
CA GLN B 97 9.61 32.70 0.23
C GLN B 97 10.94 32.00 -0.11
N LYS B 98 11.75 31.72 0.91
CA LYS B 98 13.11 31.11 0.76
C LYS B 98 13.12 29.78 1.52
N ASN B 99 12.55 28.74 0.93
CA ASN B 99 12.26 27.46 1.60
C ASN B 99 13.39 26.46 1.31
N LEU B 100 14.34 26.33 2.24
CA LEU B 100 15.55 25.48 2.09
C LEU B 100 15.21 23.98 2.22
N ILE B 101 14.10 23.64 2.88
CA ILE B 101 13.54 22.25 2.89
C ILE B 101 13.31 21.85 1.43
N LYS B 102 12.56 22.67 0.68
CA LYS B 102 12.24 22.41 -0.76
C LYS B 102 13.52 22.57 -1.60
N ASP B 103 14.23 23.72 -1.53
CA ASP B 103 15.28 24.06 -2.53
C ASP B 103 16.59 23.36 -2.18
N GLY B 104 16.78 22.95 -0.94
CA GLY B 104 18.11 22.53 -0.51
C GLY B 104 18.98 23.74 -0.27
N PHE B 105 20.25 23.50 0.04
CA PHE B 105 21.16 24.55 0.53
C PHE B 105 22.58 24.13 0.23
N ASN B 106 23.44 25.07 -0.16
CA ASN B 106 24.88 24.83 -0.31
C ASN B 106 25.63 26.09 0.15
N ALA B 107 26.68 25.90 0.94
CA ALA B 107 27.52 27.00 1.47
C ALA B 107 28.87 26.85 0.79
N PRO B 108 29.09 27.59 -0.33
CA PRO B 108 30.34 27.46 -1.09
C PRO B 108 31.58 27.82 -0.29
N THR B 109 31.43 28.72 0.70
CA THR B 109 32.51 29.25 1.57
C THR B 109 32.08 29.12 3.04
N LEU B 110 33.06 29.09 3.96
CA LEU B 110 32.86 29.04 5.43
C LEU B 110 31.85 30.12 5.85
N LYS B 111 31.90 31.30 5.21
CA LYS B 111 31.09 32.48 5.62
C LYS B 111 29.63 32.35 5.11
N ASP B 112 29.35 31.43 4.18
CA ASP B 112 27.97 31.16 3.69
C ASP B 112 27.25 30.15 4.60
N GLU B 113 27.95 29.46 5.50
CA GLU B 113 27.35 28.42 6.38
C GLU B 113 26.38 29.09 7.37
N LEU B 114 25.17 28.54 7.53
CA LEU B 114 24.10 29.14 8.38
C LEU B 114 24.12 28.51 9.77
N SER B 115 23.93 29.30 10.82
CA SER B 115 23.73 28.73 12.17
C SER B 115 22.63 27.66 12.10
N ALA B 116 22.89 26.47 12.65
CA ALA B 116 21.91 25.36 12.75
C ALA B 116 20.90 25.68 13.86
N GLY B 117 21.17 26.71 14.64
CA GLY B 117 20.23 27.16 15.67
C GLY B 117 20.91 27.08 17.03
N PRO B 118 20.44 27.89 18.00
CA PRO B 118 21.14 27.97 19.28
C PRO B 118 21.27 26.60 19.98
N ASN B 119 20.33 25.68 19.73
CA ASN B 119 20.28 24.41 20.51
C ASN B 119 20.89 23.26 19.71
N ALA B 120 21.32 23.49 18.47
CA ALA B 120 22.19 22.53 17.73
C ALA B 120 23.48 22.30 18.53
N ARG B 121 23.94 21.04 18.62
CA ARG B 121 25.19 20.63 19.32
C ARG B 121 25.91 19.54 18.55
N VAL B 122 27.21 19.43 18.76
CA VAL B 122 28.07 18.25 18.45
C VAL B 122 28.76 17.86 19.74
N PHE B 123 28.51 16.64 20.23
CA PHE B 123 29.17 16.03 21.41
C PHE B 123 30.27 15.10 20.94
N VAL B 124 31.50 15.40 21.36
CA VAL B 124 32.70 14.60 21.04
C VAL B 124 33.07 13.90 22.35
N LEU B 125 33.13 12.59 22.33
CA LEU B 125 33.33 11.76 23.54
C LEU B 125 34.71 12.08 24.12
N ASP B 126 34.75 12.51 25.39
CA ASP B 126 36.02 12.81 26.09
C ASP B 126 36.42 11.57 26.90
N GLN B 127 35.49 11.05 27.71
CA GLN B 127 35.76 9.99 28.71
C GLN B 127 34.46 9.33 29.19
N ILE B 128 34.57 8.05 29.53
CA ILE B 128 33.52 7.25 30.23
C ILE B 128 34.14 6.69 31.53
N THR B 129 33.47 6.84 32.66
CA THR B 129 33.93 6.14 33.88
C THR B 129 32.74 5.45 34.55
N ASP B 130 32.99 4.22 35.00
CA ASP B 130 32.02 3.38 35.74
C ASP B 130 31.89 3.93 37.17
N VAL B 131 30.67 4.27 37.60
CA VAL B 131 30.36 4.82 38.96
C VAL B 131 29.25 3.97 39.57
N THR B 132 29.19 2.68 39.22
CA THR B 132 28.11 1.75 39.66
C THR B 132 28.06 1.72 41.19
N ALA B 133 29.15 1.26 41.81
CA ALA B 133 29.29 1.14 43.29
C ALA B 133 28.76 2.40 43.98
N GLN B 134 29.24 3.59 43.59
CA GLN B 134 28.86 4.89 44.21
C GLN B 134 27.37 5.17 43.98
N ALA B 135 26.89 4.81 42.78
CA ALA B 135 25.48 5.02 42.39
C ALA B 135 24.63 4.20 43.36
N LYS B 136 24.98 2.92 43.51
CA LYS B 136 24.16 1.95 44.29
C LYS B 136 24.22 2.32 45.77
N ALA B 137 25.37 2.83 46.20
CA ALA B 137 25.59 3.29 47.60
C ALA B 137 24.67 4.49 47.87
N ALA B 138 24.67 5.48 46.97
CA ALA B 138 23.85 6.70 47.09
C ALA B 138 22.39 6.29 47.28
N ILE B 139 21.91 5.31 46.50
CA ILE B 139 20.50 4.83 46.56
C ILE B 139 20.32 4.12 47.92
N ALA B 140 21.21 3.17 48.26
CA ALA B 140 21.14 2.38 49.52
C ALA B 140 21.11 3.35 50.72
N GLY B 141 21.92 4.39 50.66
CA GLY B 141 22.11 5.37 51.75
C GLY B 141 20.84 6.12 52.06
N ALA B 142 19.94 6.31 51.11
CA ALA B 142 18.68 7.05 51.34
C ALA B 142 17.80 6.23 52.29
N GLY B 143 18.10 4.95 52.46
CA GLY B 143 17.23 3.97 53.14
C GLY B 143 16.03 3.65 52.26
N ASN B 144 14.83 3.69 52.84
CA ASN B 144 13.64 2.97 52.33
C ASN B 144 12.55 3.93 51.85
N ASP B 145 12.68 5.24 52.06
CA ASP B 145 11.67 6.20 51.56
C ASP B 145 11.80 6.32 50.04
N PRO B 146 10.79 5.87 49.24
CA PRO B 146 10.87 5.99 47.78
C PRO B 146 11.31 7.39 47.32
N LEU B 147 10.76 8.45 47.90
CA LEU B 147 11.05 9.85 47.50
C LEU B 147 12.51 10.15 47.84
N ALA B 148 13.03 9.61 48.94
CA ALA B 148 14.43 9.84 49.40
C ALA B 148 15.40 9.17 48.44
N ARG B 149 15.11 7.94 48.04
CA ARG B 149 15.94 7.16 47.08
C ARG B 149 16.05 7.94 45.77
N SER B 150 14.93 8.45 45.27
CA SER B 150 14.85 9.25 44.03
C SER B 150 15.69 10.52 44.20
N ARG B 151 15.43 11.28 45.26
CA ARG B 151 16.16 12.53 45.59
C ARG B 151 17.65 12.21 45.74
N ALA B 152 18.00 11.07 46.32
CA ALA B 152 19.41 10.69 46.58
C ALA B 152 20.10 10.42 45.24
N LEU B 153 19.40 9.75 44.30
CA LEU B 153 20.02 9.45 42.98
C LEU B 153 20.17 10.78 42.23
N ASP B 154 19.16 11.64 42.30
CA ASP B 154 19.16 12.95 41.62
C ASP B 154 20.37 13.71 42.11
N ALA B 155 20.62 13.71 43.44
CA ALA B 155 21.72 14.47 44.08
C ALA B 155 23.05 13.91 43.61
N PHE B 156 23.24 12.59 43.66
CA PHE B 156 24.47 11.91 43.16
C PHE B 156 24.70 12.28 41.68
N ASP B 157 23.64 12.28 40.87
CA ASP B 157 23.76 12.56 39.40
C ASP B 157 24.31 13.97 39.26
N LYS B 158 23.64 14.95 39.86
CA LYS B 158 23.98 16.39 39.82
C LYS B 158 25.44 16.60 40.31
N ALA B 159 25.85 15.92 41.39
CA ALA B 159 27.22 16.04 41.99
C ALA B 159 28.26 15.49 40.99
N GLN B 160 28.02 14.33 40.41
CA GLN B 160 28.97 13.72 39.43
C GLN B 160 29.08 14.61 38.19
N VAL B 161 27.96 15.16 37.73
CA VAL B 161 27.86 16.05 36.53
C VAL B 161 28.60 17.36 36.80
N ALA B 162 28.25 18.04 37.91
CA ALA B 162 28.85 19.34 38.30
C ALA B 162 30.38 19.23 38.31
N ALA B 163 30.90 18.16 38.94
CA ALA B 163 32.35 17.88 39.02
C ALA B 163 32.90 17.79 37.60
N CYS B 164 32.34 16.87 36.82
CA CYS B 164 32.79 16.51 35.44
C CYS B 164 32.73 17.71 34.47
N GLU B 165 31.81 18.66 34.66
CA GLU B 165 31.56 19.84 33.79
C GLU B 165 32.27 21.11 34.32
N ALA B 166 33.15 21.00 35.31
CA ALA B 166 33.79 22.17 35.96
C ALA B 166 34.68 22.90 34.93
N ASP B 167 35.48 22.14 34.18
CA ASP B 167 36.12 22.58 32.91
C ASP B 167 35.09 23.17 31.95
N ALA B 168 35.38 24.34 31.41
CA ALA B 168 34.49 25.25 30.63
C ALA B 168 33.69 24.50 29.54
N GLY B 169 34.35 23.74 28.66
CA GLY B 169 33.69 23.29 27.42
C GLY B 169 33.11 21.88 27.47
N PHE B 170 32.75 21.35 28.64
CA PHE B 170 32.29 19.94 28.75
C PHE B 170 30.83 19.83 29.19
N ARG B 171 30.17 18.81 28.66
CA ARG B 171 28.81 18.38 29.06
C ARG B 171 28.92 16.92 29.47
N CYS B 172 28.37 16.58 30.63
CA CYS B 172 28.47 15.20 31.14
C CYS B 172 27.05 14.68 31.31
N ARG B 173 26.94 13.36 31.36
CA ARG B 173 25.63 12.71 31.54
C ARG B 173 25.86 11.41 32.32
N LEU B 174 25.05 11.19 33.35
CA LEU B 174 25.03 9.87 34.02
C LEU B 174 24.06 8.97 33.24
N TYR B 175 24.53 7.80 32.83
CA TYR B 175 23.72 6.74 32.16
C TYR B 175 23.46 5.59 33.13
N SER B 176 22.20 5.20 33.29
CA SER B 176 21.78 3.94 33.94
C SER B 176 21.59 2.88 32.86
N PHE B 177 22.26 1.74 32.99
CA PHE B 177 22.17 0.56 32.11
C PHE B 177 21.47 -0.61 32.84
N SER B 178 20.82 -1.47 32.06
CA SER B 178 20.33 -2.80 32.51
C SER B 178 19.55 -2.64 33.81
N GLY B 179 18.66 -1.65 33.85
CA GLY B 179 17.65 -1.41 34.90
C GLY B 179 18.25 -0.80 36.16
N GLY B 180 19.49 -0.34 36.10
CA GLY B 180 20.22 0.26 37.23
C GLY B 180 21.26 -0.67 37.81
N ASN B 181 21.59 -1.76 37.10
CA ASN B 181 22.66 -2.71 37.51
C ASN B 181 24.03 -2.09 37.22
N THR B 182 24.10 -1.03 36.41
CA THR B 182 25.37 -0.40 35.99
C THR B 182 25.13 1.07 35.72
N TYR B 183 26.04 1.91 36.19
CA TYR B 183 26.01 3.35 35.92
C TYR B 183 27.38 3.77 35.41
N ARG B 184 27.36 4.65 34.43
CA ARG B 184 28.55 5.17 33.74
C ARG B 184 28.29 6.64 33.48
N LEU B 185 29.33 7.44 33.71
CA LEU B 185 29.31 8.89 33.52
C LEU B 185 30.05 9.13 32.22
N PHE B 186 29.39 9.80 31.29
CA PHE B 186 29.95 10.21 30.00
C PHE B 186 30.28 11.69 30.11
N ARG B 187 31.48 12.02 29.67
CA ARG B 187 32.06 13.38 29.62
C ARG B 187 32.30 13.71 28.16
N ASN B 188 31.66 14.78 27.68
CA ASN B 188 31.73 15.17 26.25
C ASN B 188 32.27 16.60 26.15
N MET B 189 33.09 16.87 25.15
CA MET B 189 33.25 18.24 24.62
C MET B 189 31.97 18.62 23.87
N GLU B 190 31.35 19.71 24.33
CA GLU B 190 30.06 20.27 23.87
C GLU B 190 30.38 21.39 22.89
N ILE B 191 30.34 21.10 21.58
CA ILE B 191 30.39 22.13 20.51
C ILE B 191 28.99 22.76 20.40
N LYS B 192 28.91 24.08 20.59
CA LYS B 192 27.66 24.87 20.72
C LYS B 192 27.44 25.77 19.49
N ASP B 193 28.38 25.74 18.53
CA ASP B 193 28.29 26.49 17.25
C ASP B 193 28.36 25.47 16.10
N VAL B 194 27.19 25.00 15.69
CA VAL B 194 27.01 24.08 14.53
C VAL B 194 26.38 24.88 13.39
N ARG B 195 26.94 24.74 12.19
CA ARG B 195 26.44 25.49 11.03
C ARG B 195 26.09 24.49 9.94
N LEU B 196 25.00 24.76 9.23
CA LEU B 196 24.59 24.00 8.02
C LEU B 196 25.53 24.35 6.87
N VAL B 197 26.03 23.33 6.19
CA VAL B 197 27.00 23.48 5.07
C VAL B 197 26.27 23.12 3.77
N TYR B 198 25.47 22.05 3.81
CA TYR B 198 24.87 21.43 2.61
C TYR B 198 23.70 20.54 3.00
N ALA B 199 22.56 20.82 2.40
CA ALA B 199 21.39 19.92 2.35
C ALA B 199 21.04 19.78 0.87
N PRO B 200 20.73 18.56 0.41
CA PRO B 200 20.15 18.42 -0.92
C PRO B 200 18.70 18.90 -0.87
N PRO B 201 18.07 19.10 -2.03
CA PRO B 201 16.63 19.38 -2.08
C PRO B 201 15.87 18.31 -1.27
N GLY B 202 14.79 18.70 -0.58
CA GLY B 202 13.89 17.80 0.16
C GLY B 202 13.45 16.61 -0.69
N SER B 203 13.34 16.79 -2.02
CA SER B 203 12.89 15.71 -2.94
C SER B 203 13.99 14.64 -3.08
N VAL B 204 15.22 14.95 -2.70
CA VAL B 204 16.33 13.96 -2.56
C VAL B 204 16.44 13.56 -1.09
N GLY B 205 16.60 14.56 -0.21
CA GLY B 205 16.81 14.33 1.23
C GLY B 205 15.74 13.43 1.82
N LYS B 206 14.51 13.58 1.32
CA LYS B 206 13.31 12.89 1.85
C LYS B 206 12.45 12.40 0.69
N PHE B 207 13.11 11.87 -0.34
CA PHE B 207 12.42 11.23 -1.47
C PHE B 207 11.50 10.15 -0.93
N GLY B 208 10.22 10.23 -1.31
CA GLY B 208 9.16 9.30 -0.94
C GLY B 208 8.45 9.70 0.33
N GLY B 209 8.96 10.70 1.05
CA GLY B 209 8.32 11.36 2.21
C GLY B 209 7.78 10.32 3.17
N ASP B 210 6.51 10.48 3.55
CA ASP B 210 5.85 9.61 4.55
C ASP B 210 5.37 8.31 3.91
N VAL B 211 5.33 8.25 2.58
CA VAL B 211 4.91 7.04 1.83
C VAL B 211 6.00 5.96 1.97
N ASP B 212 7.26 6.32 1.73
CA ASP B 212 8.41 5.38 1.76
C ASP B 212 9.01 5.33 3.16
N ASN B 213 8.55 6.15 4.09
CA ASN B 213 9.09 6.12 5.48
C ASN B 213 8.81 4.73 6.08
N TRP B 214 9.86 4.18 6.67
CA TRP B 214 9.86 2.82 7.29
C TRP B 214 9.69 1.75 6.23
N MET B 215 10.10 2.01 4.99
CA MET B 215 9.83 1.06 3.88
C MET B 215 11.09 0.77 3.10
N TRP B 216 11.21 -0.49 2.73
CA TRP B 216 12.05 -0.96 1.60
C TRP B 216 11.12 -1.50 0.51
N PRO B 217 11.41 -1.36 -0.80
CA PRO B 217 12.56 -0.62 -1.34
C PRO B 217 12.58 0.87 -1.05
N ARG B 218 13.78 1.41 -0.92
CA ARG B 218 13.99 2.80 -0.48
C ARG B 218 14.94 3.48 -1.45
N HIS B 219 14.67 4.74 -1.76
CA HIS B 219 15.45 5.50 -2.76
C HIS B 219 15.77 6.90 -2.23
N THR B 220 16.12 7.01 -0.94
CA THR B 220 16.17 8.31 -0.26
C THR B 220 17.64 8.71 -0.07
N GLY B 221 18.03 9.87 -0.60
CA GLY B 221 19.35 10.45 -0.35
C GLY B 221 19.39 11.17 0.98
N ASP B 222 19.35 10.41 2.07
CA ASP B 222 19.12 11.00 3.39
C ASP B 222 20.47 11.42 3.99
N PHE B 223 21.01 12.55 3.55
CA PHE B 223 22.32 13.06 4.04
C PHE B 223 22.27 14.58 4.01
N SER B 224 23.08 15.19 4.87
CA SER B 224 23.31 16.65 4.91
C SER B 224 24.63 16.81 5.64
N PHE B 225 25.26 17.97 5.52
CA PHE B 225 26.53 18.27 6.22
C PHE B 225 26.39 19.51 7.08
N TYR B 226 26.93 19.40 8.28
CA TYR B 226 27.21 20.49 9.25
C TYR B 226 28.71 20.78 9.26
N ARG B 227 29.07 21.90 9.89
CA ARG B 227 30.45 22.14 10.36
C ARG B 227 30.40 22.62 11.82
N ALA B 228 31.30 22.05 12.60
CA ALA B 228 31.50 22.32 14.03
C ALA B 228 32.51 23.48 14.16
N TYR B 229 32.09 24.55 14.85
CA TYR B 229 32.90 25.76 15.11
C TYR B 229 33.22 25.84 16.61
N VAL B 230 34.37 26.44 16.91
CA VAL B 230 34.80 26.76 18.29
C VAL B 230 35.28 28.22 18.27
N GLY B 231 35.57 28.80 19.44
CA GLY B 231 36.21 30.13 19.52
C GLY B 231 37.67 30.05 19.10
N LYS B 232 38.34 31.20 18.89
CA LYS B 232 39.78 31.25 18.50
C LYS B 232 40.67 30.63 19.58
N ASP B 233 40.31 30.69 20.87
CA ASP B 233 41.03 29.98 21.96
C ASP B 233 40.98 28.45 21.80
N GLY B 234 40.09 27.90 20.95
CA GLY B 234 39.98 26.45 20.71
C GLY B 234 38.92 25.80 21.58
N LYS B 235 38.09 26.60 22.23
CA LYS B 235 37.08 26.12 23.19
C LYS B 235 35.69 26.45 22.65
N PRO B 236 34.68 25.69 23.08
CA PRO B 236 33.34 25.86 22.52
C PRO B 236 32.80 27.26 22.84
N ALA B 237 32.11 27.88 21.89
CA ALA B 237 31.39 29.16 22.08
C ALA B 237 30.02 29.04 21.40
N ALA B 238 29.07 29.85 21.82
CA ALA B 238 27.82 30.04 21.05
C ALA B 238 28.20 30.69 19.71
N PHE B 239 27.25 30.73 18.77
CA PHE B 239 27.46 31.32 17.43
C PHE B 239 28.20 32.65 17.62
N ALA B 240 29.32 32.85 16.94
CA ALA B 240 29.94 34.18 16.76
C ALA B 240 30.60 34.23 15.39
N ALA B 241 30.53 35.39 14.73
CA ALA B 241 31.05 35.65 13.36
C ALA B 241 32.54 35.32 13.29
N ASP B 242 33.29 35.38 14.39
CA ASP B 242 34.76 35.15 14.32
C ASP B 242 35.10 33.80 14.95
N ASN B 243 34.08 32.98 15.25
CA ASN B 243 34.34 31.56 15.60
C ASN B 243 35.04 30.94 14.38
N VAL B 244 35.82 29.90 14.61
CA VAL B 244 36.52 29.21 13.49
C VAL B 244 36.14 27.72 13.55
N PRO B 245 36.34 26.95 12.47
CA PRO B 245 36.09 25.52 12.51
C PRO B 245 36.87 24.80 13.62
N TYR B 246 36.19 23.85 14.26
CA TYR B 246 36.81 22.82 15.11
C TYR B 246 37.76 22.02 14.24
N GLN B 247 38.80 21.46 14.86
CA GLN B 247 39.82 20.63 14.18
C GLN B 247 39.85 19.29 14.90
N PRO B 248 39.00 18.33 14.49
CA PRO B 248 38.92 17.05 15.20
C PRO B 248 40.24 16.29 15.08
N LYS B 249 40.57 15.47 16.06
CA LYS B 249 41.75 14.57 16.10
C LYS B 249 41.51 13.38 15.17
N HIS B 250 40.24 12.98 14.96
CA HIS B 250 39.91 11.87 14.03
C HIS B 250 38.66 12.20 13.19
N PHE B 251 38.70 11.74 11.96
CA PHE B 251 37.64 11.88 10.96
C PHE B 251 37.68 10.67 10.05
N LEU B 252 36.49 10.29 9.57
CA LEU B 252 36.32 9.07 8.75
C LEU B 252 36.70 9.45 7.32
N LYS B 253 37.24 8.50 6.56
CA LYS B 253 37.46 8.62 5.09
C LYS B 253 36.37 7.85 4.33
N PHE B 254 35.80 8.44 3.28
CA PHE B 254 34.86 7.76 2.36
C PHE B 254 35.56 6.51 1.82
N ALA B 255 34.79 5.42 1.68
CA ALA B 255 35.28 4.09 1.27
C ALA B 255 35.73 4.14 -0.21
N ASP B 256 36.85 3.48 -0.50
CA ASP B 256 37.40 3.32 -1.87
C ASP B 256 36.99 1.93 -2.42
N GLN B 257 36.87 0.91 -1.57
CA GLN B 257 36.32 -0.44 -1.92
C GLN B 257 34.80 -0.36 -2.15
N PRO B 258 34.31 -0.84 -3.31
CA PRO B 258 32.88 -0.80 -3.59
C PRO B 258 32.15 -1.80 -2.66
N LEU B 259 31.13 -1.30 -1.96
CA LEU B 259 30.30 -2.11 -1.02
C LEU B 259 29.40 -3.04 -1.83
N GLY B 260 29.46 -4.34 -1.51
CA GLY B 260 28.71 -5.38 -2.22
C GLY B 260 27.92 -6.27 -1.29
N ALA B 261 26.96 -7.00 -1.86
CA ALA B 261 26.16 -7.98 -1.09
C ALA B 261 27.11 -8.86 -0.30
N ASP B 262 26.78 -9.11 0.97
CA ASP B 262 27.49 -10.01 1.90
C ASP B 262 28.69 -9.30 2.54
N ASP B 263 29.03 -8.06 2.20
CA ASP B 263 30.19 -7.37 2.81
C ASP B 263 29.87 -7.07 4.26
N PHE B 264 30.91 -7.06 5.08
CA PHE B 264 30.85 -6.68 6.50
C PHE B 264 30.48 -5.20 6.58
N VAL B 265 29.58 -4.86 7.48
CA VAL B 265 29.31 -3.44 7.82
C VAL B 265 29.18 -3.39 9.32
N MET B 266 29.44 -2.22 9.89
CA MET B 266 29.23 -1.95 11.31
C MET B 266 28.80 -0.52 11.43
N VAL B 267 28.20 -0.26 12.57
CA VAL B 267 27.68 1.08 12.94
C VAL B 267 28.04 1.28 14.41
N ALA B 268 28.56 2.46 14.71
CA ALA B 268 28.67 2.99 16.07
C ALA B 268 27.77 4.22 16.12
N GLY B 269 27.07 4.41 17.23
CA GLY B 269 26.17 5.55 17.36
C GLY B 269 25.40 5.48 18.64
N TYR B 270 24.35 6.28 18.72
CA TYR B 270 23.71 6.65 20.00
C TYR B 270 22.23 6.27 19.97
N PRO B 271 21.91 4.95 19.97
CA PRO B 271 20.52 4.52 20.00
C PRO B 271 19.87 5.09 21.27
N GLY B 272 18.67 5.62 21.15
CA GLY B 272 17.93 6.28 22.25
C GLY B 272 17.39 5.26 23.26
N ARG B 273 16.34 4.51 22.90
CA ARG B 273 15.60 3.72 23.90
C ARG B 273 15.14 2.43 23.21
N THR B 274 15.46 1.26 23.74
CA THR B 274 14.73 0.01 23.42
C THR B 274 14.12 -0.54 24.70
N ASN B 275 13.24 -1.52 24.56
CA ASN B 275 12.37 -1.99 25.67
C ASN B 275 12.40 -3.52 25.74
N ARG B 276 13.46 -4.14 25.26
CA ARG B 276 13.53 -5.62 25.20
C ARG B 276 13.48 -6.23 26.61
N TYR B 277 13.87 -5.50 27.65
CA TYR B 277 13.83 -6.00 29.06
C TYR B 277 12.57 -5.50 29.77
N ALA B 278 11.61 -4.90 29.06
CA ALA B 278 10.32 -4.47 29.66
C ALA B 278 9.65 -5.70 30.26
N LEU B 279 8.89 -5.47 31.32
CA LEU B 279 7.93 -6.46 31.83
C LEU B 279 6.79 -6.70 30.83
N ALA B 280 6.21 -7.90 30.87
CA ALA B 280 5.13 -8.32 29.97
C ALA B 280 3.99 -7.31 30.05
N GLY B 281 3.65 -6.82 31.25
CA GLY B 281 2.59 -5.84 31.48
C GLY B 281 2.90 -4.47 30.87
N GLU B 282 4.15 -4.03 30.92
CA GLU B 282 4.57 -2.76 30.28
C GLU B 282 4.34 -2.90 28.76
N PHE B 283 4.75 -4.01 28.15
CA PHE B 283 4.52 -4.30 26.71
C PHE B 283 3.02 -4.31 26.38
N ASN B 284 2.22 -4.93 27.24
CA ASN B 284 0.75 -5.12 27.02
C ASN B 284 0.05 -3.75 27.04
N GLU B 285 0.40 -2.87 27.98
CA GLU B 285 -0.14 -1.48 28.06
C GLU B 285 0.27 -0.73 26.78
N THR B 286 1.52 -0.90 26.33
CA THR B 286 2.02 -0.13 25.16
C THR B 286 1.26 -0.59 23.91
N ALA B 287 1.18 -1.90 23.69
CA ALA B 287 0.50 -2.52 22.53
C ALA B 287 -0.99 -2.19 22.57
N SER B 288 -1.62 -2.21 23.74
CA SER B 288 -3.11 -2.22 23.81
C SER B 288 -3.62 -0.78 23.91
N PHE B 289 -2.85 0.13 24.50
CA PHE B 289 -3.27 1.53 24.70
C PHE B 289 -2.33 2.54 24.02
N THR B 290 -1.07 2.62 24.44
CA THR B 290 -0.19 3.76 24.13
C THR B 290 -0.06 3.93 22.62
N TYR B 291 0.38 2.90 21.92
CA TYR B 291 0.65 2.99 20.46
C TYR B 291 -0.60 3.24 19.64
N PRO B 292 -1.69 2.49 19.80
CA PRO B 292 -2.88 2.74 18.99
C PRO B 292 -3.47 4.13 19.24
N THR B 293 -3.45 4.58 20.50
CA THR B 293 -4.06 5.86 20.93
C THR B 293 -3.25 7.00 20.31
N ILE B 294 -1.93 7.02 20.51
CA ILE B 294 -1.06 8.07 19.93
C ILE B 294 -1.17 8.06 18.39
N ALA B 295 -1.14 6.91 17.72
CA ALA B 295 -1.21 6.86 16.25
C ALA B 295 -2.54 7.51 15.80
N LYS B 296 -3.64 7.19 16.48
CA LYS B 296 -4.99 7.69 16.11
C LYS B 296 -5.00 9.21 16.20
N HIS B 297 -4.61 9.76 17.33
CA HIS B 297 -4.64 11.24 17.59
C HIS B 297 -3.59 11.96 16.71
N TYR B 298 -2.37 11.44 16.57
CA TYR B 298 -1.35 12.08 15.71
C TYR B 298 -1.84 12.11 14.25
N ASN B 299 -2.45 11.03 13.77
CA ASN B 299 -3.00 10.98 12.40
C ASN B 299 -4.04 12.10 12.27
N ALA B 300 -4.83 12.35 13.30
CA ALA B 300 -5.91 13.36 13.24
C ALA B 300 -5.30 14.76 13.20
N VAL B 301 -4.35 15.01 14.09
CA VAL B 301 -3.60 16.30 14.16
C VAL B 301 -2.85 16.53 12.85
N LEU B 302 -2.23 15.50 12.27
CA LEU B 302 -1.44 15.67 11.02
C LEU B 302 -2.32 16.14 9.87
N LYS B 303 -3.52 15.57 9.73
CA LYS B 303 -4.55 15.96 8.72
C LYS B 303 -4.85 17.46 8.88
N MET B 304 -5.02 17.92 10.13
CA MET B 304 -5.25 19.34 10.52
C MET B 304 -4.09 20.22 10.09
N ILE B 305 -2.85 19.82 10.39
CA ILE B 305 -1.64 20.61 10.01
C ILE B 305 -1.52 20.61 8.48
N ALA B 306 -1.78 19.48 7.81
CA ALA B 306 -1.75 19.42 6.33
C ALA B 306 -2.78 20.41 5.75
N ASP B 307 -3.99 20.43 6.30
CA ASP B 307 -5.08 21.32 5.83
C ASP B 307 -4.67 22.78 6.04
N ALA B 308 -4.16 23.12 7.23
CA ALA B 308 -3.73 24.48 7.61
C ALA B 308 -2.55 24.91 6.75
N GLY B 309 -1.58 24.03 6.50
CA GLY B 309 -0.41 24.34 5.66
C GLY B 309 -0.82 24.58 4.21
N LYS B 310 -1.87 23.89 3.74
CA LYS B 310 -2.38 24.05 2.36
C LYS B 310 -2.99 25.46 2.22
N ALA B 311 -3.66 25.96 3.26
CA ALA B 311 -4.29 27.30 3.32
C ALA B 311 -3.24 28.41 3.51
N ASP B 312 -2.08 28.11 4.09
CA ASP B 312 -1.12 29.15 4.56
C ASP B 312 0.31 28.61 4.45
N ALA B 313 1.08 29.05 3.45
CA ALA B 313 2.47 28.59 3.21
C ALA B 313 3.36 28.86 4.42
N ASP B 314 3.07 29.90 5.21
CA ASP B 314 3.84 30.23 6.45
C ASP B 314 3.60 29.13 7.51
N VAL B 315 2.38 28.63 7.62
CA VAL B 315 2.08 27.50 8.55
C VAL B 315 2.82 26.25 8.04
N LYS B 316 2.75 25.96 6.73
CA LYS B 316 3.43 24.76 6.17
C LYS B 316 4.90 24.74 6.59
N VAL B 317 5.64 25.83 6.37
CA VAL B 317 7.09 25.86 6.68
C VAL B 317 7.31 25.82 8.19
N LYS B 318 6.55 26.61 8.95
CA LYS B 318 6.78 26.74 10.42
C LYS B 318 6.49 25.40 11.13
N TYR B 319 5.56 24.58 10.63
CA TYR B 319 5.12 23.32 11.29
C TYR B 319 5.72 22.09 10.58
N ALA B 320 6.64 22.29 9.64
CA ALA B 320 7.23 21.20 8.82
C ALA B 320 7.92 20.17 9.71
N ALA B 321 8.69 20.61 10.70
CA ALA B 321 9.52 19.73 11.54
C ALA B 321 8.61 18.95 12.51
N THR B 322 7.54 19.59 12.97
CA THR B 322 6.57 18.97 13.89
C THR B 322 5.78 17.90 13.14
N ALA B 323 5.31 18.26 11.95
CA ALA B 323 4.59 17.34 11.06
C ALA B 323 5.48 16.12 10.81
N ALA B 324 6.74 16.35 10.44
CA ALA B 324 7.70 15.30 10.03
C ALA B 324 7.85 14.32 11.21
N SER B 325 8.06 14.87 12.38
CA SER B 325 8.27 14.09 13.62
C SER B 325 6.98 13.31 13.97
N MET B 326 5.84 13.97 13.95
CA MET B 326 4.58 13.28 14.33
C MET B 326 4.27 12.19 13.31
N ASN B 327 4.52 12.43 12.03
CA ASN B 327 4.27 11.43 10.96
C ASN B 327 5.15 10.20 11.23
N ASN B 328 6.40 10.45 11.57
CA ASN B 328 7.41 9.40 11.82
C ASN B 328 6.98 8.53 12.99
N VAL B 329 6.52 9.14 14.07
CA VAL B 329 6.07 8.39 15.27
C VAL B 329 4.78 7.59 14.95
N ALA B 330 3.76 8.23 14.38
CA ALA B 330 2.46 7.61 14.04
C ALA B 330 2.65 6.36 13.17
N LYS B 331 3.48 6.49 12.13
CA LYS B 331 3.71 5.38 11.20
C LYS B 331 4.56 4.33 11.91
N ASN B 332 5.51 4.75 12.75
CA ASN B 332 6.36 3.78 13.49
C ASN B 332 5.45 2.92 14.37
N TYR B 333 4.54 3.55 15.07
CA TYR B 333 3.66 2.87 16.04
C TYR B 333 2.76 1.87 15.30
N LEU B 334 2.26 2.25 14.12
CA LEU B 334 1.37 1.35 13.33
C LEU B 334 2.23 0.17 12.88
N GLY B 335 3.48 0.41 12.51
CA GLY B 335 4.44 -0.65 12.18
C GLY B 335 4.69 -1.57 13.38
N GLN B 336 4.89 -1.00 14.57
CA GLN B 336 5.19 -1.84 15.77
C GLN B 336 4.01 -2.76 16.05
N LEU B 337 2.80 -2.23 16.00
CA LEU B 337 1.56 -3.01 16.28
C LEU B 337 1.47 -4.15 15.26
N GLU B 338 1.73 -3.90 13.99
CA GLU B 338 1.72 -4.97 12.97
C GLU B 338 2.82 -5.99 13.25
N GLY B 339 4.00 -5.52 13.64
CA GLY B 339 5.14 -6.42 13.89
C GLY B 339 4.87 -7.33 15.09
N PHE B 340 4.25 -6.79 16.12
CA PHE B 340 3.88 -7.57 17.32
C PHE B 340 2.98 -8.72 16.91
N LYS B 341 2.03 -8.47 15.98
CA LYS B 341 1.11 -9.52 15.47
C LYS B 341 1.91 -10.51 14.64
N ARG B 342 2.89 -10.07 13.86
CA ARG B 342 3.71 -10.94 12.95
C ARG B 342 4.51 -12.01 13.75
N ILE B 343 5.07 -11.63 14.89
CA ILE B 343 6.02 -12.46 15.69
C ILE B 343 5.35 -12.95 16.98
N ASP B 344 4.07 -12.63 17.20
CA ASP B 344 3.34 -12.87 18.48
C ASP B 344 4.21 -12.34 19.62
N ALA B 345 4.46 -11.03 19.62
CA ALA B 345 5.24 -10.37 20.70
C ALA B 345 4.56 -10.62 22.04
N ALA B 346 3.23 -10.50 22.15
CA ALA B 346 2.50 -10.69 23.43
C ALA B 346 2.80 -12.08 23.98
N GLY B 347 2.75 -13.12 23.15
CA GLY B 347 3.07 -14.52 23.54
C GLY B 347 4.52 -14.64 23.99
N GLN B 348 5.44 -14.05 23.24
CA GLN B 348 6.88 -14.21 23.54
C GLN B 348 7.17 -13.58 24.91
N LYS B 349 6.58 -12.43 25.21
CA LYS B 349 6.80 -11.69 26.47
C LYS B 349 6.24 -12.54 27.62
N GLN B 350 5.02 -13.03 27.45
CA GLN B 350 4.35 -13.90 28.45
C GLN B 350 5.22 -15.14 28.69
N ALA B 351 5.68 -15.79 27.65
CA ALA B 351 6.46 -17.06 27.74
C ALA B 351 7.81 -16.82 28.44
N GLU B 352 8.52 -15.72 28.11
CA GLU B 352 9.84 -15.40 28.71
C GLU B 352 9.68 -15.13 30.20
N GLU B 353 8.74 -14.27 30.55
CA GLU B 353 8.46 -13.86 31.94
C GLU B 353 8.19 -15.12 32.75
N ALA B 354 7.25 -15.96 32.31
CA ALA B 354 6.92 -17.23 32.99
C ALA B 354 8.18 -18.14 33.07
N ALA B 355 9.03 -18.14 32.04
CA ALA B 355 10.26 -18.97 32.05
C ALA B 355 11.27 -18.45 33.08
N VAL B 356 11.42 -17.13 33.19
CA VAL B 356 12.37 -16.50 34.15
C VAL B 356 11.91 -16.90 35.56
N LEU B 357 10.63 -16.70 35.88
CA LEU B 357 10.06 -16.94 37.25
C LEU B 357 10.20 -18.42 37.63
N ALA B 358 9.99 -19.36 36.69
CA ALA B 358 10.09 -20.83 36.91
C ALA B 358 11.56 -21.18 37.16
N TRP B 359 12.46 -20.58 36.35
CA TRP B 359 13.92 -20.76 36.51
C TRP B 359 14.37 -20.22 37.87
N LEU B 360 13.91 -19.03 38.27
CA LEU B 360 14.27 -18.45 39.60
C LEU B 360 13.84 -19.39 40.74
N LYS B 361 12.69 -20.07 40.61
CA LYS B 361 12.18 -20.97 41.68
C LYS B 361 13.06 -22.24 41.77
N LYS B 362 13.90 -22.53 40.77
CA LYS B 362 14.85 -23.69 40.81
C LYS B 362 16.17 -23.25 41.46
N GLN B 363 16.44 -21.95 41.64
CA GLN B 363 17.77 -21.44 42.05
C GLN B 363 17.88 -21.35 43.58
N GLY B 364 16.92 -21.91 44.33
CA GLY B 364 16.94 -21.90 45.81
C GLY B 364 17.02 -20.49 46.39
N ALA B 365 17.93 -20.26 47.34
CA ALA B 365 18.08 -18.96 48.03
C ALA B 365 18.42 -17.87 47.00
N ALA B 366 19.25 -18.19 46.01
CA ALA B 366 19.71 -17.23 44.98
C ALA B 366 18.50 -16.61 44.26
N GLY B 367 17.38 -17.34 44.13
CA GLY B 367 16.22 -16.88 43.32
C GLY B 367 15.33 -15.89 44.06
N LYS B 368 15.34 -15.88 45.41
CA LYS B 368 14.26 -15.25 46.22
C LYS B 368 14.23 -13.73 46.06
N PRO B 369 15.39 -13.02 46.03
CA PRO B 369 15.40 -11.56 45.89
C PRO B 369 14.79 -11.10 44.56
N ALA B 370 15.05 -11.81 43.47
CA ALA B 370 14.54 -11.46 42.13
C ALA B 370 13.05 -11.82 42.04
N LEU B 371 12.63 -12.93 42.66
CA LEU B 371 11.18 -13.31 42.68
C LEU B 371 10.42 -12.22 43.46
N ALA B 372 10.98 -11.76 44.58
CA ALA B 372 10.36 -10.70 45.43
C ALA B 372 10.35 -9.34 44.70
N ALA B 373 11.44 -9.02 43.98
CA ALA B 373 11.57 -7.83 43.11
C ALA B 373 10.47 -7.86 42.07
N HIS B 374 10.34 -8.96 41.32
CA HIS B 374 9.26 -9.11 40.32
C HIS B 374 7.91 -8.72 40.95
N ALA B 375 7.62 -9.21 42.15
CA ALA B 375 6.32 -9.01 42.84
C ALA B 375 6.13 -7.52 43.13
N GLN B 376 7.19 -6.84 43.61
CA GLN B 376 7.24 -5.37 43.87
C GLN B 376 6.95 -4.62 42.55
N LEU B 377 7.60 -4.98 41.44
CA LEU B 377 7.41 -4.31 40.11
C LEU B 377 5.97 -4.54 39.61
N LEU B 378 5.51 -5.78 39.66
CA LEU B 378 4.19 -6.20 39.14
C LEU B 378 3.13 -5.33 39.83
N LYS B 379 3.30 -5.12 41.13
CA LYS B 379 2.39 -4.35 42.01
C LYS B 379 2.20 -2.92 41.49
N HIS B 380 3.25 -2.29 40.97
CA HIS B 380 3.26 -0.84 40.63
C HIS B 380 3.14 -0.63 39.11
N LEU B 381 2.45 -1.53 38.40
CA LEU B 381 2.15 -1.34 36.96
C LEU B 381 0.82 -0.58 36.82
N ASP B 382 -0.28 -1.26 36.43
CA ASP B 382 -1.59 -0.62 36.10
C ASP B 382 -2.07 0.22 37.29
N THR B 383 -1.91 1.55 37.18
CA THR B 383 -2.48 2.57 38.09
C THR B 383 -2.93 3.75 37.21
N SER B 384 -3.53 3.43 36.05
CA SER B 384 -3.61 4.36 34.89
C SER B 384 -4.91 4.20 34.10
N LYS B 385 -5.39 2.97 33.85
CA LYS B 385 -6.59 2.69 33.01
C LYS B 385 -7.61 3.83 33.15
N SER B 386 -7.70 4.36 34.39
CA SER B 386 -8.61 5.46 34.82
C SER B 386 -8.18 6.81 34.20
N THR B 387 -6.90 7.14 34.29
CA THR B 387 -6.38 8.53 34.08
C THR B 387 -5.56 8.65 32.78
N ARG B 388 -5.31 7.57 32.06
CA ARG B 388 -4.31 7.58 30.95
C ARG B 388 -4.81 8.47 29.80
N GLU B 389 -6.09 8.41 29.44
CA GLU B 389 -6.62 9.28 28.34
C GLU B 389 -6.48 10.76 28.77
N ARG B 390 -6.93 11.10 29.99
CA ARG B 390 -6.85 12.47 30.55
C ARG B 390 -5.40 12.97 30.55
N ASP B 391 -4.47 12.18 31.09
CA ASP B 391 -3.03 12.54 31.18
C ASP B 391 -2.49 12.76 29.76
N LEU B 392 -2.87 11.92 28.80
CA LEU B 392 -2.40 12.14 27.41
C LEU B 392 -2.91 13.49 26.90
N PHE B 393 -4.23 13.72 26.97
CA PHE B 393 -4.85 14.90 26.32
C PHE B 393 -4.38 16.20 27.01
N VAL B 394 -4.37 16.24 28.34
CA VAL B 394 -3.93 17.43 29.12
C VAL B 394 -2.43 17.65 28.87
N GLY B 395 -1.62 16.59 28.96
CA GLY B 395 -0.19 16.61 28.59
C GLY B 395 0.00 17.23 27.21
N GLN B 396 -0.76 16.79 26.22
CA GLN B 396 -0.56 17.34 24.87
C GLN B 396 -0.98 18.80 24.89
N PHE B 397 -2.12 19.14 25.47
CA PHE B 397 -2.59 20.54 25.54
C PHE B 397 -1.51 21.41 26.16
N ASN B 398 -0.95 20.97 27.29
CA ASN B 398 0.08 21.73 28.06
C ASN B 398 1.38 21.87 27.26
N ASN B 399 1.58 21.07 26.22
CA ASN B 399 2.83 21.08 25.44
C ASN B 399 2.56 21.77 24.10
N THR B 400 1.40 22.44 23.93
CA THR B 400 1.19 23.37 22.79
C THR B 400 2.12 24.56 23.04
N SER B 401 2.37 25.40 22.03
CA SER B 401 3.52 26.35 22.06
C SER B 401 3.37 27.41 23.15
N ALA B 402 2.32 28.24 23.08
CA ALA B 402 2.12 29.38 23.99
C ALA B 402 1.98 28.80 25.39
N VAL B 403 1.10 27.81 25.57
CA VAL B 403 0.85 27.26 26.93
C VAL B 403 2.13 26.61 27.44
N GLY B 404 2.83 25.84 26.59
CA GLY B 404 4.02 25.09 27.05
C GLY B 404 5.17 26.05 27.38
N ALA B 405 5.30 27.15 26.62
CA ALA B 405 6.26 28.25 26.94
C ALA B 405 5.91 28.83 28.33
N ALA B 406 4.63 29.16 28.55
CA ALA B 406 4.12 29.78 29.81
C ALA B 406 4.50 28.89 30.99
N ILE B 407 4.23 27.58 30.88
CA ILE B 407 4.56 26.60 31.93
C ILE B 407 6.07 26.59 32.15
N THR B 408 6.88 26.40 31.11
CA THR B 408 8.36 26.33 31.25
C THR B 408 8.89 27.62 31.89
N LEU B 409 8.39 28.78 31.47
CA LEU B 409 8.89 30.11 31.93
C LEU B 409 8.53 30.31 33.41
N TYR B 410 7.28 30.02 33.80
CA TYR B 410 6.84 30.14 35.21
C TYR B 410 7.65 29.16 36.06
N ARG B 411 7.77 27.91 35.59
CA ARG B 411 8.57 26.87 36.28
C ARG B 411 9.99 27.37 36.52
N LEU B 412 10.66 27.89 35.48
CA LEU B 412 12.05 28.42 35.67
C LEU B 412 12.06 29.51 36.75
N SER B 413 11.08 30.43 36.77
CA SER B 413 11.02 31.57 37.73
C SER B 413 10.94 30.99 39.13
N ILE B 414 10.23 29.86 39.30
CA ILE B 414 10.10 29.13 40.60
C ILE B 414 11.45 28.52 40.98
N GLU B 415 12.12 27.86 40.03
CA GLU B 415 13.38 27.12 40.30
C GLU B 415 14.50 28.13 40.52
N ARG B 416 14.45 29.28 39.86
CA ARG B 416 15.57 30.26 39.93
C ARG B 416 15.84 30.63 41.39
N SER B 417 14.77 30.76 42.20
CA SER B 417 14.80 31.24 43.62
C SER B 417 15.35 30.16 44.56
N LYS B 418 15.52 28.93 44.07
CA LYS B 418 16.18 27.82 44.81
C LYS B 418 17.67 27.88 44.55
N PRO B 419 18.51 27.31 45.46
CA PRO B 419 19.91 27.04 45.19
C PRO B 419 20.03 26.13 43.97
N ASP B 420 21.11 26.29 43.19
CA ASP B 420 21.25 25.58 41.90
C ASP B 420 21.05 24.08 42.14
N ALA B 421 21.65 23.52 43.20
CA ALA B 421 21.77 22.07 43.40
C ALA B 421 20.41 21.43 43.72
N GLU B 422 19.41 22.22 44.10
CA GLU B 422 18.05 21.78 44.52
C GLU B 422 17.03 22.16 43.44
N ARG B 423 17.52 22.73 42.34
CA ARG B 423 16.67 23.05 41.17
C ARG B 423 16.42 21.75 40.40
N GLU B 424 15.20 21.58 39.92
CA GLU B 424 14.78 20.44 39.06
C GLU B 424 15.74 20.36 37.87
N ALA B 425 16.31 19.17 37.61
CA ALA B 425 17.06 18.82 36.38
C ALA B 425 16.35 19.44 35.17
N GLY B 426 17.10 20.04 34.24
CA GLY B 426 16.56 20.82 33.12
C GLY B 426 16.23 22.26 33.47
N TYR B 427 16.25 22.64 34.75
CA TYR B 427 15.94 24.04 35.15
C TYR B 427 17.12 24.63 35.92
N GLN B 428 18.31 24.04 35.77
CA GLN B 428 19.55 24.44 36.47
C GLN B 428 20.32 25.46 35.62
N GLU B 429 21.44 25.97 36.15
CA GLU B 429 22.29 27.00 35.50
C GLU B 429 22.74 26.48 34.14
N ARG B 430 23.25 25.25 34.16
CA ARG B 430 23.78 24.50 32.99
C ARG B 430 22.71 24.25 31.91
N ASP B 431 21.43 24.59 32.14
CA ASP B 431 20.28 24.32 31.22
C ASP B 431 19.71 25.63 30.69
N LEU B 432 20.15 26.76 31.24
CA LEU B 432 19.52 28.07 30.94
C LEU B 432 19.56 28.36 29.44
N THR B 433 20.68 28.02 28.81
CA THR B 433 21.04 28.40 27.41
C THR B 433 20.13 27.58 26.46
N THR B 434 19.90 26.32 26.83
CA THR B 434 19.01 25.39 26.15
C THR B 434 17.57 25.88 26.30
N ILE B 435 17.18 26.32 27.51
CA ILE B 435 15.80 26.87 27.70
C ILE B 435 15.63 28.10 26.80
N GLU B 436 16.60 29.00 26.79
CA GLU B 436 16.54 30.26 26.00
C GLU B 436 16.53 29.92 24.51
N GLY B 437 17.33 28.94 24.10
CA GLY B 437 17.37 28.42 22.72
C GLY B 437 16.00 27.98 22.26
N GLY B 438 15.27 27.22 23.08
CA GLY B 438 13.90 26.76 22.76
C GLY B 438 12.96 27.94 22.57
N LEU B 439 13.11 28.98 23.37
CA LEU B 439 12.22 30.16 23.24
C LEU B 439 12.47 30.84 21.88
N LYS B 440 13.73 30.88 21.45
CA LYS B 440 14.14 31.50 20.16
C LYS B 440 13.66 30.64 18.98
N GLN B 441 13.86 29.34 19.07
CA GLN B 441 13.51 28.37 18.00
C GLN B 441 12.00 28.39 17.80
N MET B 442 11.23 28.62 18.88
CA MET B 442 9.76 28.71 18.75
C MET B 442 9.38 29.77 17.70
N ASP B 443 10.19 30.81 17.54
CA ASP B 443 9.90 31.93 16.60
C ASP B 443 9.70 31.37 15.19
N ARG B 444 10.38 30.28 14.85
CA ARG B 444 10.36 29.72 13.47
C ARG B 444 9.41 28.53 13.43
N ARG B 445 8.60 28.33 14.47
CA ARG B 445 7.79 27.09 14.63
C ARG B 445 6.43 27.41 15.24
N TYR B 446 5.98 28.65 15.13
CA TYR B 446 4.73 29.11 15.78
C TYR B 446 3.95 29.97 14.81
N VAL B 447 2.67 29.66 14.68
CA VAL B 447 1.64 30.55 14.10
C VAL B 447 0.40 30.43 14.99
N ALA B 448 -0.15 31.56 15.44
CA ALA B 448 -1.21 31.60 16.47
C ALA B 448 -2.39 30.73 16.01
N LYS B 449 -2.83 30.88 14.76
CA LYS B 449 -4.05 30.18 14.29
C LYS B 449 -3.82 28.66 14.32
N MET B 450 -2.60 28.20 14.03
CA MET B 450 -2.25 26.76 14.07
C MET B 450 -2.19 26.30 15.53
N ASP B 451 -1.49 27.02 16.40
CA ASP B 451 -1.45 26.69 17.86
C ASP B 451 -2.89 26.65 18.42
N GLN B 452 -3.79 27.49 17.92
CA GLN B 452 -5.21 27.49 18.40
C GLN B 452 -5.87 26.18 17.95
N GLN B 453 -5.65 25.72 16.72
CA GLN B 453 -6.25 24.47 16.20
C GLN B 453 -5.66 23.30 17.02
N LEU B 454 -4.39 23.35 17.44
CA LEU B 454 -3.78 22.26 18.26
C LEU B 454 -4.40 22.28 19.66
N GLN B 455 -4.53 23.45 20.27
CA GLN B 455 -5.20 23.58 21.60
C GLN B 455 -6.63 23.05 21.49
N THR B 456 -7.36 23.43 20.44
CA THR B 456 -8.76 23.02 20.20
C THR B 456 -8.79 21.49 20.07
N TYR B 457 -7.91 20.92 19.24
CA TYR B 457 -7.89 19.44 19.06
C TYR B 457 -7.80 18.75 20.43
N TRP B 458 -6.80 19.06 21.24
CA TRP B 458 -6.50 18.30 22.47
C TRP B 458 -7.54 18.61 23.54
N LEU B 459 -7.97 19.87 23.65
CA LEU B 459 -9.11 20.22 24.54
C LEU B 459 -10.35 19.43 24.11
N ASP B 460 -10.60 19.26 22.81
CA ASP B 460 -11.81 18.57 22.29
C ASP B 460 -11.77 17.12 22.78
N GLN B 461 -10.58 16.51 22.84
CA GLN B 461 -10.43 15.09 23.28
C GLN B 461 -10.73 15.05 24.78
N TYR B 462 -10.25 16.02 25.54
CA TYR B 462 -10.50 16.10 27.00
C TYR B 462 -12.02 16.20 27.28
N VAL B 463 -12.72 17.13 26.63
CA VAL B 463 -14.16 17.37 26.93
C VAL B 463 -15.02 16.20 26.46
N ALA B 464 -14.51 15.32 25.60
CA ALA B 464 -15.26 14.13 25.15
C ALA B 464 -15.22 13.04 26.23
N LEU B 465 -14.30 13.12 27.19
CA LEU B 465 -14.13 12.06 28.22
C LEU B 465 -15.38 11.98 29.09
N PRO B 466 -15.73 10.77 29.60
CA PRO B 466 -16.76 10.65 30.63
C PRO B 466 -16.48 11.58 31.84
N ALA B 467 -17.55 12.06 32.49
CA ALA B 467 -17.49 12.98 33.66
C ALA B 467 -16.43 12.50 34.67
N ALA B 468 -16.47 11.21 35.03
CA ALA B 468 -15.58 10.61 36.04
C ALA B 468 -14.11 10.81 35.66
N GLN B 469 -13.76 10.72 34.37
CA GLN B 469 -12.37 10.90 33.85
C GLN B 469 -12.03 12.39 33.64
N ARG B 470 -13.01 13.27 33.44
CA ARG B 470 -12.75 14.73 33.26
C ARG B 470 -12.57 15.42 34.61
N ASP B 471 -11.51 15.11 35.34
CA ASP B 471 -11.36 15.61 36.73
C ASP B 471 -10.12 16.49 36.85
N ASN B 472 -9.70 17.16 35.77
CA ASN B 472 -8.66 18.22 35.88
C ASN B 472 -9.34 19.50 36.36
N GLU B 473 -9.15 19.85 37.62
CA GLU B 473 -9.93 20.94 38.29
C GLU B 473 -9.77 22.28 37.53
N VAL B 474 -8.52 22.68 37.31
CA VAL B 474 -8.19 23.98 36.66
C VAL B 474 -8.82 24.01 35.27
N LEU B 475 -8.67 22.94 34.49
CA LEU B 475 -9.12 22.95 33.07
C LEU B 475 -10.64 23.03 33.05
N ASN B 476 -11.30 22.25 33.90
CA ASN B 476 -12.79 22.28 34.03
C ASN B 476 -13.23 23.71 34.36
N LYS B 477 -12.52 24.38 35.28
CA LYS B 477 -12.87 25.77 35.68
C LYS B 477 -12.72 26.68 34.47
N TRP B 478 -11.61 26.56 33.72
CA TRP B 478 -11.32 27.45 32.57
C TRP B 478 -12.26 27.13 31.41
N LEU B 479 -12.66 25.87 31.23
CA LEU B 479 -13.62 25.50 30.16
C LEU B 479 -15.03 26.01 30.52
N ALA B 480 -15.48 25.85 31.78
CA ALA B 480 -16.87 26.19 32.19
C ALA B 480 -17.85 25.47 31.24
N GLY B 481 -17.65 24.18 31.01
CA GLY B 481 -18.40 23.44 30.00
C GLY B 481 -17.57 22.31 29.47
N SER B 482 -18.19 21.47 28.65
CA SER B 482 -17.64 20.17 28.23
C SER B 482 -18.03 19.90 26.79
N ASP B 483 -18.01 20.94 25.93
CA ASP B 483 -18.37 20.81 24.50
C ASP B 483 -17.52 21.74 23.63
N ALA B 484 -17.71 21.67 22.30
CA ALA B 484 -16.95 22.45 21.28
C ALA B 484 -17.00 23.95 21.63
N ALA B 485 -18.16 24.45 22.07
CA ALA B 485 -18.35 25.88 22.41
C ALA B 485 -17.50 26.24 23.65
N ALA B 486 -17.45 25.39 24.69
CA ALA B 486 -16.61 25.61 25.89
C ALA B 486 -15.16 25.72 25.43
N VAL B 487 -14.73 24.80 24.58
CA VAL B 487 -13.31 24.78 24.10
C VAL B 487 -13.05 26.09 23.35
N LYS B 488 -13.93 26.43 22.42
CA LYS B 488 -13.78 27.64 21.55
C LYS B 488 -13.68 28.86 22.47
N SER B 489 -14.49 28.87 23.53
CA SER B 489 -14.43 29.94 24.55
C SER B 489 -13.02 30.03 25.14
N LEU B 490 -12.44 28.92 25.59
CA LEU B 490 -11.11 28.95 26.26
C LEU B 490 -10.01 29.29 25.24
N VAL B 491 -10.10 28.75 24.02
CA VAL B 491 -9.08 29.04 22.97
C VAL B 491 -9.15 30.55 22.66
N ASN B 492 -10.35 31.13 22.53
CA ASN B 492 -10.53 32.61 22.41
C ASN B 492 -9.77 33.33 23.51
N LYS B 493 -10.02 32.96 24.77
CA LYS B 493 -9.36 33.52 25.98
C LYS B 493 -7.84 33.44 25.84
N LEU B 494 -7.32 32.24 25.58
CA LEU B 494 -5.85 32.04 25.51
C LEU B 494 -5.25 32.81 24.32
N GLY B 495 -6.05 33.12 23.30
CA GLY B 495 -5.57 33.89 22.15
C GLY B 495 -5.08 35.26 22.58
N GLY B 496 -5.64 35.77 23.67
CA GLY B 496 -5.17 37.01 24.32
C GLY B 496 -3.68 37.00 24.64
N THR B 497 -2.99 35.86 24.71
CA THR B 497 -1.58 35.80 25.22
C THR B 497 -0.63 36.69 24.40
N GLU B 498 0.47 37.11 25.02
CA GLU B 498 1.57 37.92 24.40
C GLU B 498 2.71 36.98 24.00
N LEU B 499 2.63 35.70 24.40
CA LEU B 499 3.80 34.79 24.42
C LEU B 499 4.17 34.32 23.00
N GLY B 500 3.32 34.63 22.03
CA GLY B 500 3.59 34.45 20.59
C GLY B 500 4.74 35.32 20.12
N SER B 501 5.05 36.41 20.82
CA SER B 501 6.16 37.33 20.46
C SER B 501 7.45 36.82 21.11
N LEU B 502 8.50 36.65 20.29
CA LEU B 502 9.84 36.21 20.75
C LEU B 502 10.33 37.13 21.89
N ASP B 503 10.23 38.45 21.69
CA ASP B 503 10.78 39.47 22.63
C ASP B 503 10.01 39.37 23.94
N THR B 504 8.70 39.09 23.90
CA THR B 504 7.88 38.85 25.10
C THR B 504 8.38 37.59 25.82
N ARG B 505 8.58 36.48 25.10
CA ARG B 505 9.09 35.24 25.74
C ARG B 505 10.44 35.52 26.43
N LEU B 506 11.35 36.24 25.78
CA LEU B 506 12.72 36.43 26.34
C LEU B 506 12.69 37.36 27.58
N LYS B 507 11.75 38.31 27.64
CA LYS B 507 11.51 39.12 28.87
C LYS B 507 11.11 38.16 30.02
N TRP B 508 10.06 37.35 29.81
CA TRP B 508 9.54 36.38 30.81
C TRP B 508 10.64 35.43 31.26
N PHE B 509 11.58 35.12 30.37
CA PHE B 509 12.77 34.26 30.64
C PHE B 509 13.53 34.81 31.84
N LYS B 510 13.61 36.14 31.99
CA LYS B 510 14.47 36.77 33.02
C LYS B 510 13.61 37.34 34.15
N ALA B 511 12.27 37.27 34.05
CA ALA B 511 11.32 37.78 35.06
C ALA B 511 11.32 36.87 36.32
N ASP B 512 10.98 37.43 37.49
CA ASP B 512 10.92 36.64 38.76
C ASP B 512 9.49 36.13 38.98
N ARG B 513 9.34 35.27 39.99
CA ARG B 513 8.06 34.60 40.31
C ARG B 513 6.92 35.63 40.39
N ALA B 514 7.15 36.76 41.07
CA ALA B 514 6.08 37.73 41.42
C ALA B 514 5.48 38.32 40.14
N ALA B 515 6.32 38.59 39.13
CA ALA B 515 5.90 39.17 37.83
C ALA B 515 4.91 38.19 37.17
N PHE B 516 5.25 36.91 37.19
CA PHE B 516 4.38 35.83 36.67
C PHE B 516 3.02 35.90 37.37
N GLU B 517 3.06 35.96 38.70
CA GLU B 517 1.85 35.83 39.55
C GLU B 517 0.99 37.09 39.44
N ALA B 518 1.60 38.21 39.01
CA ALA B 518 0.95 39.51 38.76
C ALA B 518 0.36 39.58 37.33
N SER B 519 0.76 38.70 36.41
CA SER B 519 0.41 38.84 34.97
C SER B 519 -1.09 38.60 34.76
N ASN B 520 -1.71 39.41 33.92
CA ASN B 520 -3.08 39.16 33.38
C ASN B 520 -3.02 38.54 31.97
N ASP B 521 -1.86 38.08 31.50
CA ASP B 521 -1.69 37.31 30.23
C ASP B 521 -2.32 35.94 30.45
N PRO B 522 -3.33 35.53 29.66
CA PRO B 522 -4.12 34.35 29.99
C PRO B 522 -3.29 33.07 30.00
N ALA B 523 -2.21 32.99 29.21
CA ALA B 523 -1.31 31.80 29.17
C ALA B 523 -0.48 31.75 30.45
N ILE B 524 0.03 32.88 30.94
CA ILE B 524 0.81 32.92 32.22
C ILE B 524 -0.11 32.51 33.37
N GLN B 525 -1.35 33.03 33.35
CA GLN B 525 -2.41 32.76 34.37
C GLN B 525 -2.73 31.27 34.36
N TYR B 526 -2.84 30.67 33.17
CA TYR B 526 -3.11 29.22 33.06
C TYR B 526 -1.95 28.47 33.68
N ALA B 527 -0.72 28.81 33.30
CA ALA B 527 0.50 28.20 33.87
C ALA B 527 0.47 28.30 35.40
N VAL B 528 0.20 29.49 35.94
CA VAL B 528 0.27 29.74 37.41
C VAL B 528 -0.74 28.81 38.10
N ALA B 529 -1.93 28.73 37.51
CA ALA B 529 -3.10 27.93 37.98
C ALA B 529 -2.82 26.41 37.99
N VAL B 530 -2.20 25.85 36.93
CA VAL B 530 -1.89 24.39 36.86
C VAL B 530 -0.66 24.03 37.68
N MET B 531 0.22 24.97 38.02
CA MET B 531 1.58 24.59 38.49
C MET B 531 1.52 23.74 39.75
N PRO B 532 0.65 24.03 40.75
CA PRO B 532 0.63 23.22 41.98
C PRO B 532 0.30 21.74 41.70
N ALA B 533 -0.72 21.52 40.87
CA ALA B 533 -1.13 20.15 40.47
C ALA B 533 0.02 19.49 39.68
N LEU B 534 0.75 20.22 38.81
CA LEU B 534 1.91 19.68 38.04
C LEU B 534 2.99 19.19 39.01
N LEU B 535 3.29 19.99 40.03
CA LEU B 535 4.42 19.69 40.96
C LEU B 535 4.07 18.47 41.83
N LYS B 536 2.79 18.29 42.17
CA LYS B 536 2.33 17.09 42.93
C LYS B 536 2.50 15.86 42.04
N GLN B 537 2.01 15.93 40.80
CA GLN B 537 2.13 14.85 39.77
C GLN B 537 3.61 14.44 39.63
N GLU B 538 4.52 15.42 39.63
CA GLU B 538 5.99 15.19 39.51
C GLU B 538 6.57 14.50 40.77
N GLU B 539 6.09 14.88 41.95
CA GLU B 539 6.49 14.20 43.21
C GLU B 539 5.99 12.74 43.17
N GLN B 540 4.75 12.50 42.73
CA GLN B 540 4.19 11.13 42.64
C GLN B 540 5.01 10.32 41.63
N LYS B 541 5.47 10.94 40.54
CA LYS B 541 6.37 10.30 39.54
C LYS B 541 7.66 9.87 40.27
N LYS B 542 8.30 10.77 41.02
CA LYS B 542 9.60 10.48 41.69
C LYS B 542 9.43 9.36 42.71
N ILE B 543 8.29 9.33 43.40
CA ILE B 543 7.94 8.24 44.37
C ILE B 543 7.94 6.92 43.59
N ARG B 544 7.17 6.85 42.49
CA ARG B 544 7.05 5.63 41.64
C ARG B 544 8.44 5.20 41.11
N GLU B 545 9.29 6.15 40.75
CA GLU B 545 10.67 5.83 40.31
C GLU B 545 11.49 5.34 41.51
N GLY B 546 11.24 5.87 42.71
CA GLY B 546 11.96 5.47 43.94
C GLY B 546 11.62 4.05 44.36
N GLU B 547 10.33 3.69 44.31
CA GLU B 547 9.84 2.32 44.63
C GLU B 547 10.53 1.29 43.72
N SER B 548 11.01 1.69 42.54
CA SER B 548 11.49 0.78 41.47
C SER B 548 13.02 0.61 41.46
N LEU B 549 13.76 1.50 42.10
CA LEU B 549 15.23 1.69 41.90
C LEU B 549 16.06 0.49 42.37
N THR B 550 15.55 -0.36 43.26
CA THR B 550 16.28 -1.55 43.77
C THR B 550 15.65 -2.83 43.17
N ALA B 551 14.32 -2.87 43.09
CA ALA B 551 13.57 -4.00 42.50
C ALA B 551 14.01 -4.22 41.03
N ARG B 552 14.02 -3.15 40.22
CA ARG B 552 14.25 -3.27 38.76
C ARG B 552 15.59 -3.92 38.47
N PRO B 553 16.72 -3.46 39.03
CA PRO B 553 18.00 -4.12 38.77
C PRO B 553 17.95 -5.61 39.13
N LEU B 554 17.35 -5.96 40.25
CA LEU B 554 17.35 -7.36 40.73
C LEU B 554 16.61 -8.26 39.73
N TYR B 555 15.40 -7.85 39.36
CA TYR B 555 14.60 -8.63 38.40
C TYR B 555 15.27 -8.60 37.02
N LEU B 556 15.76 -7.46 36.51
CA LEU B 556 16.38 -7.45 35.15
C LEU B 556 17.70 -8.25 35.10
N GLN B 557 18.49 -8.27 36.18
CA GLN B 557 19.70 -9.12 36.24
C GLN B 557 19.30 -10.60 36.12
N ALA B 558 18.18 -11.02 36.73
CA ALA B 558 17.69 -12.42 36.65
C ALA B 558 17.31 -12.71 35.20
N VAL B 559 16.61 -11.78 34.55
CA VAL B 559 16.24 -12.01 33.14
C VAL B 559 17.52 -12.22 32.33
N ALA B 560 18.52 -11.38 32.56
CA ALA B 560 19.79 -11.41 31.81
C ALA B 560 20.54 -12.74 32.10
N ASP B 561 20.56 -13.13 33.36
CA ASP B 561 21.11 -14.43 33.85
C ASP B 561 20.30 -15.56 33.20
N TYR B 562 18.97 -15.45 33.16
CA TYR B 562 18.15 -16.49 32.50
C TYR B 562 18.51 -16.55 31.00
N LYS B 563 18.57 -15.40 30.32
CA LYS B 563 18.95 -15.37 28.87
C LYS B 563 20.33 -16.01 28.66
N LYS B 564 21.33 -15.68 29.47
CA LYS B 564 22.68 -16.28 29.36
C LYS B 564 22.56 -17.81 29.47
N SER B 565 21.78 -18.31 30.45
CA SER B 565 21.54 -19.76 30.68
C SER B 565 21.01 -20.41 29.39
N GLN B 566 20.15 -19.71 28.64
CA GLN B 566 19.58 -20.22 27.37
C GLN B 566 20.49 -19.94 26.17
N GLY B 567 21.68 -19.38 26.36
CA GLY B 567 22.60 -19.09 25.24
C GLY B 567 22.07 -17.98 24.34
N GLU B 568 21.27 -17.06 24.87
CA GLU B 568 20.77 -15.87 24.11
C GLU B 568 21.75 -14.70 24.33
N PHE B 569 21.78 -13.76 23.39
CA PHE B 569 22.65 -12.57 23.43
C PHE B 569 22.17 -11.68 24.57
N VAL B 570 23.11 -11.22 25.39
CA VAL B 570 22.85 -10.33 26.54
C VAL B 570 23.55 -9.00 26.28
N TYR B 571 22.78 -7.92 26.23
CA TYR B 571 23.27 -6.54 25.97
C TYR B 571 22.20 -5.62 26.54
N PRO B 572 22.57 -4.45 27.05
CA PRO B 572 21.59 -3.55 27.67
C PRO B 572 20.62 -2.92 26.67
N ASP B 573 19.39 -2.61 27.09
CA ASP B 573 18.47 -1.80 26.26
C ASP B 573 19.17 -0.48 25.94
N ALA B 574 18.93 0.07 24.75
CA ALA B 574 19.47 1.40 24.38
C ALA B 574 19.09 2.40 25.47
N ASN B 575 19.97 3.37 25.74
CA ASN B 575 19.75 4.41 26.77
C ASN B 575 20.42 5.74 26.40
N LEU B 576 20.50 6.06 25.10
CA LEU B 576 21.15 7.29 24.55
C LEU B 576 22.69 7.28 24.61
N SER B 577 23.33 6.18 25.01
CA SER B 577 24.81 6.06 25.08
C SER B 577 25.35 5.33 23.85
N LEU B 578 26.67 5.38 23.65
CA LEU B 578 27.37 4.83 22.47
C LEU B 578 27.23 3.32 22.42
N ARG B 579 26.90 2.77 21.25
CA ARG B 579 26.79 1.30 21.02
C ARG B 579 27.41 0.93 19.68
N ILE B 580 27.77 -0.33 19.57
CA ILE B 580 28.33 -0.91 18.34
C ILE B 580 27.35 -2.00 17.88
N THR B 581 27.06 -2.04 16.57
CA THR B 581 26.31 -3.16 15.95
C THR B 581 27.04 -3.52 14.66
N PHE B 582 26.98 -4.77 14.25
CA PHE B 582 27.67 -5.23 13.03
C PHE B 582 26.88 -6.37 12.42
N GLY B 583 27.23 -6.67 11.18
CA GLY B 583 26.55 -7.67 10.36
C GLY B 583 27.01 -7.53 8.94
N ASN B 584 26.16 -7.90 7.99
CA ASN B 584 26.55 -7.96 6.57
C ASN B 584 25.45 -7.34 5.72
N VAL B 585 25.83 -6.87 4.54
CA VAL B 585 24.87 -6.35 3.55
C VAL B 585 24.02 -7.52 3.11
N MET B 586 22.73 -7.45 3.40
CA MET B 586 21.84 -8.56 2.99
C MET B 586 20.41 -8.06 2.93
N GLY B 587 19.65 -8.66 2.02
CA GLY B 587 18.21 -8.42 1.92
C GLY B 587 17.47 -9.28 2.92
N TYR B 588 16.18 -9.43 2.67
CA TYR B 588 15.28 -10.24 3.51
C TYR B 588 14.09 -10.67 2.64
N GLY B 589 13.18 -11.44 3.18
CA GLY B 589 12.03 -11.86 2.36
C GLY B 589 10.78 -12.11 3.16
N LYS B 590 9.71 -12.30 2.41
CA LYS B 590 8.44 -12.80 2.95
C LYS B 590 7.82 -13.61 1.83
N ASP B 591 6.71 -14.27 2.08
CA ASP B 591 6.17 -15.20 1.07
C ASP B 591 5.95 -14.46 -0.25
N GLY B 592 6.52 -15.01 -1.34
CA GLY B 592 6.35 -14.50 -2.71
C GLY B 592 7.30 -13.37 -3.06
N VAL B 593 8.21 -13.00 -2.16
CA VAL B 593 9.05 -11.79 -2.40
C VAL B 593 10.39 -11.92 -1.69
N LYS B 594 11.43 -11.57 -2.44
CA LYS B 594 12.80 -11.41 -1.93
C LYS B 594 13.21 -9.99 -2.16
N TYR B 595 13.58 -9.29 -1.09
CA TYR B 595 14.07 -7.91 -1.19
C TYR B 595 15.58 -8.00 -1.43
N THR B 596 16.07 -7.31 -2.46
CA THR B 596 17.51 -7.38 -2.77
C THR B 596 18.19 -6.30 -1.95
N PRO B 597 19.50 -6.45 -1.66
CA PRO B 597 20.15 -5.58 -0.70
C PRO B 597 20.40 -4.15 -1.20
N PHE B 598 20.34 -3.84 -2.51
CA PHE B 598 20.58 -2.47 -3.04
C PHE B 598 19.40 -1.97 -3.87
N THR B 599 19.17 -0.67 -3.83
CA THR B 599 18.42 0.07 -4.85
C THR B 599 19.46 0.82 -5.70
N THR B 600 19.01 1.38 -6.82
CA THR B 600 19.88 1.98 -7.85
C THR B 600 19.18 3.23 -8.42
N LEU B 601 19.90 4.00 -9.22
CA LEU B 601 19.42 5.31 -9.73
C LEU B 601 18.11 5.10 -10.49
N GLU B 602 18.04 4.05 -11.30
CA GLU B 602 16.89 3.78 -12.20
C GLU B 602 15.68 3.56 -11.31
N GLY B 603 15.89 3.05 -10.09
CA GLY B 603 14.79 2.86 -9.12
C GLY B 603 14.21 4.17 -8.67
N VAL B 604 15.03 5.23 -8.56
CA VAL B 604 14.57 6.59 -8.17
C VAL B 604 13.69 7.15 -9.30
N ALA B 605 14.19 7.09 -10.54
CA ALA B 605 13.49 7.57 -11.75
C ALA B 605 12.16 6.84 -11.92
N ALA B 606 12.14 5.51 -11.71
CA ALA B 606 10.90 4.70 -11.85
C ALA B 606 9.80 5.16 -10.87
N LYS B 607 10.16 5.80 -9.76
CA LYS B 607 9.14 6.28 -8.78
C LYS B 607 8.65 7.70 -9.09
N GLU B 608 9.17 8.34 -10.15
CA GLU B 608 8.84 9.76 -10.48
C GLU B 608 7.35 9.91 -10.78
N THR B 609 6.67 10.86 -10.14
CA THR B 609 5.27 11.24 -10.48
C THR B 609 5.16 12.74 -10.79
N GLY B 610 6.24 13.51 -10.59
CA GLY B 610 6.23 14.99 -10.64
C GLY B 610 5.41 15.64 -9.53
N GLU B 611 4.91 14.84 -8.57
CA GLU B 611 4.09 15.30 -7.40
C GLU B 611 4.80 14.91 -6.10
N ASP B 612 4.87 15.82 -5.13
CA ASP B 612 5.45 15.56 -3.78
C ASP B 612 4.84 14.26 -3.28
N PRO B 613 5.57 13.27 -2.71
CA PRO B 613 7.03 13.31 -2.47
C PRO B 613 7.91 12.58 -3.51
N PHE B 614 7.36 12.40 -4.71
CA PHE B 614 8.03 11.62 -5.78
C PHE B 614 8.35 12.57 -6.92
N ASP B 615 8.97 13.69 -6.59
CA ASP B 615 9.20 14.81 -7.54
C ASP B 615 10.70 15.11 -7.51
N SER B 616 11.52 14.25 -8.09
CA SER B 616 12.98 14.39 -8.03
C SER B 616 13.36 15.65 -8.79
N PRO B 617 14.55 16.23 -8.51
CA PRO B 617 15.06 17.36 -9.27
C PRO B 617 15.24 16.97 -10.73
N LYS B 618 14.91 17.90 -11.63
CA LYS B 618 15.04 17.73 -13.10
C LYS B 618 16.45 17.21 -13.42
N ALA B 619 17.46 17.68 -12.70
CA ALA B 619 18.87 17.33 -12.95
C ALA B 619 19.11 15.87 -12.60
N LEU B 620 18.40 15.33 -11.60
CA LEU B 620 18.60 13.90 -11.22
C LEU B 620 18.03 13.04 -12.35
N LEU B 621 16.78 13.29 -12.74
CA LEU B 621 16.08 12.58 -13.85
C LEU B 621 16.89 12.66 -15.15
N ASP B 622 17.37 13.86 -15.52
CA ASP B 622 18.21 14.05 -16.73
C ASP B 622 19.46 13.19 -16.59
N ALA B 623 20.09 13.16 -15.42
CA ALA B 623 21.35 12.42 -15.24
C ALA B 623 21.09 10.92 -15.39
N VAL B 624 19.98 10.43 -14.81
CA VAL B 624 19.66 8.99 -14.81
C VAL B 624 19.34 8.59 -16.25
N LYS B 625 18.44 9.33 -16.89
CA LYS B 625 18.02 9.11 -18.30
C LYS B 625 19.27 8.98 -19.16
N ALA B 626 20.31 9.80 -18.92
CA ALA B 626 21.58 9.87 -19.69
C ALA B 626 22.66 8.93 -19.15
N LYS B 627 22.38 8.13 -18.11
CA LYS B 627 23.35 7.21 -17.47
C LYS B 627 24.66 7.92 -17.16
N ARG B 628 24.59 9.20 -16.77
CA ARG B 628 25.70 9.93 -16.14
C ARG B 628 25.91 9.33 -14.74
N TYR B 629 26.73 8.31 -14.63
CA TYR B 629 26.99 7.56 -13.39
C TYR B 629 28.15 8.19 -12.63
N GLY B 630 28.75 9.24 -13.21
CA GLY B 630 29.83 10.03 -12.61
C GLY B 630 30.92 9.16 -12.04
N GLY B 631 31.19 8.01 -12.67
CA GLY B 631 32.30 7.08 -12.31
C GLY B 631 32.02 6.28 -11.05
N LEU B 632 30.76 6.18 -10.62
CA LEU B 632 30.41 5.58 -9.28
C LEU B 632 29.60 4.28 -9.48
N GLU B 633 29.39 3.88 -10.73
CA GLU B 633 28.73 2.59 -11.07
C GLU B 633 29.38 1.50 -10.22
N ASP B 634 28.56 0.61 -9.67
CA ASP B 634 28.99 -0.73 -9.21
C ASP B 634 28.59 -1.73 -10.30
N LYS B 635 29.56 -2.39 -10.96
CA LYS B 635 29.28 -3.25 -12.16
C LYS B 635 28.34 -4.39 -11.72
N ARG B 636 28.40 -4.83 -10.46
CA ARG B 636 27.53 -5.91 -9.91
C ARG B 636 26.07 -5.46 -9.88
N LEU B 637 25.79 -4.16 -9.83
CA LEU B 637 24.40 -3.65 -9.89
C LEU B 637 24.08 -3.09 -11.26
N GLY B 638 25.09 -2.68 -12.04
CA GLY B 638 24.89 -2.07 -13.37
C GLY B 638 24.42 -0.64 -13.26
N SER B 639 24.56 -0.05 -12.07
CA SER B 639 24.13 1.34 -11.79
C SER B 639 24.84 1.88 -10.55
N VAL B 640 24.53 3.13 -10.18
CA VAL B 640 25.05 3.70 -8.90
C VAL B 640 24.07 3.21 -7.84
N PRO B 641 24.54 2.63 -6.72
CA PRO B 641 23.63 2.20 -5.64
C PRO B 641 23.09 3.45 -4.95
N VAL B 642 21.91 3.35 -4.35
CA VAL B 642 21.19 4.49 -3.70
C VAL B 642 21.09 4.18 -2.22
N ASN B 643 20.30 3.17 -1.86
CA ASN B 643 20.24 2.66 -0.47
C ASN B 643 20.62 1.17 -0.42
N PHE B 644 20.95 0.70 0.77
CA PHE B 644 21.26 -0.72 0.98
C PHE B 644 20.69 -1.18 2.30
N LEU B 645 20.59 -2.51 2.43
CA LEU B 645 20.06 -3.24 3.59
C LEU B 645 21.17 -4.04 4.22
N SER B 646 21.07 -4.20 5.53
CA SER B 646 22.01 -5.00 6.30
C SER B 646 21.34 -5.47 7.57
N ASN B 647 21.80 -6.58 8.15
CA ASN B 647 21.24 -7.14 9.39
C ASN B 647 21.98 -6.55 10.60
N LEU B 648 21.98 -5.23 10.73
CA LEU B 648 22.42 -4.55 11.96
C LEU B 648 21.21 -4.30 12.86
N ASP B 649 21.52 -3.89 14.08
CA ASP B 649 20.54 -3.69 15.15
C ASP B 649 20.58 -2.22 15.60
N ILE B 650 19.71 -1.41 15.01
CA ILE B 650 19.67 0.07 15.27
C ILE B 650 18.25 0.47 15.63
N THR B 651 18.11 1.68 16.12
CA THR B 651 16.81 2.26 16.52
C THR B 651 16.97 3.77 16.53
N GLY B 652 15.91 4.47 16.92
CA GLY B 652 15.86 5.93 16.93
C GLY B 652 17.08 6.44 17.69
N GLY B 653 17.76 7.43 17.11
CA GLY B 653 19.04 7.91 17.66
C GLY B 653 20.19 7.48 16.80
N ASN B 654 20.09 6.32 16.15
CA ASN B 654 21.13 5.83 15.21
C ASN B 654 21.11 6.55 13.88
N SER B 655 20.08 7.33 13.55
CA SER B 655 20.04 8.08 12.28
C SER B 655 21.31 8.94 12.24
N GLY B 656 21.94 9.02 11.08
CA GLY B 656 23.20 9.75 10.85
C GLY B 656 24.43 8.96 11.23
N SER B 657 24.28 7.77 11.80
CA SER B 657 25.44 6.95 12.23
C SER B 657 26.22 6.63 10.98
N PRO B 658 27.56 6.70 11.03
CA PRO B 658 28.37 6.23 9.90
C PRO B 658 28.24 4.71 9.82
N VAL B 659 28.13 4.18 8.61
CA VAL B 659 28.25 2.73 8.32
C VAL B 659 29.68 2.50 7.83
N LEU B 660 30.44 1.73 8.57
CA LEU B 660 31.87 1.48 8.25
C LEU B 660 31.99 0.09 7.68
N ASP B 661 32.85 -0.05 6.67
CA ASP B 661 33.22 -1.32 6.00
C ASP B 661 34.27 -2.03 6.85
N ALA B 662 34.85 -3.11 6.31
CA ALA B 662 35.80 -4.00 7.01
C ALA B 662 37.01 -3.18 7.50
N ASN B 663 37.34 -2.11 6.81
CA ASN B 663 38.55 -1.29 7.08
C ASN B 663 38.22 0.02 7.79
N GLY B 664 36.98 0.20 8.26
CA GLY B 664 36.62 1.40 9.04
C GLY B 664 36.42 2.65 8.19
N LYS B 665 36.25 2.49 6.88
CA LYS B 665 35.92 3.56 5.92
C LYS B 665 34.40 3.67 5.82
N LEU B 666 33.92 4.87 5.51
CA LEU B 666 32.50 5.26 5.48
C LEU B 666 31.87 4.73 4.20
N VAL B 667 30.88 3.82 4.28
CA VAL B 667 30.18 3.28 3.09
C VAL B 667 28.75 3.79 3.01
N GLY B 668 28.32 4.49 4.05
CA GLY B 668 27.01 5.12 4.04
C GLY B 668 26.62 5.60 5.43
N LEU B 669 25.39 6.08 5.52
CA LEU B 669 24.81 6.52 6.79
C LEU B 669 23.59 5.64 7.11
N ALA B 670 23.44 5.16 8.34
CA ALA B 670 22.17 4.60 8.82
C ALA B 670 21.09 5.68 8.70
N PHE B 671 19.86 5.35 8.29
CA PHE B 671 18.78 6.36 8.35
C PHE B 671 17.44 5.72 8.73
N ASP B 672 17.22 4.44 8.47
CA ASP B 672 15.85 3.92 8.67
C ASP B 672 15.89 2.43 8.90
N GLY B 673 14.72 1.87 9.10
CA GLY B 673 14.52 0.43 9.11
C GLY B 673 13.34 0.08 8.25
N ASN B 674 13.34 -1.12 7.74
CA ASN B 674 12.22 -1.66 6.95
C ASN B 674 11.01 -1.85 7.86
N TRP B 675 9.84 -2.07 7.25
CA TRP B 675 8.55 -2.04 7.99
C TRP B 675 8.55 -3.04 9.14
N GLU B 676 9.09 -4.22 8.90
CA GLU B 676 9.02 -5.37 9.85
C GLU B 676 10.04 -5.18 10.97
N SER B 677 11.02 -4.27 10.82
CA SER B 677 12.09 -4.08 11.84
C SER B 677 11.58 -3.40 13.11
N VAL B 678 10.56 -2.54 13.04
CA VAL B 678 10.26 -1.55 14.11
C VAL B 678 9.82 -2.24 15.40
N SER B 679 9.18 -3.42 15.31
CA SER B 679 8.69 -4.17 16.50
C SER B 679 9.89 -4.70 17.30
N SER B 680 11.08 -4.69 16.74
CA SER B 680 12.34 -5.13 17.41
C SER B 680 12.70 -4.20 18.57
N ASN B 681 12.08 -3.03 18.67
CA ASN B 681 12.15 -2.20 19.89
C ASN B 681 11.73 -3.03 21.12
N TRP B 682 10.74 -3.91 20.95
CA TRP B 682 10.21 -4.72 22.08
C TRP B 682 10.70 -6.17 22.01
N VAL B 683 10.72 -6.76 20.83
CA VAL B 683 11.12 -8.20 20.65
C VAL B 683 11.90 -8.30 19.36
N PHE B 684 13.18 -8.61 19.47
CA PHE B 684 14.09 -8.60 18.30
C PHE B 684 13.72 -9.76 17.40
N ASP B 685 13.76 -9.53 16.10
CA ASP B 685 13.51 -10.59 15.10
C ASP B 685 14.60 -10.56 14.05
N PRO B 686 15.53 -11.54 14.08
CA PRO B 686 16.69 -11.50 13.20
C PRO B 686 16.31 -11.70 11.74
N VAL B 687 15.15 -12.30 11.47
CA VAL B 687 14.77 -12.74 10.11
C VAL B 687 14.42 -11.50 9.28
N MET B 688 13.64 -10.58 9.85
CA MET B 688 13.10 -9.46 9.06
C MET B 688 13.55 -8.11 9.60
N THR B 689 14.48 -8.05 10.56
CA THR B 689 15.07 -6.76 11.02
C THR B 689 16.26 -6.39 10.15
N ARG B 690 16.11 -5.31 9.38
CA ARG B 690 17.21 -4.70 8.59
C ARG B 690 17.31 -3.21 8.84
N MET B 691 18.57 -2.73 8.81
CA MET B 691 18.92 -1.31 8.69
C MET B 691 18.85 -0.90 7.21
N ILE B 692 18.27 0.26 6.99
CA ILE B 692 18.30 0.91 5.66
C ILE B 692 19.33 2.03 5.74
N ALA B 693 20.24 2.05 4.80
CA ALA B 693 21.34 3.03 4.79
C ALA B 693 21.42 3.66 3.42
N VAL B 694 21.91 4.90 3.37
CA VAL B 694 22.21 5.60 2.10
C VAL B 694 23.67 5.30 1.76
N ASP B 695 23.93 4.91 0.52
CA ASP B 695 25.28 4.50 0.05
C ASP B 695 26.12 5.78 -0.12
N SER B 696 27.38 5.72 0.30
CA SER B 696 28.36 6.84 0.19
C SER B 696 28.56 7.27 -1.27
N ARG B 697 28.35 6.34 -2.19
CA ARG B 697 28.42 6.63 -3.63
C ARG B 697 27.18 7.39 -4.08
N TYR B 698 26.01 7.16 -3.48
CA TYR B 698 24.84 7.98 -3.86
C TYR B 698 25.10 9.39 -3.34
N MET B 699 25.69 9.51 -2.16
CA MET B 699 25.97 10.82 -1.53
C MET B 699 26.90 11.60 -2.49
N GLN B 700 27.98 10.95 -2.90
CA GLN B 700 28.93 11.55 -3.91
C GLN B 700 28.19 11.90 -5.20
N TRP B 701 27.35 10.98 -5.71
CA TRP B 701 26.67 11.13 -7.01
C TRP B 701 25.77 12.39 -7.02
N ILE B 702 25.04 12.62 -5.93
CA ILE B 702 24.12 13.77 -5.79
C ILE B 702 24.95 15.06 -5.79
N MET B 703 26.04 15.07 -5.05
CA MET B 703 26.86 16.30 -4.88
C MET B 703 27.68 16.57 -6.17
N GLN B 704 27.79 15.56 -7.05
CA GLN B 704 28.45 15.66 -8.39
C GLN B 704 27.44 16.02 -9.48
N GLU B 705 26.38 15.23 -9.64
CA GLU B 705 25.53 15.28 -10.86
C GLU B 705 24.24 16.05 -10.64
N VAL B 706 23.83 16.34 -9.40
CA VAL B 706 22.41 16.76 -9.20
C VAL B 706 22.31 18.13 -8.50
N ALA B 707 22.72 18.18 -7.24
CA ALA B 707 22.69 19.37 -6.36
C ALA B 707 24.13 19.61 -5.98
N PRO B 708 24.92 20.23 -6.89
CA PRO B 708 26.38 20.19 -6.80
C PRO B 708 26.91 20.80 -5.50
N ALA B 709 28.03 20.25 -5.02
CA ALA B 709 28.74 20.70 -3.81
C ALA B 709 30.22 20.48 -4.04
N PRO B 710 30.81 21.20 -5.04
CA PRO B 710 32.19 20.94 -5.48
C PRO B 710 33.21 21.23 -4.37
N GLN B 711 32.92 22.22 -3.50
CA GLN B 711 33.75 22.60 -2.33
C GLN B 711 33.82 21.41 -1.36
N LEU B 712 32.72 20.69 -1.16
CA LEU B 712 32.69 19.55 -0.19
C LEU B 712 33.41 18.35 -0.79
N LEU B 713 33.15 18.08 -2.07
CA LEU B 713 33.81 16.98 -2.81
C LEU B 713 35.32 17.13 -2.70
N LYS B 714 35.88 18.34 -2.81
CA LYS B 714 37.32 18.59 -2.55
C LYS B 714 37.66 18.38 -1.08
N GLU B 715 36.92 19.01 -0.15
CA GLU B 715 37.19 18.82 1.31
C GLU B 715 37.19 17.34 1.65
N LEU B 716 36.34 16.52 1.00
CA LEU B 716 36.23 15.05 1.28
C LEU B 716 37.28 14.25 0.51
N ASN B 717 38.04 14.86 -0.41
CA ASN B 717 39.06 14.16 -1.25
C ASN B 717 38.38 13.22 -2.23
N LEU B 718 37.26 13.64 -2.82
CA LEU B 718 36.51 12.84 -3.83
C LEU B 718 36.60 13.50 -5.20
N ALA B 719 36.92 14.79 -5.26
CA ALA B 719 37.34 15.52 -6.48
C ALA B 719 38.83 15.86 -6.31
N TYR C . -8.95 -9.06 -10.77
CA TYR C . -9.65 -10.32 -11.23
C TYR C . -9.90 -10.24 -12.73
O TYR C . -10.46 -9.27 -13.20
CB TYR C . -10.96 -10.56 -10.48
CG TYR C . -10.68 -10.94 -9.06
CD1 TYR C . -9.99 -12.12 -8.82
CD2 TYR C . -11.01 -10.14 -7.98
CE1 TYR C . -9.65 -12.50 -7.54
CE2 TYR C . -10.67 -10.53 -6.69
CZ TYR C . -9.99 -11.71 -6.48
OH TYR C . -9.57 -12.18 -5.26
N TYR D . -9.51 -11.25 -13.48
CA TYR D . -9.81 -11.26 -14.93
C TYR D . -11.14 -11.98 -15.21
O TYR D . -12.05 -11.99 -14.40
CB TYR D . -8.66 -11.91 -15.67
CG TYR D . -7.45 -11.03 -15.87
CD1 TYR D . -7.55 -9.72 -16.31
CD2 TYR D . -6.18 -11.53 -15.59
CE1 TYR D . -6.41 -8.97 -16.57
CE2 TYR D . -5.05 -10.78 -15.79
CZ TYR D . -5.16 -9.51 -16.29
OH TYR D . -3.99 -8.85 -16.43
OXT TYR D . -11.32 -12.58 -16.31
C1 GOL E . -19.75 -17.81 -26.37
O1 GOL E . -20.27 -17.65 -27.68
C2 GOL E . -18.90 -16.62 -26.06
O2 GOL E . -19.50 -15.90 -25.00
C3 GOL E . -17.43 -16.97 -25.84
O3 GOL E . -16.68 -15.92 -25.23
C1 GOL F . 9.73 -30.03 -13.33
O1 GOL F . 9.25 -29.14 -12.33
C2 GOL F . 9.23 -31.46 -13.22
O2 GOL F . 7.96 -31.62 -12.57
C3 GOL F . 9.27 -32.18 -14.57
O3 GOL F . 8.09 -32.95 -14.83
C1 GOL G . -14.97 -9.91 -9.84
O1 GOL G . -14.01 -9.24 -10.63
C2 GOL G . -16.33 -9.89 -10.50
O2 GOL G . -16.33 -10.63 -11.73
C3 GOL G . -17.40 -10.46 -9.59
O3 GOL G . -16.98 -11.63 -8.89
C1 GOL H . -31.62 -21.25 -29.45
O1 GOL H . -31.14 -22.31 -28.63
C2 GOL H . -30.55 -20.84 -30.42
O2 GOL H . -31.06 -19.78 -31.22
C3 GOL H . -29.26 -20.43 -29.75
O3 GOL H . -29.41 -20.19 -28.36
N TYR I . 11.92 6.66 9.99
CA TYR I . 13.21 7.35 10.16
C TYR I . 13.71 7.11 11.56
O TYR I . 12.90 7.28 12.49
CB TYR I . 13.08 8.87 9.93
CG TYR I . 12.86 9.17 8.48
CD1 TYR I . 13.88 8.93 7.57
CD2 TYR I . 11.64 9.64 7.99
CE1 TYR I . 13.71 9.16 6.22
CE2 TYR I . 11.45 9.87 6.63
CZ TYR I . 12.48 9.62 5.74
OH TYR I . 12.36 9.82 4.40
N TYR J . 14.99 6.76 11.70
CA TYR J . 15.60 6.59 13.04
C TYR J . 16.21 7.92 13.55
O TYR J . 15.79 9.06 13.18
CB TYR J . 16.58 5.42 12.97
CG TYR J . 15.96 4.05 13.02
CD1 TYR J . 14.90 3.74 13.87
CD2 TYR J . 16.49 3.00 12.25
CE1 TYR J . 14.36 2.45 13.94
CE2 TYR J . 15.96 1.72 12.31
CZ TYR J . 14.90 1.45 13.15
OH TYR J . 14.40 0.18 13.23
OXT TYR J . 17.16 7.80 14.40
C1 GOL K . 12.09 15.62 12.61
O1 GOL K . 11.65 16.92 12.23
C2 GOL K . 11.95 14.64 11.48
O2 GOL K . 12.80 15.06 10.41
C3 GOL K . 12.27 13.21 11.88
O3 GOL K . 11.65 12.31 10.96
C1 GOL L . 24.18 -6.67 29.44
O1 GOL L . 25.11 -5.61 29.25
C2 GOL L . 23.24 -6.43 30.61
O2 GOL L . 21.89 -6.39 30.16
C3 GOL L . 23.43 -7.46 31.71
O3 GOL L . 22.70 -7.12 32.90
#